data_5JWI
#
_entry.id   5JWI
#
_cell.length_a   111.441
_cell.length_b   112.534
_cell.length_c   148.260
_cell.angle_alpha   90.000
_cell.angle_beta   90.000
_cell.angle_gamma   90.000
#
_symmetry.space_group_name_H-M   'P 21 21 21'
#
loop_
_entity.id
_entity.type
_entity.pdbx_description
1 polymer 'Asp/Glu-specific dipeptidyl-peptidase'
2 non-polymer ARGININE
3 non-polymer 'GLUTAMIC ACID'
4 non-polymer 'CHLORIDE ION'
5 water water
#
_entity_poly.entity_id   1
_entity_poly.type   'polypeptide(L)'
_entity_poly.pdbx_seq_one_letter_code
;MDGGMWLMQQINGQVARMKSLGMQLEAADIYNPNGSSLKDAVVMFDGGCTGVLVSNQGLLLTNHHCGYDQIQKHSSVQHN
YLKDGFWSYSLAEELVNPGLEVEIVDEITDVTAAVKKELERIKKPSGLEFLSPRYLSSLAPEIVGKKAASRPGYRYEIKA
FYGGNRYYMFTKKVFRDVRLVAAPPSSIGKFGSDTDNWAWPRHTGDFSIFRLYADKNGNPAEYSKDNVPYRPKRWVKVNA
QGVKEGDFALIMGYPGTTYKFFTADEVTEWSEIDNNIRIEMRGILQDVMLREMLADPKINIMYAAKYASSQNGYKRAQGA
NWAIRRRSLREIKLAQQQEVLAWAKQKGIATTEEAVRAISKAIEGRQDLRMRQRYLLEGILMGIEMSNAPAADSDIADHW
DDPARREAGLQSIRKQFEAFFNKDYSPEVEKDQLAIALLTRYAERIPAEKQPISIREGIAEYGSAKAYVEMIFDKSIYAS
RERFEEFMKNPDRDRLLRDPMSRFAASVAYEHQKLAKEVAAFDAPLAAAQRSYVASVLDMKGQPNLAPDANLTLRFTYGE
IKGYQPRDVVTYGAKSTLEGVMEKEDPNNWEYVVDPKLKALYEAKNYGRYANSDGSMPVNFCATTHTTGGNAGSPVMNAR
GELIGLNFDRNWEGVGGDIEYLPNYQRSIILDIRYLLFIIDKFAGCQRLIDEIQPQFHHHHHH
;
_entity_poly.pdbx_strand_id   A,B
#
# COMPACT_ATOMS: atom_id res chain seq x y z
N MET A 1 4.73 -15.60 24.41
CA MET A 1 5.28 -15.49 23.05
C MET A 1 6.75 -15.92 22.98
N ASP A 2 6.96 -17.23 23.01
CA ASP A 2 8.24 -17.80 22.67
C ASP A 2 8.08 -18.61 21.38
N GLY A 3 9.13 -18.75 20.60
CA GLY A 3 8.95 -19.51 19.37
C GLY A 3 8.79 -20.99 19.66
N GLY A 4 8.91 -21.79 18.62
CA GLY A 4 9.06 -23.21 18.81
C GLY A 4 7.84 -23.95 18.37
N MET A 5 8.06 -24.87 17.45
CA MET A 5 7.04 -25.79 17.00
C MET A 5 7.38 -27.13 17.63
N TRP A 6 6.81 -27.31 18.81
CA TRP A 6 7.17 -28.40 19.70
C TRP A 6 6.65 -29.76 19.22
N LEU A 7 7.50 -30.79 19.36
CA LEU A 7 7.10 -32.17 19.15
C LEU A 7 6.01 -32.49 20.16
N MET A 8 5.15 -33.46 19.83
CA MET A 8 4.17 -33.90 20.79
C MET A 8 4.88 -34.39 22.07
N GLN A 9 6.00 -35.10 21.93
CA GLN A 9 6.75 -35.63 23.08
C GLN A 9 7.35 -34.54 23.96
N GLN A 10 7.47 -33.36 23.41
CA GLN A 10 7.94 -32.22 24.18
C GLN A 10 6.89 -31.55 25.07
N ILE A 11 5.67 -32.09 25.09
CA ILE A 11 4.60 -31.47 25.86
C ILE A 11 4.97 -31.43 27.34
N ASN A 12 5.65 -32.46 27.83
CA ASN A 12 6.05 -32.48 29.25
C ASN A 12 6.97 -31.31 29.60
N GLY A 13 7.87 -30.97 28.67
CA GLY A 13 8.74 -29.83 28.86
C GLY A 13 8.03 -28.48 28.92
N GLN A 14 6.91 -28.34 28.20
CA GLN A 14 6.26 -27.03 28.05
C GLN A 14 5.06 -26.81 28.97
N VAL A 15 4.49 -27.87 29.51
CA VAL A 15 3.19 -27.75 30.17
C VAL A 15 3.21 -26.74 31.33
N ALA A 16 4.26 -26.75 32.14
CA ALA A 16 4.41 -25.82 33.25
C ALA A 16 4.30 -24.39 32.76
N ARG A 17 4.99 -24.08 31.67
CA ARG A 17 4.96 -22.74 31.14
C ARG A 17 3.60 -22.40 30.54
N MET A 18 2.99 -23.37 29.87
CA MET A 18 1.67 -23.17 29.28
C MET A 18 0.64 -22.86 30.36
N LYS A 19 0.76 -23.54 31.50
CA LYS A 19 -0.13 -23.30 32.63
C LYS A 19 0.08 -21.90 33.22
N SER A 20 1.34 -21.48 33.30
CA SER A 20 1.65 -20.14 33.80
C SER A 20 1.03 -19.06 32.90
N LEU A 21 0.83 -19.39 31.62
CA LEU A 21 0.12 -18.48 30.71
C LEU A 21 -1.40 -18.71 30.74
N GLY A 22 -1.87 -19.54 31.67
CA GLY A 22 -3.29 -19.72 31.85
C GLY A 22 -3.92 -21.02 31.35
N MET A 23 -3.15 -21.93 30.77
CA MET A 23 -3.72 -23.19 30.29
C MET A 23 -4.28 -24.02 31.45
N GLN A 24 -5.42 -24.65 31.24
CA GLN A 24 -6.05 -25.51 32.23
C GLN A 24 -6.23 -26.89 31.60
N LEU A 25 -5.16 -27.39 31.01
CA LEU A 25 -5.12 -28.73 30.49
C LEU A 25 -3.92 -29.42 31.10
N GLU A 26 -3.99 -30.73 31.23
CA GLU A 26 -2.83 -31.50 31.58
C GLU A 26 -2.15 -31.94 30.28
N ALA A 27 -0.87 -32.30 30.38
CA ALA A 27 -0.10 -32.77 29.23
C ALA A 27 -0.84 -33.86 28.47
N ALA A 28 -1.35 -34.84 29.22
CA ALA A 28 -1.98 -36.04 28.65
C ALA A 28 -3.28 -35.70 27.90
N ASP A 29 -3.92 -34.59 28.24
CA ASP A 29 -5.06 -34.10 27.46
C ASP A 29 -4.65 -33.67 26.06
N ILE A 30 -3.41 -33.21 25.91
CA ILE A 30 -2.99 -32.71 24.61
C ILE A 30 -2.38 -33.81 23.75
N TYR A 31 -1.48 -34.58 24.34
CA TYR A 31 -0.85 -35.71 23.67
C TYR A 31 -0.75 -36.86 24.65
N ASN A 32 -1.38 -37.98 24.31
CA ASN A 32 -1.41 -39.14 25.18
C ASN A 32 -1.05 -40.40 24.40
N PRO A 33 0.18 -40.90 24.59
CA PRO A 33 0.61 -42.14 23.93
C PRO A 33 -0.04 -43.39 24.54
N ASN A 34 -0.75 -43.24 25.64
CA ASN A 34 -1.37 -44.41 26.29
C ASN A 34 -2.87 -44.36 26.27
N GLY A 35 -3.45 -43.51 25.43
CA GLY A 35 -4.89 -43.38 25.33
C GLY A 35 -5.27 -42.23 24.41
N SER A 36 -6.47 -41.70 24.58
CA SER A 36 -6.96 -40.64 23.70
C SER A 36 -6.50 -39.26 24.16
N SER A 37 -6.36 -38.35 23.21
CA SER A 37 -5.98 -36.97 23.49
C SER A 37 -6.44 -36.07 22.34
N LEU A 38 -6.25 -34.76 22.48
CA LEU A 38 -6.65 -33.84 21.40
C LEU A 38 -5.95 -34.15 20.08
N LYS A 39 -4.76 -34.75 20.16
CA LYS A 39 -4.02 -35.18 18.96
C LYS A 39 -4.91 -35.97 17.99
N ASP A 40 -5.77 -36.81 18.54
CA ASP A 40 -6.59 -37.69 17.72
C ASP A 40 -7.57 -36.95 16.84
N ALA A 41 -7.85 -35.69 17.17
CA ALA A 41 -8.80 -34.92 16.39
C ALA A 41 -8.10 -33.97 15.42
N VAL A 42 -6.77 -33.94 15.47
CA VAL A 42 -6.01 -32.99 14.66
C VAL A 42 -5.44 -33.65 13.39
N VAL A 43 -6.00 -33.25 12.27
CA VAL A 43 -5.93 -34.01 11.04
C VAL A 43 -4.98 -33.38 9.99
N MET A 44 -4.25 -34.21 9.23
CA MET A 44 -3.50 -33.67 8.08
C MET A 44 -4.37 -33.72 6.84
N PHE A 45 -4.55 -32.56 6.22
CA PHE A 45 -5.50 -32.42 5.12
C PHE A 45 -4.80 -32.27 3.76
N ASP A 46 -5.10 -33.17 2.84
CA ASP A 46 -4.59 -33.08 1.47
C ASP A 46 -3.07 -32.96 1.41
N GLY A 47 -2.39 -33.56 2.40
CA GLY A 47 -0.94 -33.62 2.36
C GLY A 47 -0.21 -32.37 2.81
N GLY A 48 -0.81 -31.19 2.64
CA GLY A 48 -0.15 -29.96 3.01
C GLY A 48 -0.87 -28.99 3.94
N CYS A 49 -2.05 -29.38 4.44
CA CYS A 49 -2.83 -28.53 5.34
C CYS A 49 -3.13 -29.22 6.66
N THR A 50 -3.76 -28.49 7.55
CA THR A 50 -4.29 -29.08 8.75
C THR A 50 -5.82 -28.99 8.66
N GLY A 51 -6.50 -29.86 9.41
CA GLY A 51 -7.93 -29.75 9.64
C GLY A 51 -8.24 -30.18 11.07
N VAL A 52 -9.47 -30.00 11.52
CA VAL A 52 -9.84 -30.45 12.87
C VAL A 52 -11.22 -31.12 12.84
N LEU A 53 -11.36 -32.23 13.56
CA LEU A 53 -12.63 -32.95 13.65
C LEU A 53 -13.47 -32.33 14.75
N VAL A 54 -14.73 -32.06 14.46
CA VAL A 54 -15.55 -31.29 15.39
C VAL A 54 -16.90 -31.93 15.66
N SER A 55 -17.08 -33.17 15.20
CA SER A 55 -18.31 -33.88 15.56
C SER A 55 -18.11 -35.39 15.61
N ASN A 56 -19.09 -36.07 16.20
CA ASN A 56 -19.03 -37.52 16.28
C ASN A 56 -19.47 -38.19 14.97
N GLN A 57 -19.78 -37.39 13.96
CA GLN A 57 -20.04 -37.92 12.62
C GLN A 57 -18.95 -37.50 11.62
N GLY A 58 -17.77 -37.18 12.12
CA GLY A 58 -16.61 -36.99 11.27
C GLY A 58 -16.52 -35.68 10.54
N LEU A 59 -17.23 -34.66 11.03
CA LEU A 59 -17.19 -33.36 10.39
C LEU A 59 -15.82 -32.71 10.56
N LEU A 60 -15.32 -32.10 9.48
CA LEU A 60 -13.95 -31.61 9.42
C LEU A 60 -13.91 -30.15 8.98
N LEU A 61 -13.37 -29.29 9.85
CA LEU A 61 -13.10 -27.89 9.51
C LEU A 61 -11.66 -27.72 9.05
N THR A 62 -11.49 -26.94 7.98
CA THR A 62 -10.17 -26.51 7.53
C THR A 62 -10.35 -25.13 6.88
N ASN A 63 -9.35 -24.60 6.19
CA ASN A 63 -9.53 -23.28 5.55
C ASN A 63 -10.21 -23.37 4.18
N HIS A 64 -10.76 -22.24 3.74
CA HIS A 64 -11.27 -22.10 2.37
C HIS A 64 -10.15 -22.43 1.41
N HIS A 65 -8.97 -21.87 1.66
CA HIS A 65 -7.90 -22.00 0.70
C HIS A 65 -7.28 -23.40 0.78
N CYS A 66 -7.55 -24.12 1.87
CA CYS A 66 -7.17 -25.54 1.92
C CYS A 66 -8.12 -26.41 1.13
N GLY A 67 -9.41 -26.09 1.19
CA GLY A 67 -10.39 -26.84 0.42
C GLY A 67 -10.48 -26.34 -1.02
N TYR A 68 -9.68 -25.33 -1.33
CA TYR A 68 -9.81 -24.59 -2.59
C TYR A 68 -9.68 -25.50 -3.80
N ASP A 69 -8.76 -26.45 -3.74
CA ASP A 69 -8.56 -27.40 -4.83
C ASP A 69 -9.83 -28.15 -5.17
N GLN A 70 -10.51 -28.65 -4.14
CA GLN A 70 -11.72 -29.45 -4.33
C GLN A 70 -12.89 -28.59 -4.78
N ILE A 71 -12.97 -27.37 -4.27
CA ILE A 71 -14.01 -26.44 -4.67
C ILE A 71 -13.83 -26.10 -6.15
N GLN A 72 -12.60 -25.85 -6.55
CA GLN A 72 -12.28 -25.52 -7.93
C GLN A 72 -12.63 -26.68 -8.85
N LYS A 73 -12.28 -27.90 -8.45
CA LYS A 73 -12.55 -29.07 -9.28
C LYS A 73 -14.04 -29.32 -9.46
N HIS A 74 -14.84 -28.98 -8.46
CA HIS A 74 -16.27 -29.18 -8.57
C HIS A 74 -16.98 -28.00 -9.25
N SER A 75 -16.24 -26.92 -9.53
CA SER A 75 -16.86 -25.72 -10.08
C SER A 75 -16.90 -25.72 -11.60
N SER A 76 -17.99 -25.16 -12.13
CA SER A 76 -18.15 -24.86 -13.55
C SER A 76 -18.82 -23.48 -13.65
N VAL A 77 -18.85 -22.89 -14.85
CA VAL A 77 -19.58 -21.64 -15.04
C VAL A 77 -21.06 -21.81 -14.60
N GLN A 78 -21.66 -22.96 -14.92
CA GLN A 78 -23.04 -23.24 -14.53
C GLN A 78 -23.19 -23.36 -13.01
N HIS A 79 -22.30 -24.13 -12.39
CA HIS A 79 -22.32 -24.30 -10.95
C HIS A 79 -21.00 -23.80 -10.38
N ASN A 80 -20.96 -22.49 -10.14
CA ASN A 80 -19.73 -21.81 -9.79
C ASN A 80 -19.53 -21.72 -8.27
N TYR A 81 -19.06 -22.82 -7.69
CA TYR A 81 -18.90 -22.94 -6.25
C TYR A 81 -17.81 -22.02 -5.75
N LEU A 82 -16.79 -21.79 -6.57
CA LEU A 82 -15.78 -20.80 -6.24
C LEU A 82 -16.43 -19.46 -5.94
N LYS A 83 -17.29 -19.02 -6.85
CA LYS A 83 -17.84 -17.69 -6.76
C LYS A 83 -18.99 -17.63 -5.77
N ASP A 84 -19.85 -18.64 -5.76
CA ASP A 84 -21.11 -18.55 -5.01
C ASP A 84 -21.13 -19.38 -3.74
N GLY A 85 -20.04 -20.10 -3.47
CA GLY A 85 -19.99 -21.04 -2.37
C GLY A 85 -20.79 -22.32 -2.67
N PHE A 86 -20.82 -23.22 -1.69
CA PHE A 86 -21.50 -24.51 -1.80
C PHE A 86 -22.03 -24.93 -0.44
N TRP A 87 -23.25 -25.46 -0.40
CA TRP A 87 -23.86 -25.83 0.86
C TRP A 87 -24.70 -27.11 0.68
N SER A 88 -24.38 -28.14 1.46
CA SER A 88 -25.12 -29.39 1.36
C SER A 88 -26.08 -29.54 2.54
N TYR A 89 -27.29 -29.99 2.26
CA TYR A 89 -28.33 -30.06 3.27
C TYR A 89 -28.65 -31.49 3.70
N SER A 90 -27.89 -32.45 3.18
CA SER A 90 -27.99 -33.83 3.62
C SER A 90 -26.68 -34.56 3.34
N LEU A 91 -26.51 -35.74 3.92
CA LEU A 91 -25.31 -36.55 3.66
C LEU A 91 -25.13 -36.83 2.19
N ALA A 92 -26.23 -37.16 1.52
CA ALA A 92 -26.21 -37.52 0.10
C ALA A 92 -25.78 -36.36 -0.80
N GLU A 93 -25.89 -35.12 -0.31
CA GLU A 93 -25.48 -33.96 -1.11
C GLU A 93 -24.02 -33.60 -0.97
N GLU A 94 -23.34 -34.23 -0.02
CA GLU A 94 -21.92 -33.97 0.20
C GLU A 94 -21.11 -34.51 -0.98
N LEU A 95 -20.20 -33.69 -1.50
CA LEU A 95 -19.52 -33.99 -2.77
C LEU A 95 -18.29 -34.90 -2.64
N VAL A 96 -18.21 -35.89 -3.52
CA VAL A 96 -17.10 -36.87 -3.55
C VAL A 96 -15.81 -36.25 -4.10
N ASN A 97 -14.68 -36.54 -3.46
CA ASN A 97 -13.39 -36.00 -3.88
C ASN A 97 -12.31 -37.07 -4.11
N PRO A 98 -12.23 -37.59 -5.35
CA PRO A 98 -11.23 -38.64 -5.66
C PRO A 98 -9.80 -38.15 -5.44
N GLY A 99 -8.99 -38.97 -4.79
CA GLY A 99 -7.61 -38.63 -4.51
C GLY A 99 -7.39 -37.78 -3.27
N LEU A 100 -8.45 -37.16 -2.74
CA LEU A 100 -8.26 -36.38 -1.52
C LEU A 100 -8.05 -37.32 -0.34
N GLU A 101 -6.94 -37.13 0.38
CA GLU A 101 -6.64 -37.97 1.53
C GLU A 101 -6.53 -37.14 2.79
N VAL A 102 -6.98 -37.72 3.89
CA VAL A 102 -6.81 -37.11 5.19
C VAL A 102 -6.14 -38.12 6.12
N GLU A 103 -5.18 -37.66 6.93
CA GLU A 103 -4.46 -38.57 7.79
C GLU A 103 -4.56 -38.19 9.26
N ILE A 104 -4.65 -39.23 10.10
CA ILE A 104 -4.72 -39.08 11.54
C ILE A 104 -3.54 -39.80 12.17
N VAL A 105 -2.86 -39.14 13.12
CA VAL A 105 -1.74 -39.76 13.79
C VAL A 105 -2.23 -40.74 14.86
N ASP A 106 -1.96 -42.02 14.65
CA ASP A 106 -2.29 -43.03 15.63
C ASP A 106 -1.17 -43.28 16.64
N GLU A 107 0.08 -43.15 16.20
CA GLU A 107 1.21 -43.45 17.07
C GLU A 107 2.43 -42.69 16.60
N ILE A 108 3.25 -42.30 17.57
CA ILE A 108 4.54 -41.67 17.29
C ILE A 108 5.61 -42.49 17.98
N THR A 109 6.66 -42.82 17.24
CA THR A 109 7.70 -43.71 17.76
C THR A 109 9.08 -43.22 17.32
N ASP A 110 9.99 -43.07 18.28
CA ASP A 110 11.38 -42.78 17.97
C ASP A 110 12.02 -43.98 17.27
N VAL A 111 12.44 -43.81 16.01
CA VAL A 111 13.13 -44.90 15.31
C VAL A 111 14.56 -44.47 14.90
N THR A 112 15.18 -43.59 15.68
CA THR A 112 16.51 -43.08 15.38
C THR A 112 17.54 -44.20 15.24
N ALA A 113 17.64 -45.09 16.23
CA ALA A 113 18.65 -46.15 16.18
C ALA A 113 18.42 -47.10 15.00
N ALA A 114 17.16 -47.43 14.70
CA ALA A 114 16.91 -48.38 13.62
C ALA A 114 17.17 -47.74 12.24
N VAL A 115 16.86 -46.46 12.06
CA VAL A 115 17.20 -45.80 10.79
C VAL A 115 18.73 -45.69 10.61
N LYS A 116 19.43 -45.23 11.64
CA LYS A 116 20.89 -45.14 11.58
C LYS A 116 21.53 -46.51 11.30
N LYS A 117 20.99 -47.56 11.91
CA LYS A 117 21.45 -48.91 11.59
C LYS A 117 21.34 -49.21 10.08
N GLU A 118 20.22 -48.84 9.50
CA GLU A 118 19.95 -49.15 8.10
C GLU A 118 20.83 -48.31 7.16
N LEU A 119 21.14 -47.08 7.59
CA LEU A 119 21.97 -46.18 6.80
C LEU A 119 23.42 -46.66 6.76
N GLU A 120 23.84 -47.32 7.83
CA GLU A 120 25.23 -47.72 7.92
C GLU A 120 25.50 -48.92 7.02
N ARG A 121 24.43 -49.58 6.57
CA ARG A 121 24.53 -50.71 5.65
C ARG A 121 24.91 -50.28 4.25
N ILE A 122 24.79 -48.99 3.96
CA ILE A 122 25.01 -48.48 2.60
C ILE A 122 26.50 -48.37 2.25
N LYS A 123 27.00 -49.32 1.49
CA LYS A 123 28.37 -49.20 0.97
C LYS A 123 28.39 -48.06 -0.05
N LYS A 124 29.24 -47.07 0.19
CA LYS A 124 29.39 -45.94 -0.72
C LYS A 124 28.05 -45.20 -0.98
N PRO A 125 27.61 -44.37 -0.01
CA PRO A 125 26.35 -43.64 -0.15
C PRO A 125 26.48 -42.34 -0.96
N SER A 126 25.37 -41.87 -1.50
CA SER A 126 25.34 -40.57 -2.16
C SER A 126 25.55 -39.44 -1.15
N GLY A 127 25.04 -39.65 0.06
CA GLY A 127 25.06 -38.62 1.08
C GLY A 127 23.75 -37.88 1.15
N LEU A 128 22.79 -38.31 0.33
CA LEU A 128 21.48 -37.66 0.28
C LEU A 128 20.37 -38.52 0.89
N GLU A 129 20.65 -39.78 1.16
CA GLU A 129 19.59 -40.68 1.60
C GLU A 129 19.11 -40.40 3.02
N PHE A 130 19.98 -39.91 3.91
CA PHE A 130 19.56 -39.79 5.30
C PHE A 130 18.56 -38.65 5.50
N LEU A 131 18.33 -37.84 4.45
CA LEU A 131 17.22 -36.89 4.47
C LEU A 131 16.19 -37.18 3.36
N SER A 132 16.43 -38.25 2.58
CA SER A 132 15.58 -38.56 1.44
C SER A 132 14.30 -39.28 1.86
N PRO A 133 13.14 -38.64 1.63
CA PRO A 133 11.84 -39.24 1.98
C PRO A 133 11.60 -40.54 1.22
N ARG A 134 12.10 -40.62 0.00
CA ARG A 134 12.02 -41.86 -0.77
C ARG A 134 12.78 -42.98 -0.07
N TYR A 135 13.98 -42.66 0.42
CA TYR A 135 14.77 -43.64 1.13
C TYR A 135 14.16 -43.96 2.50
N LEU A 136 13.78 -42.93 3.26
CA LEU A 136 13.35 -43.15 4.63
C LEU A 136 12.06 -43.96 4.71
N SER A 137 11.19 -43.78 3.72
CA SER A 137 9.93 -44.52 3.65
C SER A 137 10.20 -45.98 3.35
N SER A 138 11.18 -46.22 2.48
CA SER A 138 11.54 -47.57 2.11
C SER A 138 12.05 -48.38 3.30
N LEU A 139 12.31 -47.72 4.42
CA LEU A 139 12.80 -48.42 5.60
C LEU A 139 11.67 -48.92 6.49
N ALA A 140 10.51 -48.31 6.35
CA ALA A 140 9.37 -48.62 7.22
C ALA A 140 8.96 -50.10 7.24
N PRO A 141 8.90 -50.76 6.07
CA PRO A 141 8.46 -52.16 6.11
C PRO A 141 9.35 -53.08 6.95
N GLU A 142 10.65 -52.84 6.99
CA GLU A 142 11.51 -53.59 7.92
C GLU A 142 11.17 -53.26 9.37
N ILE A 143 11.07 -51.97 9.68
CA ILE A 143 10.84 -51.52 11.07
C ILE A 143 9.57 -52.11 11.67
N VAL A 144 8.45 -52.02 10.94
CA VAL A 144 7.15 -52.41 11.47
C VAL A 144 6.75 -53.85 11.07
N GLY A 145 7.51 -54.45 10.17
CA GLY A 145 7.23 -55.79 9.69
C GLY A 145 6.25 -55.81 8.53
N LYS A 146 6.34 -56.84 7.68
CA LYS A 146 5.52 -56.99 6.47
C LYS A 146 4.00 -56.92 6.72
N LYS A 147 3.50 -57.75 7.63
CA LYS A 147 2.13 -57.60 8.12
C LYS A 147 2.06 -56.22 8.78
N ALA A 148 0.88 -55.61 8.76
CA ALA A 148 0.68 -54.27 9.33
C ALA A 148 1.29 -53.19 8.44
N ALA A 149 2.37 -53.49 7.74
CA ALA A 149 2.86 -52.58 6.71
C ALA A 149 2.03 -52.75 5.44
N SER A 150 1.33 -53.87 5.35
CA SER A 150 0.41 -54.14 4.24
C SER A 150 -1.04 -53.92 4.67
N ARG A 151 -1.22 -53.40 5.88
CA ARG A 151 -2.53 -52.99 6.39
C ARG A 151 -3.12 -51.89 5.49
N PRO A 152 -4.30 -52.13 4.90
CA PRO A 152 -4.87 -51.28 3.85
C PRO A 152 -4.97 -49.77 4.15
N GLY A 153 -5.53 -49.40 5.30
CA GLY A 153 -5.75 -47.99 5.57
C GLY A 153 -4.70 -47.32 6.43
N TYR A 154 -3.48 -47.84 6.43
CA TYR A 154 -2.41 -47.27 7.24
C TYR A 154 -1.19 -46.88 6.41
N ARG A 155 -0.43 -45.93 6.94
CA ARG A 155 0.80 -45.47 6.31
CA ARG A 155 0.79 -45.44 6.31
C ARG A 155 1.83 -45.22 7.40
N TYR A 156 3.06 -45.60 7.15
CA TYR A 156 4.11 -45.46 8.16
C TYR A 156 5.15 -44.48 7.68
N GLU A 157 5.12 -43.29 8.27
CA GLU A 157 5.88 -42.15 7.80
C GLU A 157 7.14 -41.96 8.63
N ILE A 158 8.31 -42.03 8.00
CA ILE A 158 9.52 -41.78 8.74
C ILE A 158 10.12 -40.45 8.27
N LYS A 159 10.43 -39.56 9.21
CA LYS A 159 11.03 -38.29 8.86
C LYS A 159 12.28 -37.98 9.66
N ALA A 160 13.16 -37.19 9.07
CA ALA A 160 14.35 -36.73 9.73
C ALA A 160 14.05 -35.48 10.55
N PHE A 161 14.61 -35.41 11.75
CA PHE A 161 14.48 -34.23 12.59
C PHE A 161 15.87 -33.73 12.98
N TYR A 162 15.99 -32.46 13.34
CA TYR A 162 17.28 -31.90 13.78
C TYR A 162 18.39 -32.17 12.75
N GLY A 163 18.08 -31.98 11.48
CA GLY A 163 19.09 -32.11 10.43
C GLY A 163 19.53 -33.55 10.24
N GLY A 164 18.73 -34.50 10.70
CA GLY A 164 19.05 -35.91 10.58
C GLY A 164 19.67 -36.51 11.82
N ASN A 165 19.58 -35.81 12.94
CA ASN A 165 20.10 -36.35 14.19
C ASN A 165 19.09 -37.18 14.98
N ARG A 166 17.80 -37.01 14.67
CA ARG A 166 16.76 -37.91 15.17
C ARG A 166 15.86 -38.31 14.04
N TYR A 167 15.22 -39.47 14.19
CA TYR A 167 14.18 -39.93 13.28
C TYR A 167 12.97 -40.39 14.07
N TYR A 168 11.78 -39.89 13.72
CA TYR A 168 10.53 -40.38 14.33
C TYR A 168 9.61 -40.96 13.26
N MET A 169 8.92 -42.02 13.65
CA MET A 169 7.92 -42.66 12.80
C MET A 169 6.50 -42.32 13.26
N PHE A 170 5.67 -41.91 12.29
CA PHE A 170 4.28 -41.55 12.55
C PHE A 170 3.37 -42.58 11.89
N THR A 171 2.66 -43.36 12.69
CA THR A 171 1.69 -44.30 12.17
C THR A 171 0.43 -43.55 11.86
N LYS A 172 0.07 -43.52 10.58
CA LYS A 172 -1.07 -42.76 10.11
C LYS A 172 -2.24 -43.64 9.72
N LYS A 173 -3.43 -43.25 10.16
CA LYS A 173 -4.66 -43.77 9.57
C LYS A 173 -5.00 -42.88 8.38
N VAL A 174 -5.24 -43.50 7.24
CA VAL A 174 -5.42 -42.76 5.99
C VAL A 174 -6.85 -42.89 5.49
N PHE A 175 -7.52 -41.75 5.38
CA PHE A 175 -8.91 -41.73 4.94
C PHE A 175 -8.93 -41.32 3.48
N ARG A 176 -9.57 -42.11 2.65
CA ARG A 176 -9.58 -41.85 1.22
C ARG A 176 -11.00 -41.64 0.68
N ASP A 177 -11.93 -41.34 1.59
CA ASP A 177 -13.28 -40.90 1.22
C ASP A 177 -13.60 -39.70 2.09
N VAL A 178 -13.24 -38.52 1.59
CA VAL A 178 -13.37 -37.27 2.30
C VAL A 178 -14.27 -36.39 1.45
N ARG A 179 -15.47 -36.06 1.93
CA ARG A 179 -16.38 -35.37 1.04
C ARG A 179 -16.53 -33.89 1.37
N LEU A 180 -16.79 -33.08 0.35
CA LEU A 180 -17.00 -31.63 0.53
C LEU A 180 -18.41 -31.34 1.08
N VAL A 181 -18.48 -30.65 2.22
CA VAL A 181 -19.76 -30.37 2.87
C VAL A 181 -20.23 -28.92 2.66
N ALA A 182 -19.31 -27.97 2.80
CA ALA A 182 -19.66 -26.56 2.64
C ALA A 182 -18.44 -25.67 2.39
N ALA A 183 -18.67 -24.58 1.66
CA ALA A 183 -17.69 -23.51 1.54
C ALA A 183 -18.41 -22.19 1.33
N PRO A 184 -17.90 -21.11 1.93
CA PRO A 184 -18.47 -19.78 1.65
C PRO A 184 -18.11 -19.32 0.25
N PRO A 185 -18.79 -18.29 -0.27
CA PRO A 185 -18.33 -17.71 -1.54
C PRO A 185 -16.91 -17.18 -1.39
N SER A 186 -16.15 -17.11 -2.47
CA SER A 186 -14.79 -16.59 -2.41
C SER A 186 -14.74 -15.15 -1.87
N SER A 187 -15.80 -14.37 -2.11
CA SER A 187 -15.87 -13.01 -1.60
C SER A 187 -15.80 -12.99 -0.07
N ILE A 188 -16.07 -14.14 0.54
CA ILE A 188 -15.89 -14.29 1.98
C ILE A 188 -14.66 -15.14 2.31
N GLY A 189 -14.55 -16.32 1.68
CA GLY A 189 -13.44 -17.22 1.95
C GLY A 189 -12.07 -16.63 1.60
N LYS A 190 -12.06 -15.69 0.67
CA LYS A 190 -10.80 -15.04 0.29
C LYS A 190 -11.00 -13.56 -0.03
N PHE A 191 -11.77 -12.89 0.83
CA PHE A 191 -11.85 -11.45 0.83
C PHE A 191 -10.45 -10.80 0.84
N GLY A 192 -10.20 -9.89 -0.09
CA GLY A 192 -8.92 -9.23 -0.23
C GLY A 192 -7.79 -10.18 -0.63
N SER A 193 -8.13 -11.16 -1.48
CA SER A 193 -7.26 -12.31 -1.76
C SER A 193 -5.79 -11.98 -1.92
N ASP A 194 -5.46 -11.02 -2.79
CA ASP A 194 -4.06 -10.71 -3.06
C ASP A 194 -3.53 -9.68 -2.09
N THR A 195 -4.23 -8.55 -2.01
CA THR A 195 -3.78 -7.39 -1.22
C THR A 195 -3.75 -7.66 0.28
N ASP A 196 -4.73 -8.42 0.79
CA ASP A 196 -4.73 -8.76 2.22
C ASP A 196 -3.96 -10.05 2.52
N ASN A 197 -3.52 -10.77 1.50
CA ASN A 197 -2.76 -12.00 1.75
C ASN A 197 -1.53 -11.64 2.56
N TRP A 198 -1.13 -12.51 3.49
CA TRP A 198 -0.02 -12.25 4.42
C TRP A 198 -0.17 -10.94 5.18
N ALA A 199 -1.39 -10.47 5.40
CA ALA A 199 -1.56 -9.19 6.08
C ALA A 199 -2.49 -9.26 7.29
N TRP A 200 -2.11 -8.52 8.33
CA TRP A 200 -2.99 -8.13 9.42
C TRP A 200 -3.02 -6.60 9.35
N PRO A 201 -4.18 -5.96 9.57
CA PRO A 201 -5.52 -6.48 9.85
C PRO A 201 -6.06 -7.37 8.75
N ARG A 202 -6.96 -8.29 9.09
CA ARG A 202 -7.47 -9.25 8.13
C ARG A 202 -8.98 -9.41 8.38
N HIS A 203 -9.75 -9.63 7.32
CA HIS A 203 -11.21 -9.71 7.43
C HIS A 203 -11.76 -10.84 6.56
N THR A 204 -11.18 -12.03 6.69
CA THR A 204 -11.42 -13.10 5.74
C THR A 204 -12.06 -14.28 6.43
N GLY A 205 -13.19 -14.74 5.89
CA GLY A 205 -13.85 -15.93 6.40
C GLY A 205 -13.24 -17.18 5.79
N ASP A 206 -11.95 -17.39 6.06
CA ASP A 206 -11.21 -18.48 5.44
C ASP A 206 -11.57 -19.85 6.06
N PHE A 207 -12.68 -20.45 5.64
CA PHE A 207 -12.96 -21.83 6.04
C PHE A 207 -13.62 -22.61 4.90
N SER A 208 -13.56 -23.94 5.03
CA SER A 208 -14.40 -24.84 4.25
C SER A 208 -14.65 -26.05 5.11
N ILE A 209 -15.63 -26.85 4.73
CA ILE A 209 -16.04 -27.95 5.58
C ILE A 209 -16.11 -29.24 4.80
N PHE A 210 -15.56 -30.29 5.39
CA PHE A 210 -15.59 -31.61 4.79
C PHE A 210 -16.10 -32.62 5.80
N ARG A 211 -16.16 -33.88 5.39
CA ARG A 211 -16.51 -34.98 6.28
C ARG A 211 -15.71 -36.25 5.95
N LEU A 212 -15.15 -36.88 6.98
CA LEU A 212 -14.55 -38.21 6.83
C LEU A 212 -15.62 -39.30 6.75
N TYR A 213 -15.51 -40.14 5.71
CA TYR A 213 -16.35 -41.32 5.56
C TYR A 213 -15.55 -42.60 5.81
N ALA A 214 -16.25 -43.69 6.09
CA ALA A 214 -15.62 -44.97 6.38
C ALA A 214 -16.56 -46.11 6.04
N ASP A 215 -16.08 -47.34 6.14
CA ASP A 215 -16.89 -48.50 5.74
C ASP A 215 -17.86 -48.93 6.83
N LYS A 216 -18.50 -50.08 6.56
CA LYS A 216 -19.26 -50.87 7.52
C LYS A 216 -18.77 -50.75 8.96
N ASN A 217 -17.48 -51.00 9.15
CA ASN A 217 -16.91 -51.20 10.47
C ASN A 217 -16.23 -49.97 11.01
N GLY A 218 -16.55 -48.81 10.44
CA GLY A 218 -15.98 -47.56 10.90
C GLY A 218 -14.48 -47.47 10.65
N ASN A 219 -14.03 -48.19 9.63
CA ASN A 219 -12.63 -48.18 9.24
C ASN A 219 -12.39 -47.28 8.04
N PRO A 220 -11.25 -46.55 8.04
CA PRO A 220 -10.78 -45.81 6.87
C PRO A 220 -10.95 -46.63 5.59
N ALA A 221 -11.35 -45.99 4.50
CA ALA A 221 -11.66 -46.74 3.29
C ALA A 221 -11.62 -45.89 2.03
N GLU A 222 -11.32 -46.54 0.91
CA GLU A 222 -11.50 -45.97 -0.41
C GLU A 222 -12.97 -45.61 -0.57
N TYR A 223 -13.27 -44.65 -1.45
CA TYR A 223 -14.66 -44.28 -1.74
C TYR A 223 -15.52 -45.50 -2.02
N SER A 224 -16.74 -45.46 -1.52
CA SER A 224 -17.78 -46.42 -1.88
C SER A 224 -19.13 -45.79 -1.59
N LYS A 225 -20.10 -46.06 -2.45
CA LYS A 225 -21.44 -45.52 -2.29
C LYS A 225 -22.06 -46.02 -0.98
N ASP A 226 -21.52 -47.12 -0.47
CA ASP A 226 -22.00 -47.73 0.77
C ASP A 226 -21.32 -47.18 2.03
N ASN A 227 -20.35 -46.29 1.86
CA ASN A 227 -19.67 -45.72 3.02
C ASN A 227 -20.60 -44.83 3.85
N VAL A 228 -20.29 -44.72 5.14
CA VAL A 228 -21.06 -43.89 6.04
C VAL A 228 -20.14 -42.93 6.80
N PRO A 229 -20.72 -41.94 7.49
CA PRO A 229 -19.80 -41.06 8.23
C PRO A 229 -18.94 -41.82 9.24
N TYR A 230 -17.68 -41.42 9.31
CA TYR A 230 -16.73 -41.91 10.30
C TYR A 230 -17.01 -41.33 11.67
N ARG A 231 -17.01 -42.17 12.70
CA ARG A 231 -17.26 -41.71 14.06
C ARG A 231 -15.96 -41.72 14.87
N PRO A 232 -15.32 -40.55 15.02
CA PRO A 232 -14.01 -40.40 15.66
C PRO A 232 -14.10 -40.69 17.15
N LYS A 233 -13.02 -41.17 17.74
CA LYS A 233 -13.02 -41.41 19.17
C LYS A 233 -13.00 -40.07 19.88
N ARG A 234 -12.35 -39.09 19.24
CA ARG A 234 -12.28 -37.76 19.81
C ARG A 234 -12.50 -36.67 18.77
N TRP A 235 -13.22 -35.65 19.18
CA TRP A 235 -13.43 -34.48 18.34
C TRP A 235 -13.41 -33.27 19.26
N VAL A 236 -13.05 -32.11 18.71
CA VAL A 236 -12.92 -30.92 19.54
C VAL A 236 -14.27 -30.23 19.70
N LYS A 237 -14.60 -29.91 20.95
CA LYS A 237 -15.82 -29.15 21.24
C LYS A 237 -15.64 -27.66 20.86
N VAL A 238 -16.68 -27.03 20.33
CA VAL A 238 -16.57 -25.67 19.85
C VAL A 238 -17.14 -24.67 20.84
N ASN A 239 -16.34 -23.68 21.22
CA ASN A 239 -16.76 -22.69 22.20
C ASN A 239 -17.08 -21.37 21.48
N ALA A 240 -18.30 -20.87 21.60
CA ALA A 240 -18.68 -19.69 20.84
C ALA A 240 -18.89 -18.48 21.74
N GLN A 241 -18.35 -18.54 22.95
CA GLN A 241 -18.49 -17.45 23.91
C GLN A 241 -17.56 -16.28 23.62
N GLY A 242 -16.63 -16.49 22.69
CA GLY A 242 -15.78 -15.39 22.24
C GLY A 242 -14.41 -15.35 22.89
N VAL A 243 -13.58 -14.45 22.39
CA VAL A 243 -12.21 -14.33 22.86
C VAL A 243 -11.88 -12.90 23.26
N LYS A 244 -10.82 -12.74 24.03
CA LYS A 244 -10.33 -11.40 24.34
C LYS A 244 -8.80 -11.39 24.41
N GLU A 245 -8.24 -10.19 24.29
CA GLU A 245 -6.81 -9.97 24.34
C GLU A 245 -6.25 -10.53 25.64
N GLY A 246 -5.17 -11.30 25.54
CA GLY A 246 -4.59 -11.89 26.74
C GLY A 246 -4.97 -13.35 26.94
N ASP A 247 -6.01 -13.80 26.26
CA ASP A 247 -6.43 -15.20 26.38
C ASP A 247 -5.34 -16.14 25.89
N PHE A 248 -5.11 -17.21 26.64
CA PHE A 248 -4.25 -18.32 26.23
C PHE A 248 -4.74 -18.98 24.95
N ALA A 249 -3.82 -19.30 24.05
CA ALA A 249 -4.24 -19.96 22.84
C ALA A 249 -3.29 -21.12 22.51
N LEU A 250 -3.88 -22.26 22.13
CA LEU A 250 -3.10 -23.46 21.78
C LEU A 250 -3.38 -23.81 20.33
N ILE A 251 -2.33 -24.03 19.56
CA ILE A 251 -2.50 -24.47 18.18
C ILE A 251 -1.79 -25.80 17.97
N MET A 252 -2.45 -26.73 17.30
CA MET A 252 -1.83 -27.98 16.90
C MET A 252 -2.05 -28.12 15.40
N GLY A 253 -1.04 -28.67 14.72
CA GLY A 253 -1.14 -28.86 13.28
C GLY A 253 0.15 -29.35 12.66
N TYR A 254 0.29 -29.13 11.34
CA TYR A 254 1.37 -29.73 10.56
C TYR A 254 2.23 -28.67 9.84
N PRO A 255 3.02 -27.90 10.61
CA PRO A 255 3.88 -26.91 9.94
C PRO A 255 4.83 -27.61 8.96
N GLY A 256 4.92 -27.04 7.77
CA GLY A 256 5.66 -27.66 6.68
C GLY A 256 7.18 -27.53 6.82
N THR A 257 7.70 -26.31 6.65
CA THR A 257 9.17 -26.15 6.61
C THR A 257 9.64 -24.87 7.27
N THR A 258 10.65 -24.96 8.14
CA THR A 258 11.34 -23.77 8.65
C THR A 258 12.86 -23.96 8.51
N TYR A 259 13.62 -22.89 8.73
CA TYR A 259 15.07 -22.89 8.56
C TYR A 259 15.73 -22.26 9.78
N LYS A 260 15.29 -22.68 10.96
CA LYS A 260 15.72 -22.00 12.19
C LYS A 260 17.19 -22.23 12.52
N PHE A 261 17.83 -23.18 11.85
CA PHE A 261 19.26 -23.39 12.05
C PHE A 261 20.09 -22.89 10.87
N PHE A 262 19.51 -22.06 10.01
CA PHE A 262 20.29 -21.44 8.94
C PHE A 262 21.46 -20.64 9.49
N THR A 263 22.64 -20.89 8.95
CA THR A 263 23.77 -19.98 9.17
C THR A 263 23.52 -18.72 8.33
N ALA A 264 24.27 -17.65 8.63
CA ALA A 264 24.08 -16.38 7.96
C ALA A 264 24.24 -16.48 6.43
N ASP A 265 25.19 -17.30 5.96
CA ASP A 265 25.39 -17.45 4.51
C ASP A 265 24.18 -18.11 3.86
N GLU A 266 23.53 -19.00 4.61
CA GLU A 266 22.34 -19.69 4.08
C GLU A 266 21.17 -18.70 3.96
N VAL A 267 21.09 -17.77 4.91
CA VAL A 267 20.05 -16.75 4.87
C VAL A 267 20.17 -15.92 3.59
N THR A 268 21.39 -15.47 3.34
CA THR A 268 21.69 -14.66 2.16
C THR A 268 21.37 -15.40 0.89
N GLU A 269 21.82 -16.65 0.79
CA GLU A 269 21.55 -17.44 -0.40
C GLU A 269 20.03 -17.62 -0.66
N TRP A 270 19.31 -18.00 0.39
CA TRP A 270 17.86 -18.20 0.30
C TRP A 270 17.16 -16.93 -0.22
N SER A 271 17.58 -15.79 0.29
CA SER A 271 17.03 -14.50 -0.09
C SER A 271 17.36 -14.10 -1.53
N GLU A 272 18.65 -14.09 -1.85
CA GLU A 272 19.15 -13.58 -3.12
C GLU A 272 18.92 -14.54 -4.28
N ILE A 273 18.77 -15.83 -4.01
CA ILE A 273 18.53 -16.78 -5.10
C ILE A 273 17.07 -17.26 -5.08
N ASP A 274 16.71 -18.10 -4.13
CA ASP A 274 15.37 -18.70 -4.13
C ASP A 274 14.25 -17.65 -4.16
N ASN A 275 14.31 -16.69 -3.25
CA ASN A 275 13.24 -15.69 -3.14
C ASN A 275 13.22 -14.66 -4.28
N ASN A 276 14.37 -14.05 -4.57
CA ASN A 276 14.45 -13.10 -5.67
C ASN A 276 13.97 -13.67 -6.98
N ILE A 277 14.42 -14.88 -7.27
CA ILE A 277 14.03 -15.49 -8.54
C ILE A 277 12.53 -15.82 -8.50
N ARG A 278 12.05 -16.25 -7.34
CA ARG A 278 10.62 -16.54 -7.23
C ARG A 278 9.80 -15.29 -7.50
N ILE A 279 10.19 -14.17 -6.87
CA ILE A 279 9.48 -12.92 -7.02
C ILE A 279 9.47 -12.50 -8.47
N GLU A 280 10.65 -12.56 -9.10
CA GLU A 280 10.80 -12.17 -10.48
C GLU A 280 9.91 -12.96 -11.47
N MET A 281 10.01 -14.28 -11.43
CA MET A 281 9.35 -15.05 -12.48
C MET A 281 7.86 -15.13 -12.18
N ARG A 282 7.50 -15.24 -10.91
CA ARG A 282 6.10 -15.37 -10.56
C ARG A 282 5.35 -14.04 -10.78
N GLY A 283 6.06 -12.92 -10.69
CA GLY A 283 5.46 -11.63 -11.00
C GLY A 283 5.01 -11.58 -12.46
N ILE A 284 5.84 -12.11 -13.35
CA ILE A 284 5.54 -12.18 -14.77
C ILE A 284 4.33 -13.08 -15.04
N LEU A 285 4.36 -14.26 -14.46
CA LEU A 285 3.27 -15.21 -14.63
C LEU A 285 1.94 -14.59 -14.18
N GLN A 286 1.94 -13.98 -13.00
CA GLN A 286 0.72 -13.51 -12.37
C GLN A 286 0.10 -12.34 -13.13
N ASP A 287 0.94 -11.49 -13.68
CA ASP A 287 0.44 -10.35 -14.41
C ASP A 287 -0.41 -10.78 -15.61
N VAL A 288 0.10 -11.75 -16.36
CA VAL A 288 -0.61 -12.28 -17.52
C VAL A 288 -1.83 -13.11 -17.08
N MET A 289 -1.61 -13.99 -16.10
CA MET A 289 -2.63 -14.93 -15.71
C MET A 289 -3.89 -14.26 -15.13
N LEU A 290 -3.72 -13.31 -14.21
CA LEU A 290 -4.85 -12.59 -13.63
C LEU A 290 -5.62 -11.81 -14.69
N ARG A 291 -4.89 -11.18 -15.60
CA ARG A 291 -5.50 -10.46 -16.70
C ARG A 291 -6.43 -11.40 -17.48
N GLU A 292 -5.94 -12.60 -17.78
CA GLU A 292 -6.74 -13.60 -18.47
C GLU A 292 -7.94 -14.03 -17.63
N MET A 293 -7.74 -14.21 -16.33
CA MET A 293 -8.84 -14.67 -15.48
C MET A 293 -9.97 -13.66 -15.35
N LEU A 294 -9.63 -12.38 -15.24
CA LEU A 294 -10.64 -11.33 -15.08
C LEU A 294 -11.42 -11.09 -16.37
N ALA A 295 -10.91 -11.61 -17.48
CA ALA A 295 -11.54 -11.38 -18.78
C ALA A 295 -12.47 -12.52 -19.19
N ASP A 296 -12.47 -13.61 -18.43
CA ASP A 296 -13.30 -14.77 -18.78
C ASP A 296 -13.55 -15.67 -17.57
N PRO A 297 -14.82 -15.77 -17.15
CA PRO A 297 -15.20 -16.53 -15.94
C PRO A 297 -14.83 -18.01 -16.04
N LYS A 298 -14.81 -18.55 -17.25
CA LYS A 298 -14.40 -19.93 -17.43
C LYS A 298 -12.89 -20.06 -17.20
N ILE A 299 -12.11 -19.13 -17.75
CA ILE A 299 -10.67 -19.12 -17.48
C ILE A 299 -10.41 -18.87 -15.99
N ASN A 300 -11.25 -18.00 -15.40
CA ASN A 300 -11.08 -17.66 -13.99
C ASN A 300 -11.17 -18.92 -13.13
N ILE A 301 -12.10 -19.80 -13.49
CA ILE A 301 -12.27 -21.07 -12.80
C ILE A 301 -11.10 -22.04 -13.03
N MET A 302 -10.72 -22.19 -14.29
CA MET A 302 -9.67 -23.13 -14.70
C MET A 302 -8.36 -22.85 -13.98
N TYR A 303 -8.05 -21.59 -13.82
CA TYR A 303 -6.72 -21.20 -13.34
C TYR A 303 -6.75 -20.62 -11.90
N ALA A 304 -7.91 -20.71 -11.23
CA ALA A 304 -8.05 -20.14 -9.87
C ALA A 304 -7.06 -20.70 -8.84
N ALA A 305 -6.92 -22.03 -8.80
CA ALA A 305 -6.03 -22.62 -7.83
C ALA A 305 -4.57 -22.39 -8.21
N LYS A 306 -4.30 -22.45 -9.51
CA LYS A 306 -2.93 -22.23 -10.02
C LYS A 306 -2.46 -20.84 -9.66
N TYR A 307 -3.32 -19.84 -9.92
CA TYR A 307 -3.03 -18.45 -9.58
C TYR A 307 -2.85 -18.24 -8.09
N ALA A 308 -3.83 -18.71 -7.29
CA ALA A 308 -3.80 -18.44 -5.85
C ALA A 308 -2.52 -19.00 -5.21
N SER A 309 -2.15 -20.20 -5.62
CA SER A 309 -0.94 -20.83 -5.17
C SER A 309 0.32 -20.05 -5.62
N SER A 310 0.33 -19.58 -6.86
CA SER A 310 1.47 -18.83 -7.34
C SER A 310 1.61 -17.53 -6.56
N GLN A 311 0.53 -16.75 -6.49
CA GLN A 311 0.52 -15.47 -5.79
C GLN A 311 0.91 -15.64 -4.32
N ASN A 312 0.45 -16.73 -3.71
CA ASN A 312 0.78 -16.96 -2.30
C ASN A 312 2.30 -17.10 -2.06
N GLY A 313 2.99 -17.92 -2.86
CA GLY A 313 4.43 -18.05 -2.72
C GLY A 313 5.21 -16.80 -3.12
N TYR A 314 4.69 -16.10 -4.13
CA TYR A 314 5.25 -14.83 -4.60
C TYR A 314 5.32 -13.81 -3.46
N LYS A 315 4.17 -13.58 -2.82
CA LYS A 315 4.09 -12.58 -1.76
C LYS A 315 4.81 -13.06 -0.52
N ARG A 316 4.81 -14.37 -0.28
CA ARG A 316 5.59 -14.88 0.85
C ARG A 316 7.08 -14.57 0.65
N ALA A 317 7.58 -14.71 -0.58
CA ALA A 317 8.98 -14.42 -0.86
C ALA A 317 9.25 -12.93 -0.66
N GLN A 318 8.30 -12.08 -1.07
CA GLN A 318 8.43 -10.65 -0.83
C GLN A 318 8.52 -10.36 0.66
N GLY A 319 7.64 -10.98 1.44
CA GLY A 319 7.63 -10.74 2.87
C GLY A 319 8.88 -11.26 3.59
N ALA A 320 9.39 -12.39 3.15
CA ALA A 320 10.57 -12.96 3.79
C ALA A 320 11.75 -12.02 3.58
N ASN A 321 11.86 -11.49 2.35
CA ASN A 321 12.98 -10.63 2.02
C ASN A 321 12.85 -9.30 2.71
N TRP A 322 11.62 -8.83 2.87
CA TRP A 322 11.39 -7.58 3.57
C TRP A 322 11.74 -7.79 5.05
N ALA A 323 11.41 -8.96 5.60
CA ALA A 323 11.71 -9.26 7.00
C ALA A 323 13.21 -9.30 7.21
N ILE A 324 13.91 -9.94 6.28
CA ILE A 324 15.34 -10.04 6.38
C ILE A 324 15.97 -8.64 6.42
N ARG A 325 15.50 -7.74 5.55
CA ARG A 325 15.98 -6.36 5.55
C ARG A 325 15.58 -5.59 6.82
N ARG A 326 14.28 -5.57 7.10
CA ARG A 326 13.77 -4.69 8.13
C ARG A 326 14.06 -5.18 9.55
N ARG A 327 14.26 -6.48 9.73
CA ARG A 327 14.41 -7.05 11.09
C ARG A 327 15.81 -7.65 11.36
N SER A 328 16.75 -7.39 10.47
CA SER A 328 18.12 -7.83 10.62
C SER A 328 18.23 -9.33 10.87
N LEU A 329 17.51 -10.14 10.08
CA LEU A 329 17.47 -11.58 10.35
C LEU A 329 18.83 -12.24 10.12
N ARG A 330 19.57 -11.78 9.11
CA ARG A 330 20.87 -12.35 8.87
C ARG A 330 21.76 -12.16 10.10
N GLU A 331 21.70 -10.96 10.67
CA GLU A 331 22.55 -10.62 11.81
C GLU A 331 22.19 -11.47 13.02
N ILE A 332 20.90 -11.78 13.16
CA ILE A 332 20.46 -12.57 14.29
C ILE A 332 20.99 -13.99 14.17
N LYS A 333 20.93 -14.57 12.97
CA LYS A 333 21.40 -15.94 12.79
C LYS A 333 22.92 -16.00 12.88
N LEU A 334 23.60 -14.95 12.40
CA LEU A 334 25.04 -14.84 12.59
C LEU A 334 25.37 -14.87 14.08
N ALA A 335 24.60 -14.12 14.86
CA ALA A 335 24.88 -14.04 16.30
C ALA A 335 24.61 -15.40 16.94
N GLN A 336 23.62 -16.13 16.43
CA GLN A 336 23.33 -17.43 16.99
C GLN A 336 24.42 -18.44 16.63
N GLN A 337 24.92 -18.40 15.39
CA GLN A 337 25.98 -19.34 15.06
C GLN A 337 27.28 -18.97 15.81
N GLN A 338 27.52 -17.68 16.04
CA GLN A 338 28.69 -17.29 16.81
C GLN A 338 28.59 -17.81 18.25
N GLU A 339 27.37 -17.83 18.79
CA GLU A 339 27.17 -18.33 20.14
C GLU A 339 27.48 -19.84 20.26
N VAL A 340 27.04 -20.65 19.29
CA VAL A 340 27.32 -22.09 19.35
C VAL A 340 28.82 -22.33 19.05
N LEU A 341 29.43 -21.47 18.24
CA LEU A 341 30.86 -21.61 17.99
C LEU A 341 31.71 -21.26 19.23
N ALA A 342 31.27 -20.27 20.01
CA ALA A 342 32.00 -19.90 21.23
C ALA A 342 31.84 -20.97 22.29
N TRP A 343 30.63 -21.52 22.39
CA TRP A 343 30.36 -22.69 23.22
C TRP A 343 31.26 -23.86 22.83
N ALA A 344 31.37 -24.14 21.53
CA ALA A 344 32.22 -25.24 21.05
C ALA A 344 33.67 -25.00 21.43
N LYS A 345 34.12 -23.77 21.21
CA LYS A 345 35.50 -23.39 21.49
C LYS A 345 35.84 -23.56 22.98
N GLN A 346 34.91 -23.19 23.84
CA GLN A 346 35.09 -23.32 25.28
C GLN A 346 35.30 -24.79 25.66
N LYS A 347 34.55 -25.68 25.02
CA LYS A 347 34.65 -27.12 25.30
C LYS A 347 35.75 -27.82 24.51
N GLY A 348 36.49 -27.06 23.70
CA GLY A 348 37.59 -27.63 22.93
C GLY A 348 37.13 -28.46 21.75
N ILE A 349 35.91 -28.17 21.28
CA ILE A 349 35.31 -28.89 20.16
C ILE A 349 35.59 -28.16 18.82
N ALA A 350 36.16 -28.89 17.84
CA ALA A 350 36.53 -28.31 16.55
C ALA A 350 35.54 -28.63 15.43
N THR A 351 34.64 -29.57 15.66
CA THR A 351 33.72 -30.00 14.62
C THR A 351 32.78 -28.89 14.18
N THR A 352 32.43 -27.99 15.08
CA THR A 352 31.44 -26.97 14.76
C THR A 352 31.95 -25.92 13.77
N GLU A 353 33.17 -25.44 13.99
CA GLU A 353 33.73 -24.44 13.10
C GLU A 353 33.89 -25.07 11.73
N GLU A 354 34.31 -26.32 11.73
CA GLU A 354 34.45 -27.09 10.49
C GLU A 354 33.10 -27.21 9.77
N ALA A 355 32.03 -27.46 10.52
CA ALA A 355 30.72 -27.58 9.87
C ALA A 355 30.27 -26.23 9.29
N VAL A 356 30.48 -25.14 10.04
CA VAL A 356 30.04 -23.86 9.54
C VAL A 356 30.79 -23.52 8.24
N ARG A 357 32.08 -23.86 8.18
CA ARG A 357 32.88 -23.61 6.99
C ARG A 357 32.43 -24.46 5.83
N ALA A 358 32.15 -25.74 6.09
CA ALA A 358 31.67 -26.63 5.03
C ALA A 358 30.31 -26.16 4.49
N ILE A 359 29.44 -25.65 5.37
CA ILE A 359 28.20 -25.04 4.89
C ILE A 359 28.49 -23.84 3.95
N SER A 360 29.37 -22.92 4.36
CA SER A 360 29.67 -21.75 3.51
C SER A 360 30.28 -22.13 2.17
N LYS A 361 31.19 -23.10 2.21
CA LYS A 361 31.85 -23.57 0.99
C LYS A 361 30.84 -24.18 0.00
N ALA A 362 29.91 -24.97 0.52
CA ALA A 362 28.95 -25.66 -0.35
C ALA A 362 27.98 -24.65 -0.96
N ILE A 363 27.59 -23.64 -0.18
CA ILE A 363 26.69 -22.61 -0.66
C ILE A 363 27.34 -21.78 -1.76
N GLU A 364 28.58 -21.38 -1.52
CA GLU A 364 29.34 -20.66 -2.53
C GLU A 364 29.55 -21.53 -3.76
N GLY A 365 29.88 -22.80 -3.55
CA GLY A 365 30.08 -23.72 -4.65
C GLY A 365 28.88 -23.88 -5.57
N ARG A 366 27.66 -23.92 -5.02
CA ARG A 366 26.50 -24.27 -5.85
C ARG A 366 25.75 -23.09 -6.46
N GLN A 367 26.31 -21.89 -6.35
CA GLN A 367 25.59 -20.67 -6.77
C GLN A 367 25.04 -20.70 -8.20
N ASP A 368 25.90 -21.02 -9.16
CA ASP A 368 25.49 -21.09 -10.56
C ASP A 368 24.43 -22.16 -10.80
N LEU A 369 24.63 -23.31 -10.17
CA LEU A 369 23.73 -24.45 -10.33
C LEU A 369 22.37 -24.15 -9.69
N ARG A 370 22.41 -23.56 -8.52
CA ARG A 370 21.17 -23.31 -7.81
C ARG A 370 20.36 -22.23 -8.50
N MET A 371 21.02 -21.20 -9.02
CA MET A 371 20.27 -20.16 -9.71
C MET A 371 19.66 -20.72 -11.00
N ARG A 372 20.36 -21.63 -11.67
CA ARG A 372 19.83 -22.25 -12.88
C ARG A 372 18.61 -23.11 -12.54
N GLN A 373 18.69 -23.84 -11.43
CA GLN A 373 17.57 -24.65 -10.96
C GLN A 373 16.35 -23.79 -10.69
N ARG A 374 16.53 -22.70 -9.95
CA ARG A 374 15.40 -21.84 -9.59
C ARG A 374 14.77 -21.17 -10.82
N TYR A 375 15.60 -20.69 -11.75
CA TYR A 375 15.02 -20.11 -12.97
C TYR A 375 14.23 -21.13 -13.76
N LEU A 376 14.71 -22.37 -13.79
CA LEU A 376 14.06 -23.42 -14.55
C LEU A 376 12.77 -23.81 -13.88
N LEU A 377 12.85 -24.01 -12.57
CA LEU A 377 11.68 -24.33 -11.78
C LEU A 377 10.62 -23.23 -11.84
N GLU A 378 10.99 -21.98 -11.52
CA GLU A 378 9.99 -20.91 -11.42
C GLU A 378 9.54 -20.46 -12.81
N GLY A 379 10.51 -20.33 -13.72
CA GLY A 379 10.23 -19.82 -15.04
C GLY A 379 9.51 -20.79 -15.97
N ILE A 380 9.76 -22.09 -15.82
CA ILE A 380 9.30 -23.05 -16.82
C ILE A 380 8.49 -24.20 -16.23
N LEU A 381 9.06 -24.95 -15.29
CA LEU A 381 8.40 -26.13 -14.75
C LEU A 381 7.11 -25.82 -14.03
N MET A 382 7.05 -24.69 -13.35
CA MET A 382 5.84 -24.41 -12.58
C MET A 382 4.75 -23.71 -13.40
N GLY A 383 5.13 -22.86 -14.35
CA GLY A 383 4.13 -22.06 -15.06
C GLY A 383 3.92 -22.30 -16.55
N ILE A 384 4.88 -22.93 -17.22
CA ILE A 384 4.67 -23.31 -18.62
C ILE A 384 4.21 -24.75 -18.66
N GLU A 385 2.93 -24.95 -18.93
CA GLU A 385 2.35 -26.29 -18.84
C GLU A 385 2.73 -27.19 -20.00
N MET A 386 3.29 -26.59 -21.06
CA MET A 386 3.94 -27.34 -22.14
C MET A 386 5.00 -28.31 -21.62
N SER A 387 5.58 -28.00 -20.47
CA SER A 387 6.65 -28.84 -19.94
C SER A 387 6.14 -30.22 -19.50
N ASN A 388 4.83 -30.41 -19.48
CA ASN A 388 4.24 -31.74 -19.25
C ASN A 388 3.64 -32.35 -20.52
N ALA A 389 4.09 -31.88 -21.67
CA ALA A 389 3.64 -32.40 -22.95
C ALA A 389 3.90 -33.90 -23.07
N PRO A 390 3.11 -34.59 -23.90
CA PRO A 390 3.46 -36.00 -24.10
C PRO A 390 4.80 -36.15 -24.84
N ALA A 391 5.49 -37.25 -24.62
CA ALA A 391 6.63 -37.62 -25.43
C ALA A 391 6.54 -39.11 -25.75
N ALA A 392 6.86 -39.47 -26.99
CA ALA A 392 6.80 -40.86 -27.41
C ALA A 392 7.83 -41.68 -26.65
N ASP A 393 7.45 -42.90 -26.25
CA ASP A 393 8.36 -43.79 -25.54
C ASP A 393 9.14 -44.66 -26.52
N SER A 394 9.88 -45.64 -25.99
CA SER A 394 10.75 -46.47 -26.82
C SER A 394 9.99 -47.51 -27.64
N ASP A 395 8.73 -47.74 -27.26
CA ASP A 395 7.85 -48.59 -28.05
C ASP A 395 7.51 -47.91 -29.37
N ILE A 396 7.38 -46.60 -29.34
CA ILE A 396 7.09 -45.83 -30.55
C ILE A 396 8.34 -45.75 -31.43
N ALA A 397 9.47 -45.47 -30.79
CA ALA A 397 10.70 -45.21 -31.52
C ALA A 397 11.25 -46.47 -32.15
N ASP A 398 11.14 -47.60 -31.45
CA ASP A 398 11.85 -48.80 -31.89
C ASP A 398 10.97 -50.04 -32.09
N HIS A 399 9.68 -49.95 -31.81
CA HIS A 399 8.81 -51.13 -31.91
C HIS A 399 7.51 -50.87 -32.67
N TRP A 400 7.55 -49.88 -33.56
CA TRP A 400 6.39 -49.43 -34.30
C TRP A 400 5.82 -50.51 -35.22
N ASP A 401 6.64 -51.49 -35.59
CA ASP A 401 6.18 -52.55 -36.46
C ASP A 401 5.41 -53.62 -35.71
N ASP A 402 5.63 -53.67 -34.39
CA ASP A 402 4.90 -54.57 -33.52
C ASP A 402 3.55 -53.95 -33.15
N PRO A 403 2.47 -54.49 -33.72
CA PRO A 403 1.13 -53.91 -33.55
C PRO A 403 0.74 -53.81 -32.08
N ALA A 404 1.18 -54.78 -31.28
CA ALA A 404 0.90 -54.77 -29.86
C ALA A 404 1.59 -53.58 -29.20
N ARG A 405 2.91 -53.52 -29.31
CA ARG A 405 3.69 -52.50 -28.61
C ARG A 405 3.47 -51.11 -29.22
N ARG A 406 3.07 -51.07 -30.49
CA ARG A 406 2.73 -49.81 -31.10
C ARG A 406 1.48 -49.23 -30.44
N GLU A 407 0.47 -50.07 -30.29
CA GLU A 407 -0.77 -49.66 -29.63
C GLU A 407 -0.51 -49.22 -28.18
N ALA A 408 0.37 -49.95 -27.49
CA ALA A 408 0.76 -49.58 -26.14
C ALA A 408 1.41 -48.20 -26.11
N GLY A 409 2.27 -47.93 -27.10
CA GLY A 409 2.94 -46.65 -27.20
C GLY A 409 1.97 -45.53 -27.52
N LEU A 410 0.97 -45.84 -28.34
CA LEU A 410 -0.05 -44.86 -28.67
C LEU A 410 -0.94 -44.58 -27.47
N GLN A 411 -1.25 -45.61 -26.69
CA GLN A 411 -2.07 -45.43 -25.49
C GLN A 411 -1.32 -44.63 -24.46
N SER A 412 -0.01 -44.81 -24.40
CA SER A 412 0.82 -44.02 -23.49
C SER A 412 0.77 -42.53 -23.85
N ILE A 413 0.86 -42.24 -25.15
CA ILE A 413 0.71 -40.88 -25.63
C ILE A 413 -0.65 -40.29 -25.22
N ARG A 414 -1.70 -41.08 -25.37
CA ARG A 414 -3.05 -40.67 -25.02
C ARG A 414 -3.15 -40.41 -23.51
N LYS A 415 -2.66 -41.35 -22.71
CA LYS A 415 -2.58 -41.18 -21.26
C LYS A 415 -1.83 -39.87 -20.86
N GLN A 416 -0.59 -39.68 -21.32
CA GLN A 416 0.01 -38.33 -21.28
C GLN A 416 -0.81 -37.16 -21.78
N PHE A 417 -1.54 -37.36 -22.87
CA PHE A 417 -2.22 -36.20 -23.42
C PHE A 417 -3.35 -35.80 -22.47
N GLU A 418 -3.99 -36.78 -21.82
CA GLU A 418 -5.09 -36.47 -20.92
C GLU A 418 -4.60 -35.74 -19.70
N ALA A 419 -3.45 -36.18 -19.16
CA ALA A 419 -2.88 -35.52 -18.01
C ALA A 419 -2.49 -34.08 -18.37
N PHE A 420 -1.88 -33.90 -19.54
CA PHE A 420 -1.41 -32.60 -19.98
C PHE A 420 -2.56 -31.67 -20.36
N PHE A 421 -3.38 -32.10 -21.30
CA PHE A 421 -4.48 -31.28 -21.79
C PHE A 421 -5.72 -31.45 -20.89
N ASN A 422 -5.55 -31.23 -19.59
CA ASN A 422 -6.62 -31.43 -18.61
C ASN A 422 -7.65 -30.30 -18.68
N LYS A 423 -8.72 -30.43 -17.89
CA LYS A 423 -9.80 -29.45 -17.91
C LYS A 423 -9.35 -28.07 -17.42
N ASP A 424 -8.25 -27.99 -16.67
CA ASP A 424 -7.79 -26.69 -16.20
C ASP A 424 -6.84 -26.00 -17.20
N TYR A 425 -6.53 -26.70 -18.28
CA TYR A 425 -5.54 -26.19 -19.23
C TYR A 425 -6.17 -25.44 -20.40
N SER A 426 -5.73 -24.20 -20.61
CA SER A 426 -6.13 -23.44 -21.80
C SER A 426 -4.92 -23.22 -22.69
N PRO A 427 -4.91 -23.86 -23.87
CA PRO A 427 -3.83 -23.63 -24.84
C PRO A 427 -3.78 -22.16 -25.22
N GLU A 428 -4.94 -21.50 -25.21
CA GLU A 428 -4.99 -20.07 -25.53
C GLU A 428 -4.21 -19.20 -24.52
N VAL A 429 -4.34 -19.47 -23.23
CA VAL A 429 -3.60 -18.58 -22.32
C VAL A 429 -2.12 -18.95 -22.38
N GLU A 430 -1.78 -20.23 -22.58
CA GLU A 430 -0.38 -20.64 -22.76
C GLU A 430 0.33 -19.88 -23.86
N LYS A 431 -0.21 -19.93 -25.07
CA LYS A 431 0.49 -19.47 -26.27
C LYS A 431 0.34 -18.00 -26.59
N ASP A 432 -0.70 -17.36 -26.06
CA ASP A 432 -0.94 -15.94 -26.36
C ASP A 432 0.19 -15.12 -25.74
N GLN A 433 0.25 -15.04 -24.42
CA GLN A 433 1.31 -14.24 -23.79
C GLN A 433 2.10 -14.98 -22.71
N LEU A 434 1.47 -15.93 -22.03
CA LEU A 434 2.07 -16.52 -20.83
C LEU A 434 3.42 -17.23 -21.04
N ALA A 435 3.42 -18.30 -21.83
CA ALA A 435 4.66 -19.06 -22.06
C ALA A 435 5.75 -18.17 -22.67
N ILE A 436 5.36 -17.24 -23.53
CA ILE A 436 6.35 -16.37 -24.18
C ILE A 436 6.95 -15.35 -23.21
N ALA A 437 6.12 -14.75 -22.37
CA ALA A 437 6.60 -13.79 -21.39
C ALA A 437 7.64 -14.44 -20.48
N LEU A 438 7.34 -15.65 -20.02
CA LEU A 438 8.21 -16.36 -19.11
C LEU A 438 9.49 -16.83 -19.76
N LEU A 439 9.37 -17.36 -20.97
CA LEU A 439 10.49 -17.94 -21.69
C LEU A 439 11.45 -16.85 -22.16
N THR A 440 10.91 -15.69 -22.53
CA THR A 440 11.71 -14.54 -22.93
C THR A 440 12.63 -14.08 -21.81
N ARG A 441 12.08 -14.00 -20.59
CA ARG A 441 12.87 -13.60 -19.43
C ARG A 441 13.87 -14.70 -19.05
N TYR A 442 13.41 -15.95 -19.09
CA TYR A 442 14.28 -17.06 -18.81
C TYR A 442 15.50 -17.03 -19.72
N ALA A 443 15.27 -16.79 -21.00
CA ALA A 443 16.33 -16.71 -22.00
C ALA A 443 17.30 -15.56 -21.72
N GLU A 444 16.78 -14.47 -21.14
CA GLU A 444 17.62 -13.32 -20.81
C GLU A 444 18.50 -13.58 -19.61
N ARG A 445 18.06 -14.47 -18.72
CA ARG A 445 18.75 -14.64 -17.45
C ARG A 445 19.75 -15.77 -17.51
N ILE A 446 19.43 -16.79 -18.31
CA ILE A 446 20.25 -18.00 -18.40
C ILE A 446 20.99 -17.97 -19.74
N PRO A 447 22.34 -18.03 -19.71
CA PRO A 447 23.10 -17.94 -20.96
C PRO A 447 22.73 -19.08 -21.89
N ALA A 448 22.69 -18.79 -23.19
CA ALA A 448 22.35 -19.75 -24.24
C ALA A 448 22.91 -21.14 -24.00
N GLU A 449 24.22 -21.22 -23.72
CA GLU A 449 24.90 -22.49 -23.52
C GLU A 449 24.36 -23.29 -22.32
N LYS A 450 23.70 -22.60 -21.39
CA LYS A 450 23.17 -23.28 -20.21
C LYS A 450 21.65 -23.42 -20.28
N GLN A 451 21.06 -23.16 -21.43
CA GLN A 451 19.62 -23.34 -21.58
C GLN A 451 19.34 -24.77 -22.02
N PRO A 452 18.13 -25.29 -21.77
CA PRO A 452 17.79 -26.59 -22.33
C PRO A 452 17.96 -26.58 -23.86
N ILE A 453 18.37 -27.71 -24.43
CA ILE A 453 18.76 -27.78 -25.85
C ILE A 453 17.72 -27.20 -26.79
N SER A 454 16.48 -27.69 -26.66
CA SER A 454 15.39 -27.30 -27.52
C SER A 454 15.18 -25.79 -27.51
N ILE A 455 15.35 -25.19 -26.34
CA ILE A 455 15.15 -23.76 -26.17
C ILE A 455 16.27 -22.96 -26.79
N ARG A 456 17.51 -23.35 -26.52
CA ARG A 456 18.67 -22.73 -27.14
C ARG A 456 18.57 -22.81 -28.66
N GLU A 457 18.35 -24.02 -29.16
CA GLU A 457 18.30 -24.25 -30.61
C GLU A 457 17.10 -23.56 -31.23
N GLY A 458 15.98 -23.59 -30.51
CA GLY A 458 14.75 -23.00 -30.99
C GLY A 458 14.89 -21.49 -31.12
N ILE A 459 15.49 -20.86 -30.12
CA ILE A 459 15.65 -19.42 -30.15
C ILE A 459 16.69 -18.99 -31.19
N ALA A 460 17.70 -19.83 -31.41
CA ALA A 460 18.68 -19.54 -32.46
C ALA A 460 18.05 -19.64 -33.86
N GLU A 461 17.19 -20.63 -34.07
CA GLU A 461 16.63 -20.88 -35.39
C GLU A 461 15.55 -19.89 -35.77
N TYR A 462 14.59 -19.71 -34.86
CA TYR A 462 13.54 -18.71 -35.06
C TYR A 462 14.07 -17.44 -34.41
N GLY A 463 13.38 -16.32 -34.51
CA GLY A 463 14.00 -15.09 -34.00
C GLY A 463 14.23 -15.02 -32.49
N SER A 464 13.39 -15.72 -31.74
CA SER A 464 13.12 -15.36 -30.36
C SER A 464 12.26 -16.39 -29.65
N ALA A 465 12.12 -16.25 -28.34
CA ALA A 465 11.20 -17.06 -27.57
C ALA A 465 9.81 -16.97 -28.17
N LYS A 466 9.40 -15.77 -28.55
CA LYS A 466 8.10 -15.54 -29.18
C LYS A 466 7.89 -16.39 -30.44
N ALA A 467 8.81 -16.26 -31.39
CA ALA A 467 8.72 -17.01 -32.64
C ALA A 467 8.82 -18.50 -32.36
N TYR A 468 9.65 -18.87 -31.39
CA TYR A 468 9.82 -20.28 -31.07
C TYR A 468 8.54 -20.92 -30.51
N VAL A 469 7.89 -20.23 -29.57
CA VAL A 469 6.64 -20.73 -28.99
C VAL A 469 5.54 -20.77 -30.04
N GLU A 470 5.46 -19.75 -30.87
CA GLU A 470 4.49 -19.72 -31.94
C GLU A 470 4.68 -20.93 -32.88
N MET A 471 5.93 -21.29 -33.18
CA MET A 471 6.20 -22.46 -34.02
C MET A 471 5.71 -23.73 -33.36
N ILE A 472 5.96 -23.86 -32.07
CA ILE A 472 5.56 -25.04 -31.32
C ILE A 472 4.06 -25.26 -31.45
N PHE A 473 3.27 -24.22 -31.20
CA PHE A 473 1.82 -24.35 -31.28
C PHE A 473 1.34 -24.47 -32.72
N ASP A 474 2.11 -23.93 -33.67
CA ASP A 474 1.77 -24.08 -35.09
C ASP A 474 1.88 -25.54 -35.54
N LYS A 475 2.92 -26.22 -35.07
CA LYS A 475 3.32 -27.52 -35.60
C LYS A 475 2.91 -28.71 -34.74
N SER A 476 2.77 -28.49 -33.43
CA SER A 476 2.56 -29.61 -32.51
C SER A 476 1.19 -30.24 -32.66
N ILE A 477 1.13 -31.56 -32.54
CA ILE A 477 -0.13 -32.27 -32.62
C ILE A 477 -0.93 -32.03 -31.35
N TYR A 478 -0.24 -31.62 -30.27
CA TYR A 478 -0.95 -31.47 -28.99
C TYR A 478 -1.40 -30.02 -28.74
N ALA A 479 -1.30 -29.18 -29.77
CA ALA A 479 -1.79 -27.80 -29.72
C ALA A 479 -3.27 -27.71 -29.31
N SER A 480 -4.08 -28.67 -29.76
CA SER A 480 -5.51 -28.70 -29.44
C SER A 480 -6.01 -30.12 -29.38
N ARG A 481 -7.14 -30.34 -28.69
CA ARG A 481 -7.71 -31.66 -28.62
C ARG A 481 -8.18 -32.16 -29.97
N GLU A 482 -8.70 -31.23 -30.78
CA GLU A 482 -9.21 -31.58 -32.11
C GLU A 482 -8.05 -32.03 -33.02
N ARG A 483 -6.94 -31.31 -32.99
CA ARG A 483 -5.79 -31.68 -33.84
C ARG A 483 -5.25 -33.03 -33.37
N PHE A 484 -5.11 -33.18 -32.05
CA PHE A 484 -4.66 -34.44 -31.45
C PHE A 484 -5.50 -35.62 -31.93
N GLU A 485 -6.83 -35.50 -31.85
CA GLU A 485 -7.69 -36.62 -32.23
C GLU A 485 -7.68 -36.86 -33.72
N GLU A 486 -7.53 -35.79 -34.51
CA GLU A 486 -7.49 -35.97 -35.95
C GLU A 486 -6.24 -36.77 -36.29
N PHE A 487 -5.11 -36.38 -35.70
CA PHE A 487 -3.85 -37.10 -35.87
C PHE A 487 -3.91 -38.57 -35.44
N MET A 488 -4.56 -38.86 -34.31
CA MET A 488 -4.55 -40.22 -33.80
C MET A 488 -5.41 -41.19 -34.61
N LYS A 489 -6.19 -40.67 -35.56
CA LYS A 489 -6.96 -41.54 -36.45
C LYS A 489 -6.01 -42.20 -37.45
N ASN A 490 -4.88 -41.56 -37.70
CA ASN A 490 -3.91 -42.12 -38.64
C ASN A 490 -2.50 -41.71 -38.21
N PRO A 491 -2.00 -42.32 -37.13
CA PRO A 491 -0.76 -41.91 -36.49
C PRO A 491 0.47 -42.03 -37.39
N ASP A 492 1.35 -41.04 -37.30
CA ASP A 492 2.61 -41.06 -38.01
C ASP A 492 3.73 -41.19 -37.00
N ARG A 493 4.61 -42.17 -37.18
CA ARG A 493 5.72 -42.40 -36.25
C ARG A 493 6.68 -41.21 -36.21
N ASP A 494 7.14 -40.78 -37.38
CA ASP A 494 7.83 -39.50 -37.50
C ASP A 494 6.84 -38.43 -37.07
N ARG A 495 7.30 -37.20 -36.84
CA ARG A 495 6.40 -36.15 -36.34
C ARG A 495 5.96 -36.44 -34.92
N LEU A 496 5.46 -37.64 -34.66
CA LEU A 496 5.29 -38.10 -33.29
C LEU A 496 6.66 -38.10 -32.58
N LEU A 497 7.68 -38.59 -33.26
CA LEU A 497 9.02 -38.59 -32.69
C LEU A 497 9.62 -37.20 -32.72
N ARG A 498 9.25 -36.41 -33.73
CA ARG A 498 9.83 -35.08 -33.89
C ARG A 498 8.99 -33.93 -33.32
N ASP A 499 7.85 -34.22 -32.70
CA ASP A 499 6.96 -33.16 -32.22
C ASP A 499 7.67 -32.14 -31.30
N PRO A 500 7.62 -30.86 -31.69
CA PRO A 500 8.30 -29.74 -31.03
C PRO A 500 7.88 -29.49 -29.59
N MET A 501 6.61 -29.70 -29.26
CA MET A 501 6.21 -29.54 -27.88
C MET A 501 6.79 -30.69 -27.07
N SER A 502 6.86 -31.88 -27.66
CA SER A 502 7.48 -33.03 -27.01
C SER A 502 8.94 -32.73 -26.74
N ARG A 503 9.61 -32.18 -27.74
CA ARG A 503 11.05 -31.90 -27.63
C ARG A 503 11.29 -30.83 -26.55
N PHE A 504 10.38 -29.87 -26.44
CA PHE A 504 10.47 -28.86 -25.40
C PHE A 504 10.37 -29.52 -24.02
N ALA A 505 9.38 -30.37 -23.82
CA ALA A 505 9.18 -31.03 -22.53
C ALA A 505 10.37 -31.93 -22.22
N ALA A 506 10.80 -32.70 -23.21
CA ALA A 506 11.94 -33.59 -23.05
C ALA A 506 13.21 -32.85 -22.64
N SER A 507 13.44 -31.71 -23.28
CA SER A 507 14.68 -30.95 -23.13
C SER A 507 14.73 -30.29 -21.75
N VAL A 508 13.58 -29.77 -21.32
CA VAL A 508 13.46 -29.17 -20.01
C VAL A 508 13.63 -30.21 -18.90
N ALA A 509 13.06 -31.40 -19.11
CA ALA A 509 13.17 -32.44 -18.10
C ALA A 509 14.62 -32.92 -18.00
N TYR A 510 15.29 -33.01 -19.15
CA TYR A 510 16.68 -33.44 -19.16
C TYR A 510 17.56 -32.45 -18.39
N GLU A 511 17.33 -31.16 -18.61
CA GLU A 511 18.11 -30.14 -17.94
C GLU A 511 17.82 -30.14 -16.43
N HIS A 512 16.56 -30.38 -16.06
CA HIS A 512 16.20 -30.49 -14.65
C HIS A 512 16.96 -31.63 -13.98
N GLN A 513 16.92 -32.82 -14.57
CA GLN A 513 17.65 -33.97 -14.05
C GLN A 513 19.16 -33.75 -14.07
N LYS A 514 19.63 -33.03 -15.08
CA LYS A 514 21.06 -32.74 -15.22
C LYS A 514 21.55 -31.85 -14.09
N LEU A 515 20.78 -30.81 -13.79
CA LEU A 515 21.14 -29.87 -12.75
C LEU A 515 21.17 -30.56 -11.39
N ALA A 516 20.20 -31.45 -11.14
CA ALA A 516 20.15 -32.19 -9.88
C ALA A 516 21.35 -33.12 -9.71
N LYS A 517 21.73 -33.82 -10.78
CA LYS A 517 22.92 -34.66 -10.73
C LYS A 517 24.16 -33.85 -10.37
N GLU A 518 24.38 -32.73 -11.06
CA GLU A 518 25.55 -31.90 -10.82
C GLU A 518 25.50 -31.20 -9.47
N VAL A 519 24.33 -30.78 -9.02
CA VAL A 519 24.32 -30.01 -7.78
C VAL A 519 24.41 -30.90 -6.54
N ALA A 520 24.24 -32.21 -6.73
CA ALA A 520 24.38 -33.14 -5.60
C ALA A 520 25.79 -33.08 -5.02
N ALA A 521 26.77 -32.68 -5.84
CA ALA A 521 28.15 -32.56 -5.39
C ALA A 521 28.30 -31.55 -4.25
N PHE A 522 27.40 -30.57 -4.20
CA PHE A 522 27.41 -29.54 -3.18
C PHE A 522 26.36 -29.81 -2.09
N ASP A 523 25.20 -30.31 -2.50
CA ASP A 523 24.08 -30.50 -1.58
C ASP A 523 24.38 -31.60 -0.56
N ALA A 524 25.11 -32.63 -0.97
CA ALA A 524 25.44 -33.71 -0.05
C ALA A 524 26.41 -33.24 1.06
N PRO A 525 27.55 -32.61 0.70
CA PRO A 525 28.39 -32.08 1.80
C PRO A 525 27.65 -31.05 2.67
N LEU A 526 26.79 -30.27 2.04
CA LEU A 526 26.00 -29.27 2.75
C LEU A 526 25.11 -29.93 3.81
N ALA A 527 24.41 -30.98 3.42
CA ALA A 527 23.54 -31.69 4.37
C ALA A 527 24.33 -32.33 5.50
N ALA A 528 25.47 -32.96 5.18
CA ALA A 528 26.31 -33.55 6.21
C ALA A 528 26.80 -32.47 7.20
N ALA A 529 27.15 -31.30 6.69
CA ALA A 529 27.64 -30.24 7.57
C ALA A 529 26.52 -29.69 8.44
N GLN A 530 25.31 -29.62 7.88
CA GLN A 530 24.16 -29.16 8.63
C GLN A 530 23.87 -30.10 9.79
N ARG A 531 23.97 -31.40 9.53
CA ARG A 531 23.76 -32.41 10.55
C ARG A 531 24.75 -32.25 11.72
N SER A 532 26.00 -31.98 11.37
CA SER A 532 27.05 -31.80 12.37
C SER A 532 26.82 -30.53 13.17
N TYR A 533 26.45 -29.46 12.47
CA TYR A 533 26.16 -28.19 13.11
C TYR A 533 24.96 -28.28 14.07
N VAL A 534 23.84 -28.84 13.61
CA VAL A 534 22.69 -28.97 14.47
C VAL A 534 23.00 -29.93 15.64
N ALA A 535 23.88 -30.91 15.41
CA ALA A 535 24.24 -31.83 16.49
C ALA A 535 24.96 -31.07 17.60
N SER A 536 25.70 -30.04 17.24
CA SER A 536 26.34 -29.20 18.25
C SER A 536 25.31 -28.35 18.97
N VAL A 537 24.36 -27.82 18.21
CA VAL A 537 23.29 -27.02 18.82
C VAL A 537 22.53 -27.90 19.82
N LEU A 538 22.28 -29.16 19.44
CA LEU A 538 21.63 -30.10 20.35
C LEU A 538 22.45 -30.38 21.61
N ASP A 539 23.78 -30.50 21.45
CA ASP A 539 24.68 -30.74 22.59
C ASP A 539 24.70 -29.53 23.51
N MET A 540 24.56 -28.35 22.91
CA MET A 540 24.59 -27.10 23.65
C MET A 540 23.27 -26.86 24.39
N LYS A 541 22.14 -27.01 23.68
CA LYS A 541 20.83 -26.64 24.21
C LYS A 541 20.11 -27.79 24.90
N GLY A 542 20.40 -29.02 24.49
CA GLY A 542 19.65 -30.17 24.96
C GLY A 542 18.38 -30.37 24.16
N GLN A 543 18.10 -31.61 23.79
CA GLN A 543 16.93 -31.92 22.97
C GLN A 543 15.57 -31.54 23.61
N PRO A 544 15.37 -31.79 24.93
CA PRO A 544 14.02 -31.53 25.45
C PRO A 544 13.55 -30.08 25.32
N ASN A 545 14.48 -29.12 25.33
CA ASN A 545 14.12 -27.71 25.25
C ASN A 545 14.35 -27.05 23.88
N LEU A 546 14.62 -27.86 22.87
CA LEU A 546 14.86 -27.31 21.53
C LEU A 546 13.84 -27.86 20.56
N ALA A 547 12.99 -26.99 20.04
CA ALA A 547 12.03 -27.41 19.02
C ALA A 547 12.78 -27.57 17.70
N PRO A 548 12.56 -28.70 17.01
CA PRO A 548 13.23 -28.89 15.72
C PRO A 548 12.52 -28.09 14.62
N ASP A 549 13.16 -27.95 13.47
CA ASP A 549 12.49 -27.35 12.31
C ASP A 549 11.22 -28.11 11.97
N ALA A 550 10.22 -27.39 11.45
CA ALA A 550 9.02 -28.03 10.89
C ALA A 550 9.42 -28.95 9.74
N ASN A 551 8.70 -30.06 9.58
CA ASN A 551 8.93 -31.02 8.49
C ASN A 551 7.62 -31.75 8.16
N LEU A 552 6.51 -31.01 8.23
CA LEU A 552 5.17 -31.51 7.91
C LEU A 552 4.75 -32.66 8.82
N THR A 553 5.12 -32.55 10.09
CA THR A 553 4.61 -33.49 11.08
C THR A 553 3.93 -32.70 12.19
N LEU A 554 3.14 -33.41 13.01
CA LEU A 554 2.32 -32.80 14.05
C LEU A 554 3.15 -32.08 15.13
N ARG A 555 2.80 -30.83 15.39
CA ARG A 555 3.49 -29.99 16.36
C ARG A 555 2.46 -29.21 17.16
N PHE A 556 2.83 -28.73 18.35
CA PHE A 556 1.99 -27.72 18.96
C PHE A 556 2.78 -26.44 19.17
N THR A 557 2.05 -25.33 19.19
CA THR A 557 2.59 -24.03 19.54
C THR A 557 1.53 -23.35 20.40
N TYR A 558 1.95 -22.44 21.26
CA TYR A 558 1.01 -21.76 22.12
C TYR A 558 1.46 -20.31 22.31
N GLY A 559 0.55 -19.48 22.79
CA GLY A 559 0.83 -18.07 22.99
C GLY A 559 -0.41 -17.39 23.55
N GLU A 560 -0.57 -16.11 23.26
CA GLU A 560 -1.78 -15.43 23.69
C GLU A 560 -2.34 -14.58 22.55
N ILE A 561 -3.63 -14.27 22.66
CA ILE A 561 -4.30 -13.36 21.73
C ILE A 561 -3.81 -11.93 22.00
N LYS A 562 -3.22 -11.31 20.98
CA LYS A 562 -2.47 -10.07 21.20
C LYS A 562 -2.16 -9.41 19.86
N GLY A 563 -2.36 -8.09 19.80
CA GLY A 563 -1.97 -7.30 18.65
C GLY A 563 -0.50 -6.92 18.78
N TYR A 564 -0.08 -5.87 18.08
CA TYR A 564 1.33 -5.47 18.06
C TYR A 564 1.51 -4.13 17.39
N GLN A 565 2.74 -3.62 17.44
CA GLN A 565 3.08 -2.38 16.77
C GLN A 565 3.93 -2.63 15.53
N PRO A 566 3.31 -2.57 14.34
CA PRO A 566 3.98 -2.87 13.07
C PRO A 566 5.07 -1.88 12.76
N ARG A 567 4.86 -0.63 13.14
CA ARG A 567 5.78 0.43 12.74
C ARG A 567 5.47 1.66 13.57
N ASP A 568 6.33 2.68 13.45
CA ASP A 568 6.22 3.93 14.17
C ASP A 568 4.83 4.57 13.99
N VAL A 569 4.25 5.05 15.09
CA VAL A 569 2.92 5.70 15.16
C VAL A 569 1.76 4.71 15.07
N VAL A 570 2.00 3.51 14.57
CA VAL A 570 0.89 2.60 14.34
C VAL A 570 0.78 1.45 15.36
N THR A 571 -0.45 1.19 15.82
CA THR A 571 -0.75 0.05 16.69
C THR A 571 -1.89 -0.77 16.06
N TYR A 572 -1.72 -2.09 15.99
CA TYR A 572 -2.79 -2.99 15.55
C TYR A 572 -3.42 -3.71 16.74
N GLY A 573 -4.75 -3.67 16.85
CA GLY A 573 -5.44 -4.42 17.88
C GLY A 573 -5.44 -5.92 17.54
N ALA A 574 -5.94 -6.74 18.45
CA ALA A 574 -5.89 -8.17 18.27
C ALA A 574 -7.12 -8.76 17.56
N LYS A 575 -8.16 -7.97 17.33
CA LYS A 575 -9.44 -8.51 16.83
C LYS A 575 -10.07 -7.65 15.74
N SER A 576 -10.49 -8.29 14.65
CA SER A 576 -11.13 -7.55 13.55
C SER A 576 -12.62 -7.78 13.54
N THR A 577 -13.37 -6.86 12.93
CA THR A 577 -14.83 -6.94 12.86
C THR A 577 -15.38 -6.77 11.44
N LEU A 578 -16.67 -7.01 11.28
CA LEU A 578 -17.35 -6.93 9.97
C LEU A 578 -17.32 -5.53 9.38
N GLU A 579 -17.30 -4.53 10.25
CA GLU A 579 -17.17 -3.15 9.84
C GLU A 579 -15.94 -2.92 8.95
N GLY A 580 -14.86 -3.64 9.24
CA GLY A 580 -13.63 -3.56 8.45
C GLY A 580 -13.79 -4.13 7.05
N VAL A 581 -14.68 -5.13 6.90
CA VAL A 581 -15.07 -5.62 5.60
C VAL A 581 -15.78 -4.50 4.83
N MET A 582 -16.68 -3.79 5.51
CA MET A 582 -17.47 -2.76 4.84
C MET A 582 -16.61 -1.54 4.48
N GLU A 583 -15.60 -1.27 5.29
CA GLU A 583 -14.65 -0.21 4.98
C GLU A 583 -13.87 -0.55 3.71
N LYS A 584 -13.55 -1.82 3.55
CA LYS A 584 -12.78 -2.26 2.38
C LYS A 584 -13.60 -2.50 1.12
N GLU A 585 -14.94 -2.50 1.24
CA GLU A 585 -15.78 -2.82 0.08
C GLU A 585 -15.56 -1.91 -1.10
N ASP A 586 -15.43 -2.52 -2.28
CA ASP A 586 -15.24 -1.77 -3.52
C ASP A 586 -15.73 -2.62 -4.69
N PRO A 587 -16.91 -2.30 -5.23
CA PRO A 587 -17.58 -3.08 -6.28
C PRO A 587 -16.71 -3.26 -7.53
N ASN A 588 -15.82 -2.31 -7.79
CA ASN A 588 -15.01 -2.33 -9.02
C ASN A 588 -13.65 -3.03 -8.85
N ASN A 589 -13.35 -3.43 -7.61
CA ASN A 589 -12.13 -4.19 -7.34
C ASN A 589 -12.48 -5.63 -7.01
N TRP A 590 -12.11 -6.54 -7.91
CA TRP A 590 -12.52 -7.94 -7.83
C TRP A 590 -12.24 -8.60 -6.48
N GLU A 591 -11.20 -8.16 -5.78
CA GLU A 591 -10.87 -8.84 -4.54
C GLU A 591 -11.59 -8.23 -3.32
N TYR A 592 -12.23 -7.08 -3.51
CA TYR A 592 -12.91 -6.43 -2.38
C TYR A 592 -14.41 -6.34 -2.61
N VAL A 593 -14.94 -7.19 -3.47
CA VAL A 593 -16.38 -7.23 -3.67
C VAL A 593 -17.00 -7.82 -2.41
N VAL A 594 -18.18 -7.32 -2.05
CA VAL A 594 -18.86 -7.81 -0.85
C VAL A 594 -20.21 -8.36 -1.24
N ASP A 595 -20.49 -9.57 -0.78
CA ASP A 595 -21.77 -10.17 -1.10
C ASP A 595 -22.91 -9.35 -0.51
N PRO A 596 -23.94 -9.04 -1.33
CA PRO A 596 -25.08 -8.22 -0.89
C PRO A 596 -25.75 -8.73 0.38
N LYS A 597 -25.87 -10.05 0.48
CA LYS A 597 -26.44 -10.66 1.68
C LYS A 597 -25.60 -10.36 2.92
N LEU A 598 -24.29 -10.46 2.80
CA LEU A 598 -23.41 -10.13 3.93
C LEU A 598 -23.59 -8.68 4.36
N LYS A 599 -23.68 -7.78 3.39
CA LYS A 599 -23.89 -6.37 3.68
C LYS A 599 -25.27 -6.14 4.33
N ALA A 600 -26.29 -6.87 3.86
CA ALA A 600 -27.64 -6.77 4.46
C ALA A 600 -27.62 -7.18 5.94
N LEU A 601 -26.91 -8.25 6.26
CA LEU A 601 -26.76 -8.70 7.63
C LEU A 601 -26.11 -7.61 8.46
N TYR A 602 -25.02 -7.06 7.93
CA TYR A 602 -24.27 -6.03 8.63
C TYR A 602 -25.18 -4.82 8.90
N GLU A 603 -25.92 -4.39 7.89
CA GLU A 603 -26.78 -3.22 8.03
C GLU A 603 -27.95 -3.49 8.99
N ALA A 604 -28.38 -4.74 9.07
CA ALA A 604 -29.45 -5.11 9.99
C ALA A 604 -28.92 -5.50 11.37
N LYS A 605 -27.60 -5.57 11.51
CA LYS A 605 -26.97 -6.07 12.74
C LYS A 605 -27.52 -7.44 13.15
N ASN A 606 -27.93 -8.23 12.16
CA ASN A 606 -28.49 -9.55 12.42
C ASN A 606 -27.41 -10.60 12.70
N TYR A 607 -26.89 -10.59 13.92
CA TYR A 607 -25.74 -11.42 14.28
C TYR A 607 -26.05 -12.57 15.24
N GLY A 608 -27.32 -12.74 15.60
CA GLY A 608 -27.70 -13.69 16.63
C GLY A 608 -26.82 -13.61 17.87
N ARG A 609 -26.43 -14.76 18.39
CA ARG A 609 -25.56 -14.83 19.56
C ARG A 609 -24.06 -14.76 19.23
N TYR A 610 -23.70 -14.45 17.99
CA TYR A 610 -22.29 -14.51 17.56
C TYR A 610 -21.52 -13.21 17.73
N ALA A 611 -22.23 -12.14 18.10
CA ALA A 611 -21.62 -10.82 18.21
C ALA A 611 -20.66 -10.73 19.39
N ASN A 612 -19.74 -9.76 19.33
CA ASN A 612 -18.92 -9.39 20.49
C ASN A 612 -19.83 -8.81 21.55
N SER A 613 -19.31 -8.69 22.76
CA SER A 613 -20.10 -8.09 23.84
C SER A 613 -20.40 -6.61 23.54
N ASP A 614 -19.54 -5.93 22.78
CA ASP A 614 -19.83 -4.53 22.39
C ASP A 614 -20.73 -4.41 21.17
N GLY A 615 -21.30 -5.52 20.71
CA GLY A 615 -22.25 -5.47 19.61
C GLY A 615 -21.66 -5.53 18.20
N SER A 616 -20.35 -5.36 18.07
CA SER A 616 -19.70 -5.56 16.78
C SER A 616 -19.69 -7.05 16.43
N MET A 617 -19.60 -7.36 15.15
CA MET A 617 -19.53 -8.74 14.70
C MET A 617 -18.08 -9.17 14.49
N PRO A 618 -17.59 -10.18 15.23
CA PRO A 618 -16.17 -10.59 15.12
C PRO A 618 -15.87 -11.24 13.79
N VAL A 619 -14.67 -11.02 13.27
CA VAL A 619 -14.26 -11.67 12.03
C VAL A 619 -12.97 -12.51 12.18
N ASN A 620 -11.85 -11.85 12.48
CA ASN A 620 -10.57 -12.54 12.76
C ASN A 620 -9.95 -12.11 14.09
N PHE A 621 -8.95 -12.86 14.56
CA PHE A 621 -8.09 -12.35 15.60
C PHE A 621 -6.67 -12.84 15.38
N CYS A 622 -5.70 -12.29 16.11
CA CYS A 622 -4.33 -12.75 15.96
C CYS A 622 -3.70 -13.10 17.31
N ALA A 623 -2.68 -13.94 17.27
CA ALA A 623 -2.11 -14.51 18.48
C ALA A 623 -0.60 -14.70 18.31
N THR A 624 0.10 -14.80 19.44
CA THR A 624 1.56 -14.87 19.45
C THR A 624 2.09 -16.27 19.20
N THR A 625 1.25 -17.14 18.65
CA THR A 625 1.68 -18.50 18.35
C THR A 625 2.66 -18.50 17.18
N HIS A 626 3.47 -19.55 17.11
CA HIS A 626 4.47 -19.73 16.05
C HIS A 626 3.98 -20.73 15.01
N THR A 627 3.41 -20.22 13.91
CA THR A 627 2.96 -21.06 12.79
C THR A 627 3.72 -20.82 11.50
N THR A 628 3.56 -21.76 10.56
CA THR A 628 4.06 -21.57 9.21
C THR A 628 3.19 -22.35 8.23
N GLY A 629 3.53 -22.25 6.94
CA GLY A 629 2.80 -22.95 5.89
C GLY A 629 2.64 -24.42 6.26
N GLY A 630 1.42 -24.93 6.10
CA GLY A 630 1.06 -26.26 6.60
C GLY A 630 0.12 -26.13 7.81
N ASN A 631 0.26 -25.04 8.57
CA ASN A 631 -0.61 -24.78 9.72
C ASN A 631 -1.98 -24.19 9.35
N ALA A 632 -2.20 -23.91 8.07
CA ALA A 632 -3.52 -23.49 7.62
C ALA A 632 -4.55 -24.55 7.99
N GLY A 633 -5.66 -24.12 8.58
CA GLY A 633 -6.71 -25.05 9.00
C GLY A 633 -6.51 -25.62 10.40
N SER A 634 -5.42 -25.23 11.06
CA SER A 634 -5.10 -25.74 12.40
C SER A 634 -6.13 -25.27 13.41
N PRO A 635 -6.56 -26.17 14.30
CA PRO A 635 -7.43 -25.74 15.39
C PRO A 635 -6.70 -24.80 16.34
N VAL A 636 -7.38 -23.72 16.69
CA VAL A 636 -6.95 -22.85 17.75
C VAL A 636 -7.87 -23.06 18.92
N MET A 637 -7.30 -23.50 20.03
CA MET A 637 -8.07 -23.86 21.19
C MET A 637 -7.78 -22.94 22.36
N ASN A 638 -8.74 -22.83 23.27
CA ASN A 638 -8.60 -22.00 24.46
C ASN A 638 -7.95 -22.81 25.59
N ALA A 639 -7.94 -22.24 26.78
CA ALA A 639 -7.25 -22.86 27.91
C ALA A 639 -7.84 -24.23 28.31
N ARG A 640 -9.04 -24.53 27.83
CA ARG A 640 -9.68 -25.80 28.15
C ARG A 640 -9.78 -26.75 26.96
N GLY A 641 -9.03 -26.48 25.90
CA GLY A 641 -9.01 -27.33 24.73
C GLY A 641 -10.24 -27.28 23.85
N GLU A 642 -11.02 -26.21 23.99
CA GLU A 642 -12.18 -26.00 23.13
C GLU A 642 -11.81 -25.09 21.97
N LEU A 643 -12.48 -25.30 20.84
CA LEU A 643 -12.16 -24.59 19.62
C LEU A 643 -12.71 -23.16 19.63
N ILE A 644 -11.82 -22.19 19.45
CA ILE A 644 -12.21 -20.78 19.41
C ILE A 644 -11.86 -20.18 18.06
N GLY A 645 -11.19 -20.96 17.21
CA GLY A 645 -10.77 -20.42 15.93
C GLY A 645 -10.09 -21.40 15.01
N LEU A 646 -9.85 -20.98 13.77
CA LEU A 646 -9.04 -21.76 12.82
C LEU A 646 -7.91 -20.90 12.28
N ASN A 647 -6.67 -21.34 12.45
CA ASN A 647 -5.53 -20.64 11.87
C ASN A 647 -5.62 -20.59 10.36
N PHE A 648 -5.26 -19.47 9.71
CA PHE A 648 -5.12 -19.53 8.24
C PHE A 648 -3.96 -18.76 7.63
N ASP A 649 -3.31 -17.90 8.42
CA ASP A 649 -2.22 -17.07 7.87
C ASP A 649 -1.29 -16.59 8.97
N ARG A 650 -0.33 -15.78 8.56
CA ARG A 650 0.72 -15.21 9.39
C ARG A 650 0.82 -13.77 8.93
N ASN A 651 1.13 -12.83 9.82
CA ASN A 651 1.20 -11.43 9.41
C ASN A 651 2.46 -11.07 8.60
N TRP A 652 2.39 -9.94 7.90
CA TRP A 652 3.46 -9.47 7.03
C TRP A 652 4.80 -9.42 7.76
N GLU A 653 4.77 -8.77 8.91
CA GLU A 653 5.99 -8.55 9.67
C GLU A 653 6.54 -9.88 10.21
N GLY A 654 5.73 -10.93 10.15
CA GLY A 654 6.11 -12.22 10.71
C GLY A 654 6.46 -13.28 9.70
N VAL A 655 6.56 -12.89 8.43
CA VAL A 655 6.78 -13.87 7.39
C VAL A 655 8.16 -14.51 7.59
N GLY A 656 9.12 -13.72 8.04
CA GLY A 656 10.48 -14.20 8.23
C GLY A 656 10.63 -15.14 9.42
N GLY A 657 9.50 -15.53 10.01
CA GLY A 657 9.47 -16.43 11.15
C GLY A 657 9.93 -17.84 10.86
N ASP A 658 10.00 -18.21 9.58
CA ASP A 658 10.66 -19.46 9.23
C ASP A 658 12.19 -19.39 9.48
N ILE A 659 12.73 -18.20 9.61
CA ILE A 659 14.16 -18.04 9.93
C ILE A 659 14.37 -17.76 11.43
N GLU A 660 13.60 -16.80 11.93
CA GLU A 660 13.65 -16.47 13.34
C GLU A 660 12.26 -16.01 13.81
N TYR A 661 11.72 -16.68 14.81
CA TYR A 661 10.51 -16.16 15.46
C TYR A 661 10.81 -14.84 16.19
N LEU A 662 10.01 -13.81 15.93
CA LEU A 662 10.19 -12.50 16.59
C LEU A 662 8.96 -12.14 17.40
N PRO A 663 9.05 -12.20 18.74
CA PRO A 663 7.86 -12.09 19.59
C PRO A 663 7.10 -10.76 19.44
N ASN A 664 7.78 -9.71 18.99
CA ASN A 664 7.12 -8.42 18.92
C ASN A 664 6.56 -8.17 17.54
N TYR A 665 6.77 -9.09 16.61
CA TYR A 665 6.26 -8.84 15.26
C TYR A 665 5.46 -9.98 14.67
N GLN A 666 5.68 -11.20 15.15
CA GLN A 666 5.05 -12.34 14.53
C GLN A 666 3.71 -12.68 15.22
N ARG A 667 2.67 -12.77 14.40
CA ARG A 667 1.35 -13.17 14.87
C ARG A 667 0.71 -14.14 13.89
N SER A 668 0.16 -15.25 14.38
CA SER A 668 -0.75 -16.09 13.58
C SER A 668 -2.06 -15.33 13.32
N ILE A 669 -2.62 -15.47 12.13
CA ILE A 669 -3.88 -14.82 11.82
C ILE A 669 -4.97 -15.89 11.74
N ILE A 670 -6.01 -15.69 12.54
CA ILE A 670 -6.98 -16.73 12.89
C ILE A 670 -8.43 -16.34 12.58
N LEU A 671 -9.16 -17.27 12.00
CA LEU A 671 -10.59 -17.09 11.78
C LEU A 671 -11.32 -17.28 13.11
N ASP A 672 -12.03 -16.25 13.55
CA ASP A 672 -12.83 -16.35 14.78
C ASP A 672 -13.93 -17.40 14.54
N ILE A 673 -14.01 -18.41 15.38
CA ILE A 673 -15.03 -19.46 15.19
C ILE A 673 -16.46 -18.86 15.17
N ARG A 674 -16.65 -17.72 15.81
CA ARG A 674 -17.98 -17.12 15.81
C ARG A 674 -18.39 -16.62 14.42
N TYR A 675 -17.43 -16.09 13.66
CA TYR A 675 -17.70 -15.66 12.28
C TYR A 675 -18.03 -16.85 11.39
N LEU A 676 -17.28 -17.94 11.59
CA LEU A 676 -17.57 -19.16 10.84
C LEU A 676 -19.02 -19.60 11.09
N LEU A 677 -19.46 -19.54 12.35
CA LEU A 677 -20.80 -20.02 12.68
C LEU A 677 -21.83 -19.03 12.13
N PHE A 678 -21.52 -17.74 12.22
CA PHE A 678 -22.37 -16.68 11.69
C PHE A 678 -22.59 -16.88 10.20
N ILE A 679 -21.52 -17.16 9.45
CA ILE A 679 -21.65 -17.38 8.01
C ILE A 679 -22.48 -18.62 7.69
N ILE A 680 -22.20 -19.72 8.38
CA ILE A 680 -23.05 -20.91 8.22
C ILE A 680 -24.53 -20.60 8.53
N ASP A 681 -24.74 -19.76 9.55
CA ASP A 681 -26.09 -19.62 10.13
C ASP A 681 -26.89 -18.51 9.45
N LYS A 682 -26.46 -17.27 9.66
CA LYS A 682 -27.17 -16.11 9.15
C LYS A 682 -26.97 -15.92 7.65
N PHE A 683 -25.76 -16.22 7.16
CA PHE A 683 -25.49 -15.99 5.74
C PHE A 683 -26.03 -17.12 4.86
N ALA A 684 -25.65 -18.35 5.16
CA ALA A 684 -26.08 -19.48 4.34
C ALA A 684 -27.38 -20.14 4.80
N GLY A 685 -27.72 -20.01 6.08
CA GLY A 685 -28.90 -20.69 6.59
C GLY A 685 -28.79 -22.20 6.55
N CYS A 686 -27.57 -22.73 6.62
CA CYS A 686 -27.39 -24.19 6.61
C CYS A 686 -27.50 -24.72 8.04
N GLN A 687 -28.73 -24.78 8.55
CA GLN A 687 -28.99 -25.06 9.94
C GLN A 687 -28.38 -26.37 10.44
N ARG A 688 -28.42 -27.41 9.61
CA ARG A 688 -28.00 -28.74 10.01
C ARG A 688 -26.52 -28.77 10.46
N LEU A 689 -25.71 -27.85 9.95
CA LEU A 689 -24.29 -27.85 10.29
C LEU A 689 -24.06 -27.19 11.64
N ILE A 690 -24.82 -26.12 11.91
CA ILE A 690 -24.84 -25.52 13.24
C ILE A 690 -25.28 -26.57 14.24
N ASP A 691 -26.33 -27.30 13.88
CA ASP A 691 -26.85 -28.36 14.74
C ASP A 691 -25.79 -29.42 15.03
N GLU A 692 -25.00 -29.79 14.03
CA GLU A 692 -24.04 -30.86 14.19
C GLU A 692 -22.82 -30.40 14.98
N ILE A 693 -22.38 -29.17 14.70
CA ILE A 693 -21.23 -28.62 15.36
C ILE A 693 -21.47 -28.40 16.86
N GLN A 694 -22.72 -28.11 17.22
CA GLN A 694 -23.10 -27.90 18.63
C GLN A 694 -22.24 -26.89 19.35
N PRO A 695 -22.21 -25.64 18.85
CA PRO A 695 -21.42 -24.62 19.53
C PRO A 695 -21.90 -24.41 20.96
N GLN A 696 -20.96 -24.20 21.87
CA GLN A 696 -21.30 -24.00 23.27
C GLN A 696 -21.24 -22.51 23.63
N PHE A 697 -22.32 -22.03 24.22
CA PHE A 697 -22.38 -20.66 24.73
C PHE A 697 -22.35 -20.67 26.25
N ASP B 2 -13.44 20.88 17.22
CA ASP B 2 -14.37 21.71 16.44
C ASP B 2 -13.60 22.40 15.31
N GLY B 3 -14.22 22.54 14.16
CA GLY B 3 -13.53 23.16 13.04
C GLY B 3 -13.77 24.66 12.99
N GLY B 4 -13.52 25.25 11.84
CA GLY B 4 -13.69 26.68 11.71
C GLY B 4 -12.35 27.41 11.57
N MET B 5 -12.26 28.24 10.54
CA MET B 5 -11.12 29.11 10.34
C MET B 5 -11.54 30.52 10.73
N TRP B 6 -11.28 30.85 11.99
CA TRP B 6 -11.83 32.02 12.62
C TRP B 6 -11.15 33.30 12.20
N LEU B 7 -11.96 34.33 11.95
CA LEU B 7 -11.46 35.67 11.72
C LEU B 7 -10.67 36.13 12.93
N MET B 8 -9.59 36.87 12.72
CA MET B 8 -8.86 37.46 13.84
C MET B 8 -9.81 38.28 14.73
N GLN B 9 -10.77 39.01 14.13
CA GLN B 9 -11.77 39.78 14.91
C GLN B 9 -12.70 38.91 15.77
N GLN B 10 -12.72 37.61 15.52
CA GLN B 10 -13.61 36.73 16.25
C GLN B 10 -12.98 36.08 17.47
N ILE B 11 -11.73 36.46 17.78
CA ILE B 11 -11.03 35.86 18.89
C ILE B 11 -11.83 36.04 20.20
N ASN B 12 -12.46 37.18 20.38
CA ASN B 12 -13.22 37.43 21.61
C ASN B 12 -14.34 36.40 21.79
N GLY B 13 -14.96 35.99 20.68
CA GLY B 13 -15.98 34.96 20.73
C GLY B 13 -15.46 33.54 20.93
N GLN B 14 -14.16 33.33 20.72
CA GLN B 14 -13.58 31.99 20.85
C GLN B 14 -12.74 31.79 22.09
N VAL B 15 -12.33 32.88 22.72
CA VAL B 15 -11.28 32.80 23.74
C VAL B 15 -11.70 31.99 24.95
N ALA B 16 -12.97 32.11 25.35
CA ALA B 16 -13.49 31.38 26.51
C ALA B 16 -13.41 29.87 26.28
N ARG B 17 -13.85 29.43 25.11
CA ARG B 17 -13.75 28.02 24.77
C ARG B 17 -12.28 27.58 24.66
N MET B 18 -11.45 28.42 24.06
CA MET B 18 -10.03 28.11 23.93
C MET B 18 -9.37 27.91 25.29
N LYS B 19 -9.69 28.79 26.24
CA LYS B 19 -9.17 28.66 27.61
C LYS B 19 -9.71 27.42 28.34
N SER B 20 -10.93 27.00 28.05
CA SER B 20 -11.45 25.78 28.65
C SER B 20 -10.68 24.57 28.12
N LEU B 21 -10.10 24.71 26.94
CA LEU B 21 -9.28 23.66 26.36
C LEU B 21 -7.81 23.78 26.77
N GLY B 22 -7.53 24.63 27.74
CA GLY B 22 -6.19 24.74 28.28
C GLY B 22 -5.38 25.96 27.87
N MET B 23 -5.90 26.78 26.95
CA MET B 23 -5.15 27.95 26.51
C MET B 23 -4.95 28.94 27.66
N GLN B 24 -3.77 29.53 27.72
CA GLN B 24 -3.43 30.47 28.78
C GLN B 24 -3.02 31.84 28.24
N LEU B 25 -3.56 32.19 27.08
CA LEU B 25 -3.35 33.51 26.49
C LEU B 25 -4.60 34.32 26.64
N GLU B 26 -4.47 35.65 26.64
CA GLU B 26 -5.63 36.51 26.48
C GLU B 26 -5.90 36.70 24.99
N ALA B 27 -7.14 37.07 24.66
CA ALA B 27 -7.53 37.36 23.28
C ALA B 27 -6.61 38.41 22.66
N ALA B 28 -6.29 39.44 23.45
CA ALA B 28 -5.45 40.54 22.98
C ALA B 28 -4.06 40.05 22.59
N ASP B 29 -3.60 38.98 23.23
CA ASP B 29 -2.28 38.43 22.93
C ASP B 29 -2.25 37.89 21.52
N ILE B 30 -3.39 37.35 21.07
CA ILE B 30 -3.49 36.75 19.74
C ILE B 30 -3.76 37.79 18.64
N TYR B 31 -4.72 38.66 18.88
CA TYR B 31 -4.99 39.75 17.96
C TYR B 31 -5.30 41.02 18.73
N ASN B 32 -4.51 42.05 18.47
CA ASN B 32 -4.70 43.34 19.12
C ASN B 32 -4.91 44.43 18.06
N PRO B 33 -6.11 45.02 18.01
CA PRO B 33 -6.35 46.08 17.03
C PRO B 33 -5.51 47.34 17.32
N ASN B 34 -5.07 47.48 18.55
CA ASN B 34 -4.42 48.71 18.99
C ASN B 34 -3.05 48.49 19.64
N GLY B 35 -2.29 47.51 19.13
CA GLY B 35 -0.97 47.25 19.66
C GLY B 35 -0.28 46.04 19.04
N SER B 36 0.69 45.50 19.77
CA SER B 36 1.45 44.35 19.32
C SER B 36 0.75 43.04 19.70
N SER B 37 0.70 42.09 18.78
CA SER B 37 0.15 40.76 19.07
C SER B 37 0.71 39.71 18.09
N LEU B 38 0.27 38.47 18.25
CA LEU B 38 0.75 37.37 17.41
C LEU B 38 0.45 37.60 15.92
N LYS B 39 -0.62 38.34 15.65
CA LYS B 39 -0.97 38.79 14.30
C LYS B 39 0.21 39.41 13.54
N ASP B 40 1.10 40.07 14.28
CA ASP B 40 2.24 40.77 13.68
C ASP B 40 3.38 39.84 13.28
N ALA B 41 3.41 38.65 13.86
CA ALA B 41 4.50 37.71 13.62
C ALA B 41 4.12 36.67 12.58
N VAL B 42 2.85 36.66 12.21
CA VAL B 42 2.35 35.61 11.31
C VAL B 42 2.16 36.16 9.92
N VAL B 43 2.84 35.51 8.99
CA VAL B 43 3.25 36.10 7.76
C VAL B 43 2.76 35.37 6.51
N MET B 44 2.35 36.10 5.48
CA MET B 44 2.10 35.43 4.21
C MET B 44 3.38 35.36 3.38
N PHE B 45 3.70 34.16 2.90
CA PHE B 45 4.95 33.88 2.19
C PHE B 45 4.68 33.56 0.73
N ASP B 46 5.18 34.39 -0.18
CA ASP B 46 5.13 34.14 -1.62
C ASP B 46 3.70 33.95 -2.15
N GLY B 47 2.75 34.69 -1.58
CA GLY B 47 1.38 34.67 -2.08
C GLY B 47 0.48 33.52 -1.64
N GLY B 48 1.03 32.35 -1.37
CA GLY B 48 0.20 31.18 -1.12
C GLY B 48 0.62 30.26 0.01
N CYS B 49 1.57 30.72 0.81
CA CYS B 49 2.07 29.99 1.98
C CYS B 49 2.00 30.89 3.21
N THR B 50 2.21 30.27 4.37
CA THR B 50 2.37 31.04 5.62
C THR B 50 3.83 30.96 6.12
N GLY B 51 4.23 31.88 6.98
CA GLY B 51 5.49 31.76 7.67
C GLY B 51 5.37 32.44 9.01
N VAL B 52 6.33 32.22 9.90
CA VAL B 52 6.33 32.87 11.20
C VAL B 52 7.67 33.52 11.52
N LEU B 53 7.62 34.73 12.06
CA LEU B 53 8.80 35.44 12.56
C LEU B 53 9.20 34.93 13.95
N VAL B 54 10.48 34.60 14.14
CA VAL B 54 10.93 33.94 15.38
C VAL B 54 12.14 34.59 16.04
N SER B 55 12.50 35.81 15.63
CA SER B 55 13.60 36.53 16.25
C SER B 55 13.44 38.03 16.08
N ASN B 56 14.18 38.79 16.87
CA ASN B 56 14.13 40.25 16.76
C ASN B 56 14.93 40.74 15.55
N GLN B 57 15.47 39.80 14.77
CA GLN B 57 16.18 40.13 13.55
C GLN B 57 15.47 39.65 12.28
N GLY B 58 14.19 39.30 12.40
CA GLY B 58 13.38 39.04 11.23
C GLY B 58 13.54 37.64 10.65
N LEU B 59 14.10 36.72 11.44
CA LEU B 59 14.21 35.33 11.00
C LEU B 59 12.81 34.73 10.75
N LEU B 60 12.67 34.01 9.65
CA LEU B 60 11.38 33.56 9.16
C LEU B 60 11.41 32.06 8.89
N LEU B 61 10.54 31.32 9.57
CA LEU B 61 10.34 29.91 9.31
C LEU B 61 9.10 29.68 8.44
N THR B 62 9.22 28.79 7.48
CA THR B 62 8.14 28.37 6.60
C THR B 62 8.48 26.93 6.22
N ASN B 63 7.73 26.31 5.30
CA ASN B 63 8.04 24.94 4.90
C ASN B 63 9.18 24.85 3.88
N HIS B 64 9.78 23.66 3.78
CA HIS B 64 10.66 23.34 2.67
C HIS B 64 9.93 23.52 1.32
N HIS B 65 8.75 22.93 1.19
CA HIS B 65 8.08 23.00 -0.11
C HIS B 65 7.61 24.42 -0.42
N CYS B 66 7.48 25.30 0.57
CA CYS B 66 7.15 26.70 0.31
C CYS B 66 8.34 27.48 -0.27
N GLY B 67 9.55 27.15 0.17
CA GLY B 67 10.73 27.82 -0.33
C GLY B 67 11.48 27.05 -1.40
N TYR B 68 10.86 25.97 -1.92
CA TYR B 68 11.50 25.07 -2.86
C TYR B 68 12.16 25.77 -4.06
N ASP B 69 11.41 26.60 -4.76
CA ASP B 69 11.90 27.22 -5.99
C ASP B 69 13.03 28.19 -5.75
N GLN B 70 12.96 28.92 -4.64
CA GLN B 70 14.07 29.78 -4.27
C GLN B 70 15.32 28.91 -4.03
N ILE B 71 15.16 27.79 -3.32
CA ILE B 71 16.26 26.83 -3.12
C ILE B 71 16.82 26.32 -4.45
N GLN B 72 15.91 25.90 -5.33
CA GLN B 72 16.28 25.40 -6.65
C GLN B 72 17.08 26.43 -7.45
N LYS B 73 16.54 27.64 -7.54
CA LYS B 73 17.17 28.72 -8.29
C LYS B 73 18.61 28.97 -7.84
N HIS B 74 18.94 28.64 -6.60
CA HIS B 74 20.27 28.90 -6.10
C HIS B 74 21.17 27.65 -6.20
N SER B 75 20.67 26.61 -6.85
CA SER B 75 21.40 25.33 -6.92
C SER B 75 22.12 25.10 -8.25
N SER B 76 23.41 24.74 -8.14
CA SER B 76 24.17 24.20 -9.27
C SER B 76 24.82 22.88 -8.84
N VAL B 77 25.53 22.21 -9.76
CA VAL B 77 26.14 20.92 -9.43
C VAL B 77 27.10 21.11 -8.26
N GLN B 78 27.99 22.08 -8.42
CA GLN B 78 28.68 22.63 -7.30
C GLN B 78 27.65 23.49 -6.56
N HIS B 79 27.66 23.44 -5.24
CA HIS B 79 26.65 24.11 -4.42
C HIS B 79 25.25 23.62 -4.78
N ASN B 80 25.01 22.34 -4.48
CA ASN B 80 23.71 21.73 -4.77
C ASN B 80 22.81 21.79 -3.53
N TYR B 81 22.13 22.91 -3.36
CA TYR B 81 21.36 23.18 -2.16
C TYR B 81 20.07 22.35 -2.13
N LEU B 82 19.52 22.04 -3.29
CA LEU B 82 18.35 21.18 -3.35
C LEU B 82 18.65 19.78 -2.80
N LYS B 83 19.76 19.21 -3.24
CA LYS B 83 20.13 17.88 -2.78
C LYS B 83 20.76 17.93 -1.39
N ASP B 84 21.63 18.91 -1.15
CA ASP B 84 22.48 18.88 0.04
C ASP B 84 22.02 19.80 1.17
N GLY B 85 21.02 20.64 0.92
CA GLY B 85 20.64 21.66 1.87
C GLY B 85 21.53 22.89 1.75
N PHE B 86 21.17 23.95 2.45
CA PHE B 86 21.93 25.20 2.42
C PHE B 86 22.03 25.75 3.81
N TRP B 87 23.20 26.25 4.18
CA TRP B 87 23.37 26.83 5.50
C TRP B 87 24.23 28.07 5.43
N SER B 88 23.69 29.18 5.90
CA SER B 88 24.43 30.44 5.94
C SER B 88 24.95 30.72 7.35
N TYR B 89 26.19 31.18 7.46
CA TYR B 89 26.82 31.33 8.78
C TYR B 89 26.97 32.79 9.19
N SER B 90 26.43 33.69 8.37
CA SER B 90 26.41 35.11 8.66
C SER B 90 25.35 35.81 7.82
N LEU B 91 25.07 37.06 8.17
CA LEU B 91 24.09 37.84 7.42
C LEU B 91 24.49 37.98 5.95
N ALA B 92 25.78 38.20 5.69
CA ALA B 92 26.26 38.42 4.32
C ALA B 92 26.15 37.17 3.45
N GLU B 93 26.02 36.00 4.07
CA GLU B 93 25.94 34.75 3.32
C GLU B 93 24.51 34.43 2.90
N GLU B 94 23.54 35.16 3.42
CA GLU B 94 22.15 34.88 3.11
C GLU B 94 21.85 35.27 1.66
N LEU B 95 21.09 34.46 0.95
CA LEU B 95 20.95 34.61 -0.51
C LEU B 95 19.77 35.46 -0.96
N VAL B 96 20.03 36.40 -1.87
CA VAL B 96 18.98 37.27 -2.38
C VAL B 96 17.98 36.53 -3.27
N ASN B 97 16.69 36.86 -3.14
CA ASN B 97 15.64 36.21 -3.93
C ASN B 97 14.72 37.20 -4.65
N PRO B 98 15.12 37.63 -5.85
CA PRO B 98 14.31 38.59 -6.61
C PRO B 98 12.90 38.09 -6.91
N GLY B 99 11.89 38.87 -6.56
CA GLY B 99 10.53 38.54 -6.86
C GLY B 99 9.80 37.94 -5.67
N LEU B 100 10.58 37.49 -4.70
CA LEU B 100 10.00 36.92 -3.49
C LEU B 100 9.40 38.03 -2.63
N GLU B 101 8.12 37.89 -2.31
CA GLU B 101 7.44 38.85 -1.45
C GLU B 101 6.89 38.17 -0.22
N VAL B 102 6.99 38.87 0.90
CA VAL B 102 6.35 38.45 2.13
C VAL B 102 5.44 39.59 2.60
N GLU B 103 4.27 39.27 3.13
CA GLU B 103 3.35 40.31 3.56
C GLU B 103 3.01 40.19 5.04
N ILE B 104 2.87 41.33 5.71
CA ILE B 104 2.50 41.37 7.11
C ILE B 104 1.26 42.24 7.29
N VAL B 105 0.27 41.74 8.02
CA VAL B 105 -0.94 42.50 8.32
C VAL B 105 -0.63 43.61 9.32
N ASP B 106 -0.78 44.85 8.88
CA ASP B 106 -0.61 46.01 9.75
C ASP B 106 -1.92 46.31 10.46
N GLU B 107 -3.03 46.16 9.75
CA GLU B 107 -4.33 46.50 10.29
C GLU B 107 -5.47 45.82 9.53
N ILE B 108 -6.53 45.49 10.25
CA ILE B 108 -7.72 44.88 9.69
C ILE B 108 -8.88 45.82 9.94
N THR B 109 -9.66 46.10 8.91
CA THR B 109 -10.80 47.01 9.05
C THR B 109 -12.02 46.50 8.30
N ASP B 110 -13.19 46.74 8.89
CA ASP B 110 -14.47 46.37 8.30
C ASP B 110 -14.86 47.46 7.31
N VAL B 111 -14.93 47.11 6.03
CA VAL B 111 -15.27 48.08 5.00
C VAL B 111 -16.53 47.67 4.24
N THR B 112 -17.35 46.85 4.89
CA THR B 112 -18.55 46.29 4.28
C THR B 112 -19.43 47.41 3.71
N ALA B 113 -19.78 48.38 4.56
CA ALA B 113 -20.64 49.48 4.14
C ALA B 113 -20.04 50.30 3.01
N ALA B 114 -18.75 50.62 3.14
CA ALA B 114 -18.05 51.43 2.14
C ALA B 114 -17.98 50.72 0.81
N VAL B 115 -17.63 49.43 0.83
CA VAL B 115 -17.57 48.61 -0.36
C VAL B 115 -18.93 48.49 -1.04
N LYS B 116 -19.97 48.30 -0.23
CA LYS B 116 -21.35 48.22 -0.71
C LYS B 116 -21.77 49.49 -1.43
N LYS B 117 -21.58 50.62 -0.76
CA LYS B 117 -22.02 51.91 -1.28
C LYS B 117 -21.19 52.37 -2.47
N GLU B 118 -20.15 51.60 -2.80
CA GLU B 118 -19.37 51.81 -4.01
C GLU B 118 -19.76 50.78 -5.06
N LEU B 119 -20.12 49.58 -4.59
CA LEU B 119 -20.54 48.50 -5.49
C LEU B 119 -21.94 48.74 -6.06
N GLU B 120 -22.66 49.70 -5.50
CA GLU B 120 -23.98 49.96 -6.00
C GLU B 120 -23.86 50.74 -7.31
N ARG B 121 -24.75 50.43 -8.25
CA ARG B 121 -24.77 51.03 -9.58
C ARG B 121 -23.38 51.15 -10.21
N ILE B 122 -22.78 50.01 -10.50
CA ILE B 122 -21.69 49.94 -11.46
C ILE B 122 -22.36 49.93 -12.84
N LYS B 123 -21.88 50.75 -13.77
CA LYS B 123 -22.50 50.82 -15.10
C LYS B 123 -22.44 49.44 -15.76
N LYS B 124 -23.62 48.88 -16.05
CA LYS B 124 -23.77 47.51 -16.52
C LYS B 124 -23.10 46.53 -15.54
N PRO B 125 -23.74 46.31 -14.38
CA PRO B 125 -23.16 45.43 -13.36
C PRO B 125 -22.91 44.05 -13.93
N SER B 126 -21.66 43.73 -14.21
CA SER B 126 -21.31 42.42 -14.74
C SER B 126 -21.68 41.28 -13.79
N GLY B 127 -21.09 40.13 -14.03
CA GLY B 127 -21.45 38.98 -13.23
C GLY B 127 -20.86 38.91 -11.85
N LEU B 128 -19.57 39.23 -11.74
CA LEU B 128 -18.85 38.85 -10.54
C LEU B 128 -17.94 39.93 -10.00
N GLU B 129 -18.40 41.18 -10.04
CA GLU B 129 -17.58 42.28 -9.52
C GLU B 129 -17.47 42.18 -8.01
N PHE B 130 -18.60 41.93 -7.34
CA PHE B 130 -18.65 42.00 -5.89
C PHE B 130 -17.83 40.88 -5.23
N LEU B 131 -17.41 39.91 -6.03
CA LEU B 131 -16.53 38.86 -5.54
C LEU B 131 -15.07 38.96 -6.01
N SER B 132 -14.80 39.79 -7.02
CA SER B 132 -13.46 39.84 -7.63
C SER B 132 -12.43 40.60 -6.80
N PRO B 133 -11.37 39.89 -6.36
CA PRO B 133 -10.34 40.53 -5.54
C PRO B 133 -9.67 41.69 -6.28
N ARG B 134 -9.58 41.58 -7.60
CA ARG B 134 -8.97 42.61 -8.41
C ARG B 134 -9.77 43.91 -8.36
N TYR B 135 -11.08 43.81 -8.58
CA TYR B 135 -11.92 45.00 -8.56
C TYR B 135 -12.07 45.56 -7.14
N LEU B 136 -12.15 44.68 -6.15
CA LEU B 136 -12.39 45.13 -4.78
C LEU B 136 -11.21 45.94 -4.25
N SER B 137 -10.02 45.39 -4.35
CA SER B 137 -8.83 46.08 -3.86
C SER B 137 -8.55 47.35 -4.66
N SER B 138 -9.10 47.44 -5.87
CA SER B 138 -8.98 48.65 -6.67
C SER B 138 -9.74 49.82 -6.06
N LEU B 139 -10.63 49.53 -5.12
CA LEU B 139 -11.45 50.55 -4.49
C LEU B 139 -10.75 51.20 -3.29
N ALA B 140 -9.53 50.77 -3.02
CA ALA B 140 -8.79 51.24 -1.84
C ALA B 140 -8.52 52.76 -1.82
N PRO B 141 -8.16 53.36 -2.99
CA PRO B 141 -8.02 54.81 -2.91
C PRO B 141 -9.32 55.51 -2.48
N GLU B 142 -10.47 54.94 -2.86
CA GLU B 142 -11.75 55.52 -2.47
C GLU B 142 -12.03 55.38 -0.96
N ILE B 143 -11.46 54.36 -0.36
CA ILE B 143 -11.70 54.09 1.06
C ILE B 143 -10.71 54.82 1.96
N VAL B 144 -9.43 54.74 1.61
CA VAL B 144 -8.38 55.26 2.48
C VAL B 144 -7.56 56.40 1.86
N GLY B 145 -7.92 56.83 0.66
CA GLY B 145 -7.23 57.94 0.00
C GLY B 145 -5.91 57.54 -0.62
N LYS B 146 -5.35 58.43 -1.44
CA LYS B 146 -4.05 58.16 -2.08
C LYS B 146 -2.90 58.19 -1.08
N LYS B 147 -2.97 57.28 -0.11
CA LYS B 147 -1.85 56.82 0.70
C LYS B 147 -1.94 55.31 0.54
N ALA B 148 -2.95 54.91 -0.22
CA ALA B 148 -3.06 53.58 -0.78
C ALA B 148 -2.24 53.53 -2.05
N ALA B 149 -1.70 52.36 -2.37
CA ALA B 149 -0.91 52.16 -3.60
C ALA B 149 0.26 53.15 -3.67
N SER B 150 -0.07 54.44 -3.48
CA SER B 150 0.91 55.50 -3.38
C SER B 150 2.04 55.13 -2.42
N ARG B 151 1.71 54.58 -1.26
CA ARG B 151 2.74 54.21 -0.29
C ARG B 151 3.46 52.95 -0.73
N PRO B 152 4.76 53.10 -1.07
CA PRO B 152 5.58 52.07 -1.71
C PRO B 152 5.59 50.71 -1.03
N GLY B 153 5.77 50.67 0.29
CA GLY B 153 5.86 49.38 0.97
C GLY B 153 4.54 48.84 1.48
N TYR B 154 3.43 49.34 0.93
CA TYR B 154 2.12 48.95 1.42
C TYR B 154 1.18 48.44 0.33
N ARG B 155 0.21 47.62 0.74
CA ARG B 155 -0.80 47.10 -0.16
C ARG B 155 -2.12 46.91 0.58
N TYR B 156 -3.20 47.37 -0.04
CA TYR B 156 -4.53 47.30 0.56
C TYR B 156 -5.32 46.18 -0.08
N GLU B 157 -5.57 45.15 0.73
CA GLU B 157 -6.25 43.97 0.27
C GLU B 157 -7.69 44.01 0.75
N ILE B 158 -8.62 44.03 -0.20
CA ILE B 158 -10.05 43.99 0.13
C ILE B 158 -10.68 42.76 -0.50
N LYS B 159 -11.35 41.96 0.34
CA LYS B 159 -11.92 40.71 -0.12
C LYS B 159 -13.33 40.51 0.40
N ALA B 160 -14.09 39.69 -0.30
CA ALA B 160 -15.44 39.33 0.11
C ALA B 160 -15.44 38.20 1.14
N PHE B 161 -16.29 38.32 2.15
CA PHE B 161 -16.44 37.24 3.12
C PHE B 161 -17.90 36.84 3.16
N TYR B 162 -18.17 35.60 3.56
CA TYR B 162 -19.55 35.09 3.66
C TYR B 162 -20.28 35.31 2.35
N GLY B 163 -19.66 34.87 1.25
CA GLY B 163 -20.20 35.03 -0.08
C GLY B 163 -20.48 36.47 -0.47
N GLY B 164 -19.82 37.40 0.20
CA GLY B 164 -19.96 38.81 -0.15
C GLY B 164 -20.93 39.59 0.72
N ASN B 165 -21.27 39.04 1.88
CA ASN B 165 -22.11 39.73 2.85
C ASN B 165 -21.30 40.58 3.83
N ARG B 166 -20.00 40.35 3.86
CA ARG B 166 -19.07 41.21 4.59
C ARG B 166 -17.86 41.52 3.72
N TYR B 167 -17.24 42.67 3.95
CA TYR B 167 -15.95 42.96 3.32
C TYR B 167 -14.95 43.47 4.34
N TYR B 168 -13.81 42.77 4.42
CA TYR B 168 -12.73 43.15 5.31
C TYR B 168 -11.50 43.62 4.53
N MET B 169 -10.90 44.69 5.02
CA MET B 169 -9.71 45.25 4.38
C MET B 169 -8.49 44.95 5.22
N PHE B 170 -7.46 44.43 4.56
CA PHE B 170 -6.20 44.14 5.22
C PHE B 170 -5.11 45.08 4.73
N THR B 171 -4.53 45.85 5.66
CA THR B 171 -3.42 46.74 5.35
C THR B 171 -2.14 45.94 5.44
N LYS B 172 -1.54 45.63 4.29
CA LYS B 172 -0.33 44.79 4.25
C LYS B 172 0.93 45.64 4.16
N LYS B 173 1.94 45.29 4.94
CA LYS B 173 3.30 45.75 4.68
C LYS B 173 3.93 44.70 3.76
N VAL B 174 4.41 45.14 2.60
CA VAL B 174 4.92 44.20 1.61
C VAL B 174 6.45 44.21 1.49
N PHE B 175 7.10 43.18 2.03
CA PHE B 175 8.57 43.08 1.99
C PHE B 175 9.08 42.46 0.69
N ARG B 176 9.96 43.17 0.00
CA ARG B 176 10.49 42.71 -1.28
C ARG B 176 11.99 42.39 -1.21
N ASP B 177 12.49 42.25 0.01
CA ASP B 177 13.85 41.79 0.23
C ASP B 177 13.81 40.67 1.25
N VAL B 178 13.57 39.47 0.76
CA VAL B 178 13.44 38.28 1.59
C VAL B 178 14.53 37.29 1.19
N ARG B 179 15.46 37.01 2.09
CA ARG B 179 16.64 36.22 1.74
C ARG B 179 16.64 34.80 2.32
N LEU B 180 17.21 33.87 1.56
CA LEU B 180 17.32 32.46 1.97
C LEU B 180 18.42 32.29 3.01
N VAL B 181 18.05 31.77 4.17
CA VAL B 181 18.99 31.58 5.28
C VAL B 181 19.43 30.12 5.40
N ALA B 182 18.50 29.19 5.25
CA ALA B 182 18.79 27.76 5.45
C ALA B 182 17.73 26.88 4.86
N ALA B 183 18.14 25.65 4.56
CA ALA B 183 17.24 24.59 4.11
C ALA B 183 17.88 23.22 4.38
N PRO B 184 17.09 22.26 4.87
CA PRO B 184 17.63 20.91 4.98
C PRO B 184 17.77 20.31 3.58
N PRO B 185 18.54 19.22 3.45
CA PRO B 185 18.54 18.51 2.16
C PRO B 185 17.12 18.03 1.80
N SER B 186 16.87 17.79 0.53
CA SER B 186 15.56 17.32 0.11
C SER B 186 15.20 15.95 0.71
N SER B 187 16.20 15.14 1.05
CA SER B 187 15.93 13.84 1.65
C SER B 187 15.28 14.00 3.02
N ILE B 188 15.44 15.18 3.62
CA ILE B 188 14.75 15.49 4.87
C ILE B 188 13.53 16.37 4.62
N GLY B 189 13.75 17.39 3.80
CA GLY B 189 12.74 18.36 3.44
C GLY B 189 11.50 17.76 2.81
N LYS B 190 11.69 16.73 1.99
CA LYS B 190 10.55 16.08 1.37
C LYS B 190 10.66 14.55 1.38
N PHE B 191 11.14 14.00 2.51
CA PHE B 191 11.13 12.56 2.75
C PHE B 191 9.73 11.98 2.44
N GLY B 192 9.72 10.91 1.64
CA GLY B 192 8.48 10.28 1.20
C GLY B 192 7.54 11.16 0.38
N SER B 193 8.09 12.09 -0.41
CA SER B 193 7.27 13.17 -1.02
C SER B 193 6.08 12.66 -1.82
N ASP B 194 6.21 11.51 -2.45
CA ASP B 194 5.09 10.94 -3.17
C ASP B 194 4.22 10.07 -2.26
N THR B 195 4.76 8.92 -1.86
CA THR B 195 4.00 7.94 -1.07
C THR B 195 3.36 8.54 0.18
N ASP B 196 4.10 9.44 0.85
CA ASP B 196 3.62 9.99 2.11
C ASP B 196 2.88 11.32 1.99
N ASN B 197 2.70 11.83 0.77
CA ASN B 197 2.00 13.10 0.60
C ASN B 197 0.55 12.92 1.09
N TRP B 198 0.03 13.87 1.85
CA TRP B 198 -1.31 13.74 2.45
C TRP B 198 -1.39 12.52 3.38
N ALA B 199 -0.27 12.04 3.90
CA ALA B 199 -0.33 10.86 4.75
C ALA B 199 0.09 11.16 6.20
N TRP B 200 -0.73 10.66 7.11
CA TRP B 200 -0.35 10.38 8.49
C TRP B 200 -0.41 8.85 8.66
N PRO B 201 0.65 8.24 9.24
CA PRO B 201 1.88 8.79 9.82
C PRO B 201 2.78 9.50 8.81
N ARG B 202 3.58 10.45 9.30
CA ARG B 202 4.47 11.24 8.44
C ARG B 202 5.82 11.43 9.12
N HIS B 203 6.87 11.57 8.33
CA HIS B 203 8.24 11.64 8.90
C HIS B 203 9.11 12.65 8.16
N THR B 204 8.56 13.85 7.96
CA THR B 204 9.16 14.79 7.03
C THR B 204 9.65 16.04 7.75
N GLY B 205 10.92 16.39 7.53
CA GLY B 205 11.45 17.64 8.10
C GLY B 205 11.18 18.80 7.15
N ASP B 206 9.89 19.15 7.00
CA ASP B 206 9.44 20.12 5.99
C ASP B 206 9.60 21.57 6.45
N PHE B 207 10.82 22.11 6.36
CA PHE B 207 11.04 23.52 6.70
C PHE B 207 12.09 24.16 5.81
N SER B 208 12.04 25.50 5.74
CA SER B 208 13.13 26.29 5.21
C SER B 208 13.14 27.59 6.00
N ILE B 209 14.22 28.34 5.88
CA ILE B 209 14.42 29.52 6.73
C ILE B 209 14.83 30.70 5.88
N PHE B 210 14.12 31.80 6.07
CA PHE B 210 14.40 33.05 5.36
C PHE B 210 14.58 34.15 6.37
N ARG B 211 14.86 35.35 5.90
CA ARG B 211 14.92 36.53 6.75
C ARG B 211 14.37 37.75 6.03
N LEU B 212 13.52 38.51 6.71
CA LEU B 212 13.05 39.77 6.20
C LEU B 212 14.11 40.84 6.37
N TYR B 213 14.48 41.49 5.26
CA TYR B 213 15.32 42.67 5.30
C TYR B 213 14.47 43.93 5.07
N ALA B 214 14.97 45.07 5.53
CA ALA B 214 14.22 46.33 5.43
C ALA B 214 15.19 47.47 5.16
N ASP B 215 14.69 48.70 5.04
CA ASP B 215 15.61 49.81 4.87
C ASP B 215 16.10 50.26 6.25
N LYS B 216 16.94 51.29 6.28
CA LYS B 216 17.64 51.64 7.50
C LYS B 216 16.75 52.12 8.63
N ASN B 217 15.50 52.47 8.32
CA ASN B 217 14.54 52.78 9.36
C ASN B 217 13.43 51.75 9.47
N GLY B 218 13.73 50.52 9.06
CA GLY B 218 12.82 49.40 9.26
C GLY B 218 11.56 49.37 8.41
N ASN B 219 11.59 50.07 7.28
CA ASN B 219 10.47 50.02 6.35
C ASN B 219 10.70 48.97 5.26
N PRO B 220 9.63 48.25 4.87
CA PRO B 220 9.75 47.28 3.78
C PRO B 220 10.31 47.96 2.54
N ALA B 221 11.31 47.34 1.92
CA ALA B 221 11.97 47.95 0.78
C ALA B 221 12.23 46.93 -0.33
N GLU B 222 12.42 47.44 -1.54
CA GLU B 222 13.02 46.66 -2.62
C GLU B 222 14.42 46.23 -2.18
N TYR B 223 15.00 45.26 -2.87
CA TYR B 223 16.33 44.81 -2.49
C TYR B 223 17.36 45.94 -2.61
N SER B 224 18.29 45.99 -1.66
CA SER B 224 19.46 46.85 -1.73
C SER B 224 20.58 46.25 -0.90
N LYS B 225 21.81 46.48 -1.34
CA LYS B 225 22.98 45.94 -0.64
C LYS B 225 23.12 46.56 0.75
N ASP B 226 22.44 47.68 0.96
CA ASP B 226 22.49 48.39 2.23
C ASP B 226 21.33 48.06 3.18
N ASN B 227 20.45 47.13 2.81
CA ASN B 227 19.37 46.75 3.70
C ASN B 227 19.90 46.03 4.94
N VAL B 228 19.16 46.14 6.04
CA VAL B 228 19.52 45.47 7.28
C VAL B 228 18.36 44.57 7.71
N PRO B 229 18.59 43.68 8.70
CA PRO B 229 17.46 42.83 9.13
C PRO B 229 16.27 43.62 9.69
N TYR B 230 15.08 43.22 9.27
CA TYR B 230 13.86 43.77 9.81
C TYR B 230 13.78 43.40 11.28
N ARG B 231 13.48 44.37 12.13
CA ARG B 231 13.28 44.11 13.54
C ARG B 231 11.79 44.15 13.86
N PRO B 232 11.14 42.97 13.90
CA PRO B 232 9.69 42.88 14.03
C PRO B 232 9.18 43.48 15.34
N LYS B 233 7.95 43.98 15.32
CA LYS B 233 7.24 44.37 16.53
C LYS B 233 7.21 43.19 17.51
N ARG B 234 6.66 42.08 17.05
CA ARG B 234 6.57 40.88 17.86
C ARG B 234 7.02 39.67 17.05
N TRP B 235 7.77 38.79 17.69
CA TRP B 235 8.14 37.52 17.07
C TRP B 235 7.73 36.41 18.03
N VAL B 236 7.68 35.17 17.55
CA VAL B 236 7.23 34.08 18.38
C VAL B 236 8.42 33.34 19.01
N LYS B 237 8.37 33.18 20.33
CA LYS B 237 9.43 32.47 21.04
C LYS B 237 9.28 30.99 20.80
N VAL B 238 10.40 30.32 20.57
CA VAL B 238 10.37 28.88 20.33
C VAL B 238 10.42 28.12 21.66
N ASN B 239 9.49 27.19 21.85
CA ASN B 239 9.53 26.31 23.01
C ASN B 239 10.00 24.93 22.57
N ALA B 240 11.07 24.45 23.19
CA ALA B 240 11.64 23.19 22.76
C ALA B 240 11.50 22.13 23.84
N GLN B 241 10.53 22.30 24.74
CA GLN B 241 10.37 21.37 25.85
C GLN B 241 9.53 20.16 25.50
N GLY B 242 8.90 20.16 24.33
CA GLY B 242 8.19 18.99 23.88
C GLY B 242 6.69 19.08 24.01
N VAL B 243 5.99 18.10 23.43
CA VAL B 243 4.54 18.11 23.39
C VAL B 243 4.01 16.73 23.76
N LYS B 244 2.75 16.68 24.17
CA LYS B 244 2.13 15.42 24.47
C LYS B 244 0.69 15.43 24.00
N GLU B 245 0.15 14.24 23.80
CA GLU B 245 -1.22 14.06 23.37
C GLU B 245 -2.16 14.83 24.31
N GLY B 246 -3.14 15.51 23.73
CA GLY B 246 -4.05 16.31 24.53
C GLY B 246 -3.62 17.75 24.75
N ASP B 247 -2.38 18.09 24.42
CA ASP B 247 -1.92 19.48 24.54
C ASP B 247 -2.74 20.40 23.64
N PHE B 248 -3.16 21.55 24.17
CA PHE B 248 -3.79 22.60 23.36
C PHE B 248 -2.87 23.05 22.24
N ALA B 249 -3.39 23.13 21.02
CA ALA B 249 -2.62 23.73 19.91
C ALA B 249 -3.36 24.85 19.20
N LEU B 250 -2.62 25.90 18.87
CA LEU B 250 -3.13 27.05 18.13
C LEU B 250 -2.35 27.23 16.82
N ILE B 251 -3.09 27.36 15.72
CA ILE B 251 -2.50 27.61 14.42
C ILE B 251 -3.02 28.93 13.88
N MET B 252 -2.11 29.78 13.39
CA MET B 252 -2.50 30.96 12.65
C MET B 252 -1.84 30.89 11.29
N GLY B 253 -2.55 31.36 10.27
CA GLY B 253 -2.07 31.21 8.91
C GLY B 253 -3.02 31.70 7.86
N TYR B 254 -2.76 31.33 6.61
CA TYR B 254 -3.53 31.89 5.51
C TYR B 254 -4.21 30.78 4.70
N PRO B 255 -5.24 30.13 5.29
CA PRO B 255 -5.96 29.07 4.58
C PRO B 255 -6.51 29.64 3.28
N GLY B 256 -6.40 28.87 2.19
CA GLY B 256 -6.72 29.38 0.88
C GLY B 256 -8.22 29.43 0.57
N THR B 257 -8.81 28.25 0.39
CA THR B 257 -10.19 28.15 -0.07
C THR B 257 -10.89 26.97 0.61
N THR B 258 -12.14 27.21 1.06
CA THR B 258 -13.01 26.13 1.52
C THR B 258 -14.40 26.39 0.94
N TYR B 259 -15.31 25.44 1.10
CA TYR B 259 -16.65 25.57 0.53
C TYR B 259 -17.70 25.10 1.54
N LYS B 260 -17.61 25.59 2.76
CA LYS B 260 -18.43 25.10 3.84
C LYS B 260 -19.90 25.45 3.67
N PHE B 261 -20.21 26.41 2.79
CA PHE B 261 -21.61 26.74 2.55
C PHE B 261 -22.14 26.17 1.25
N PHE B 262 -21.43 25.21 0.67
CA PHE B 262 -21.94 24.45 -0.47
C PHE B 262 -23.30 23.80 -0.16
N THR B 263 -24.25 23.92 -1.09
CA THR B 263 -25.48 23.14 -1.03
C THR B 263 -25.21 21.75 -1.56
N ALA B 264 -26.21 20.88 -1.46
CA ALA B 264 -26.05 19.49 -1.85
C ALA B 264 -25.69 19.35 -3.34
N ASP B 265 -26.40 20.09 -4.18
CA ASP B 265 -26.18 20.08 -5.63
C ASP B 265 -24.81 20.60 -6.02
N GLU B 266 -24.27 21.51 -5.22
CA GLU B 266 -22.92 22.03 -5.43
C GLU B 266 -21.88 21.00 -5.04
N VAL B 267 -22.15 20.22 -4.00
CA VAL B 267 -21.24 19.17 -3.59
C VAL B 267 -21.11 18.13 -4.68
N THR B 268 -22.25 17.66 -5.19
CA THR B 268 -22.30 16.65 -6.23
C THR B 268 -21.58 17.12 -7.51
N GLU B 269 -21.85 18.35 -7.95
CA GLU B 269 -21.16 18.89 -9.12
C GLU B 269 -19.65 18.90 -8.90
N TRP B 270 -19.23 19.51 -7.79
CA TRP B 270 -17.83 19.65 -7.42
C TRP B 270 -17.11 18.31 -7.41
N SER B 271 -17.85 17.27 -7.03
CA SER B 271 -17.37 15.91 -7.12
C SER B 271 -17.35 15.41 -8.56
N GLU B 272 -18.52 15.14 -9.14
CA GLU B 272 -18.56 14.44 -10.42
C GLU B 272 -18.02 15.24 -11.60
N ILE B 273 -17.79 16.53 -11.43
CA ILE B 273 -17.16 17.34 -12.49
C ILE B 273 -15.75 17.74 -12.06
N ASP B 274 -15.64 18.80 -11.27
CA ASP B 274 -14.33 19.33 -10.86
C ASP B 274 -13.39 18.27 -10.27
N ASN B 275 -13.94 17.30 -9.55
CA ASN B 275 -13.10 16.28 -8.89
C ASN B 275 -12.61 15.20 -9.85
N ASN B 276 -13.54 14.38 -10.37
CA ASN B 276 -13.16 13.24 -11.19
C ASN B 276 -12.69 13.58 -12.60
N ILE B 277 -13.08 14.75 -13.13
CA ILE B 277 -12.47 15.25 -14.37
C ILE B 277 -10.99 15.45 -14.06
N ARG B 278 -10.71 15.91 -12.85
CA ARG B 278 -9.33 16.12 -12.46
C ARG B 278 -8.60 14.81 -12.20
N ILE B 279 -9.23 13.83 -11.56
CA ILE B 279 -8.46 12.66 -11.14
C ILE B 279 -7.89 11.86 -12.34
N GLU B 280 -8.70 11.54 -13.35
CA GLU B 280 -8.13 10.72 -14.43
C GLU B 280 -7.49 11.56 -15.54
N MET B 281 -7.84 12.84 -15.65
CA MET B 281 -7.05 13.72 -16.50
C MET B 281 -5.65 13.89 -15.89
N ARG B 282 -5.56 13.79 -14.57
CA ARG B 282 -4.25 13.77 -13.91
C ARG B 282 -3.76 12.33 -13.75
N GLY B 283 -4.70 11.39 -13.73
CA GLY B 283 -4.36 9.97 -13.72
C GLY B 283 -3.59 9.61 -14.98
N ILE B 284 -3.96 10.23 -16.09
CA ILE B 284 -3.28 10.01 -17.37
C ILE B 284 -2.03 10.89 -17.52
N LEU B 285 -2.07 12.11 -17.00
CA LEU B 285 -0.92 13.02 -17.08
C LEU B 285 0.17 12.62 -16.10
N GLN B 286 -0.01 11.49 -15.43
CA GLN B 286 0.95 11.00 -14.45
C GLN B 286 1.71 9.75 -14.93
N ASP B 287 0.98 8.77 -15.48
CA ASP B 287 1.62 7.52 -15.90
C ASP B 287 2.53 7.75 -17.10
N VAL B 288 2.04 8.47 -18.11
CA VAL B 288 2.84 8.82 -19.27
C VAL B 288 4.06 9.62 -18.83
N MET B 289 3.82 10.52 -17.87
CA MET B 289 4.89 11.32 -17.28
C MET B 289 5.86 10.45 -16.49
N LEU B 290 5.32 9.48 -15.74
CA LEU B 290 6.14 8.60 -14.92
C LEU B 290 6.89 7.57 -15.76
N ARG B 291 6.23 7.03 -16.78
CA ARG B 291 6.84 6.08 -17.69
C ARG B 291 8.04 6.71 -18.41
N GLU B 292 7.88 7.98 -18.77
CA GLU B 292 8.88 8.69 -19.57
C GLU B 292 10.22 8.84 -18.86
N MET B 293 10.22 9.14 -17.57
CA MET B 293 11.48 9.44 -16.92
C MET B 293 11.72 8.54 -15.71
N LEU B 294 11.01 7.41 -15.67
CA LEU B 294 11.44 6.28 -14.86
C LEU B 294 12.67 5.71 -15.55
N ALA B 295 12.64 5.77 -16.88
CA ALA B 295 13.71 5.27 -17.73
C ALA B 295 14.92 6.20 -17.79
N ASP B 296 14.69 7.51 -17.70
CA ASP B 296 15.77 8.47 -17.82
C ASP B 296 16.10 9.22 -16.52
N PRO B 297 17.38 9.62 -16.36
CA PRO B 297 17.75 10.61 -15.35
C PRO B 297 17.14 11.99 -15.65
N ASN B 300 14.61 13.89 -14.46
CA ASN B 300 13.95 14.05 -13.16
C ASN B 300 13.86 15.53 -12.78
N ILE B 301 15.00 16.20 -12.64
CA ILE B 301 15.01 17.66 -12.49
C ILE B 301 14.44 18.31 -13.75
N MET B 302 14.38 17.51 -14.83
CA MET B 302 13.69 17.89 -16.05
C MET B 302 12.16 17.89 -15.86
N TYR B 303 11.65 16.94 -15.08
CA TYR B 303 10.20 16.86 -14.84
C TYR B 303 9.82 16.11 -13.55
N ALA B 304 10.40 16.51 -12.42
CA ALA B 304 9.93 16.04 -11.12
C ALA B 304 8.98 17.07 -10.52
N ALA B 305 9.29 18.35 -10.76
CA ALA B 305 8.43 19.46 -10.33
C ALA B 305 7.10 19.40 -11.07
N LYS B 306 7.12 18.85 -12.28
CA LYS B 306 5.90 18.60 -13.05
C LYS B 306 5.05 17.53 -12.37
N TYR B 307 5.63 16.36 -12.15
CA TYR B 307 4.92 15.23 -11.55
C TYR B 307 4.51 15.54 -10.11
N ALA B 308 5.30 16.37 -9.43
CA ALA B 308 5.05 16.74 -8.05
C ALA B 308 3.72 17.46 -7.84
N SER B 309 3.50 18.56 -8.57
CA SER B 309 2.29 19.36 -8.37
C SER B 309 1.03 18.63 -8.87
N SER B 310 1.15 17.96 -10.01
CA SER B 310 0.06 17.11 -10.51
C SER B 310 -0.41 16.19 -9.39
N GLN B 311 0.54 15.42 -8.84
CA GLN B 311 0.30 14.48 -7.74
C GLN B 311 -0.30 15.13 -6.48
N ASN B 312 0.21 16.30 -6.10
CA ASN B 312 -0.27 16.98 -4.91
C ASN B 312 -1.77 17.25 -5.04
N GLY B 313 -2.16 17.79 -6.20
CA GLY B 313 -3.55 18.04 -6.50
C GLY B 313 -4.27 16.75 -6.84
N TYR B 314 -3.53 15.79 -7.40
CA TYR B 314 -4.11 14.50 -7.76
C TYR B 314 -4.59 13.72 -6.54
N LYS B 315 -3.74 13.64 -5.51
CA LYS B 315 -4.07 12.87 -4.32
C LYS B 315 -5.16 13.55 -3.50
N ARG B 316 -5.11 14.88 -3.45
CA ARG B 316 -6.14 15.66 -2.80
C ARG B 316 -7.51 15.25 -3.34
N ALA B 317 -7.62 15.26 -4.66
CA ALA B 317 -8.87 14.90 -5.33
C ALA B 317 -9.33 13.50 -4.95
N GLN B 318 -8.39 12.60 -4.75
CA GLN B 318 -8.77 11.25 -4.32
C GLN B 318 -9.27 11.25 -2.87
N GLY B 319 -8.66 12.09 -2.05
CA GLY B 319 -9.08 12.23 -0.67
C GLY B 319 -10.50 12.78 -0.58
N ALA B 320 -10.76 13.83 -1.37
CA ALA B 320 -12.09 14.44 -1.44
C ALA B 320 -13.13 13.41 -1.86
N ASN B 321 -12.77 12.60 -2.84
CA ASN B 321 -13.67 11.60 -3.35
C ASN B 321 -14.01 10.54 -2.31
N TRP B 322 -13.03 10.19 -1.48
CA TRP B 322 -13.28 9.26 -0.38
C TRP B 322 -14.34 9.77 0.60
N ALA B 323 -14.32 11.08 0.88
CA ALA B 323 -15.26 11.67 1.86
C ALA B 323 -16.67 11.67 1.33
N ILE B 324 -16.84 11.95 0.05
CA ILE B 324 -18.14 11.84 -0.60
C ILE B 324 -18.68 10.43 -0.44
N ARG B 325 -17.84 9.43 -0.67
CA ARG B 325 -18.30 8.05 -0.67
C ARG B 325 -18.47 7.46 0.72
N ARG B 326 -17.68 7.94 1.68
CA ARG B 326 -17.61 7.30 2.99
C ARG B 326 -18.02 8.18 4.17
N ARG B 327 -17.96 9.50 4.01
CA ARG B 327 -18.17 10.40 5.15
C ARG B 327 -19.48 11.11 4.96
N SER B 328 -20.24 10.59 4.00
CA SER B 328 -21.54 11.11 3.59
C SER B 328 -21.59 12.65 3.59
N LEU B 329 -20.65 13.23 2.83
CA LEU B 329 -20.52 14.68 2.69
C LEU B 329 -21.77 15.32 2.11
N ARG B 330 -22.28 14.75 1.03
CA ARG B 330 -23.43 15.34 0.36
C ARG B 330 -24.64 15.43 1.31
N GLU B 331 -24.94 14.34 2.01
CA GLU B 331 -26.14 14.33 2.85
C GLU B 331 -25.98 15.25 4.07
N ILE B 332 -24.75 15.42 4.55
CA ILE B 332 -24.47 16.39 5.60
C ILE B 332 -24.75 17.83 5.16
N LYS B 333 -24.22 18.22 4.00
CA LYS B 333 -24.57 19.54 3.47
C LYS B 333 -26.07 19.65 3.16
N LEU B 334 -26.69 18.55 2.74
CA LEU B 334 -28.12 18.59 2.46
C LEU B 334 -28.88 18.84 3.76
N ALA B 335 -28.50 18.14 4.82
CA ALA B 335 -29.11 18.33 6.13
C ALA B 335 -29.01 19.79 6.58
N GLN B 336 -27.82 20.36 6.41
CA GLN B 336 -27.59 21.73 6.83
C GLN B 336 -28.43 22.73 6.06
N GLN B 337 -28.56 22.56 4.75
CA GLN B 337 -29.35 23.51 4.00
C GLN B 337 -30.85 23.31 4.32
N GLN B 338 -31.24 22.09 4.67
CA GLN B 338 -32.66 21.83 4.99
C GLN B 338 -33.00 22.49 6.32
N GLU B 339 -32.01 22.52 7.21
CA GLU B 339 -32.12 23.22 8.49
C GLU B 339 -32.31 24.74 8.29
N VAL B 340 -31.51 25.35 7.43
CA VAL B 340 -31.71 26.78 7.22
C VAL B 340 -33.00 27.01 6.41
N LEU B 341 -33.34 26.08 5.52
CA LEU B 341 -34.61 26.20 4.80
C LEU B 341 -35.79 26.19 5.77
N ALA B 342 -35.75 25.27 6.73
CA ALA B 342 -36.83 25.12 7.72
C ALA B 342 -36.89 26.35 8.60
N TRP B 343 -35.72 26.89 8.94
CA TRP B 343 -35.61 28.12 9.71
C TRP B 343 -36.27 29.30 9.00
N ALA B 344 -36.01 29.40 7.70
CA ALA B 344 -36.60 30.46 6.88
C ALA B 344 -38.10 30.26 6.69
N LYS B 345 -38.51 29.01 6.46
CA LYS B 345 -39.93 28.70 6.26
C LYS B 345 -40.74 29.17 7.46
N GLN B 346 -40.23 28.82 8.64
CA GLN B 346 -40.85 29.18 9.91
C GLN B 346 -40.97 30.69 10.07
N LYS B 347 -40.03 31.44 9.49
CA LYS B 347 -40.05 32.89 9.62
C LYS B 347 -40.76 33.56 8.45
N GLY B 348 -41.35 32.76 7.57
CA GLY B 348 -42.07 33.29 6.42
C GLY B 348 -41.15 33.95 5.41
N ILE B 349 -39.87 33.62 5.47
CA ILE B 349 -38.88 34.11 4.53
C ILE B 349 -38.91 33.27 3.25
N ALA B 350 -38.91 33.93 2.09
CA ALA B 350 -39.02 33.23 0.81
C ALA B 350 -37.69 33.21 0.05
N THR B 351 -36.80 34.16 0.36
CA THR B 351 -35.55 34.29 -0.39
C THR B 351 -34.67 33.06 -0.32
N THR B 352 -34.68 32.37 0.83
CA THR B 352 -33.76 31.26 1.03
C THR B 352 -34.06 30.04 0.12
N GLU B 353 -35.32 29.63 0.03
CA GLU B 353 -35.65 28.55 -0.89
C GLU B 353 -35.41 28.98 -2.32
N GLU B 354 -35.70 30.25 -2.61
CA GLU B 354 -35.41 30.83 -3.93
C GLU B 354 -33.91 30.75 -4.21
N ALA B 355 -33.11 31.11 -3.20
CA ALA B 355 -31.66 31.07 -3.34
C ALA B 355 -31.18 29.65 -3.64
N VAL B 356 -31.68 28.67 -2.89
CA VAL B 356 -31.25 27.28 -3.10
C VAL B 356 -31.69 26.79 -4.48
N ARG B 357 -32.88 27.19 -4.90
CA ARG B 357 -33.38 26.74 -6.20
C ARG B 357 -32.58 27.38 -7.35
N ALA B 358 -32.19 28.64 -7.20
CA ALA B 358 -31.41 29.29 -8.25
C ALA B 358 -30.00 28.66 -8.34
N ILE B 359 -29.40 28.36 -7.18
CA ILE B 359 -28.12 27.65 -7.17
C ILE B 359 -28.24 26.35 -7.96
N SER B 360 -29.26 25.55 -7.65
CA SER B 360 -29.51 24.30 -8.37
C SER B 360 -29.59 24.56 -9.86
N LYS B 361 -30.37 25.57 -10.21
CA LYS B 361 -30.60 25.92 -11.61
C LYS B 361 -29.32 26.31 -12.33
N ALA B 362 -28.50 27.15 -11.72
CA ALA B 362 -27.23 27.55 -12.33
C ALA B 362 -26.28 26.36 -12.49
N ILE B 363 -26.24 25.48 -11.48
CA ILE B 363 -25.39 24.30 -11.53
C ILE B 363 -25.84 23.33 -12.64
N GLU B 364 -27.14 23.12 -12.75
CA GLU B 364 -27.69 22.21 -13.74
C GLU B 364 -27.43 22.73 -15.16
N GLY B 365 -27.38 24.06 -15.30
CA GLY B 365 -27.32 24.70 -16.61
C GLY B 365 -25.91 24.92 -17.12
N ARG B 366 -24.97 25.15 -16.21
CA ARG B 366 -23.59 25.34 -16.59
C ARG B 366 -22.85 24.03 -16.74
N GLN B 367 -23.57 22.92 -16.63
CA GLN B 367 -22.96 21.60 -16.58
C GLN B 367 -21.96 21.33 -17.71
N ASP B 368 -22.36 21.61 -18.96
CA ASP B 368 -21.51 21.34 -20.11
C ASP B 368 -20.35 22.34 -20.23
N LEU B 369 -20.61 23.60 -19.90
CA LEU B 369 -19.59 24.65 -19.98
C LEU B 369 -18.48 24.44 -18.95
N ARG B 370 -18.86 24.11 -17.72
CA ARG B 370 -17.88 23.82 -16.68
C ARG B 370 -17.06 22.59 -17.06
N MET B 371 -17.74 21.60 -17.66
CA MET B 371 -17.09 20.42 -18.22
C MET B 371 -15.87 20.80 -19.04
N ARG B 372 -16.07 21.71 -19.99
CA ARG B 372 -14.96 22.20 -20.81
C ARG B 372 -13.88 22.88 -20.00
N GLN B 373 -14.28 23.95 -19.31
CA GLN B 373 -13.33 24.90 -18.72
C GLN B 373 -12.34 24.24 -17.76
N ARG B 374 -12.71 23.09 -17.21
CA ARG B 374 -11.81 22.32 -16.35
C ARG B 374 -11.09 21.25 -17.17
N TYR B 375 -11.78 20.70 -18.17
CA TYR B 375 -11.14 19.79 -19.13
C TYR B 375 -10.08 20.55 -19.90
N LEU B 376 -10.36 21.82 -20.20
CA LEU B 376 -9.43 22.68 -20.93
C LEU B 376 -8.34 23.21 -20.00
N LEU B 377 -8.66 23.34 -18.72
CA LEU B 377 -7.74 23.95 -17.75
C LEU B 377 -6.54 23.07 -17.43
N GLU B 378 -6.72 21.75 -17.47
CA GLU B 378 -5.61 20.85 -17.16
C GLU B 378 -5.53 19.64 -18.08
N GLY B 379 -6.36 19.63 -19.11
CA GLY B 379 -6.17 18.67 -20.18
C GLY B 379 -5.03 19.17 -21.03
N ILE B 380 -4.91 20.49 -21.11
CA ILE B 380 -3.92 21.13 -21.97
C ILE B 380 -3.34 22.42 -21.39
N LEU B 381 -4.15 23.19 -20.66
CA LEU B 381 -3.75 24.54 -20.26
C LEU B 381 -2.56 24.59 -19.29
N MET B 382 -2.45 23.60 -18.40
CA MET B 382 -1.28 23.52 -17.55
C MET B 382 -0.50 22.25 -17.90
N GLY B 383 -1.16 21.35 -18.62
CA GLY B 383 -0.56 20.09 -19.04
C GLY B 383 0.31 20.16 -20.29
N ILE B 384 0.19 21.24 -21.05
CA ILE B 384 1.05 21.49 -22.21
C ILE B 384 1.73 22.85 -22.06
N GLU B 385 3.06 22.82 -21.96
CA GLU B 385 3.81 23.97 -21.43
C GLU B 385 3.81 25.22 -22.32
N MET B 386 3.97 25.06 -23.62
CA MET B 386 4.03 26.25 -24.48
C MET B 386 2.66 26.63 -25.04
N SER B 387 1.65 26.56 -24.18
CA SER B 387 0.36 27.18 -24.46
C SER B 387 0.48 28.69 -24.27
N ASN B 388 1.66 29.13 -23.84
CA ASN B 388 1.99 30.55 -23.72
C ASN B 388 3.26 30.93 -24.50
N ALA B 389 3.33 30.53 -25.77
CA ALA B 389 4.40 30.97 -26.66
C ALA B 389 4.20 32.46 -26.96
N PRO B 390 5.28 33.19 -27.29
CA PRO B 390 5.15 34.64 -27.50
C PRO B 390 4.29 35.01 -28.71
N ALA B 391 3.83 36.26 -28.74
CA ALA B 391 2.98 36.76 -29.84
C ALA B 391 3.44 38.15 -30.28
N ALA B 392 3.25 38.44 -31.56
CA ALA B 392 3.75 39.68 -32.16
C ALA B 392 3.12 40.95 -31.57
N ASP B 393 3.94 41.95 -31.29
CA ASP B 393 3.44 43.30 -31.07
C ASP B 393 3.65 44.09 -32.35
N SER B 394 4.56 43.57 -33.18
CA SER B 394 4.91 44.13 -34.49
C SER B 394 3.70 44.65 -35.26
N ASP B 395 3.28 45.85 -34.87
CA ASP B 395 2.08 46.52 -35.34
C ASP B 395 1.87 47.75 -34.46
N LEU B 410 9.22 43.56 -32.78
CA LEU B 410 10.53 42.90 -32.78
C LEU B 410 11.20 42.98 -31.41
N GLN B 411 10.93 44.08 -30.70
CA GLN B 411 11.65 44.41 -29.47
C GLN B 411 11.34 43.50 -28.26
N SER B 412 10.24 42.74 -28.31
CA SER B 412 9.78 41.91 -27.20
C SER B 412 9.10 40.57 -27.56
N ILE B 413 9.33 40.03 -28.75
CA ILE B 413 9.14 38.58 -28.93
C ILE B 413 10.51 37.99 -28.53
N ARG B 414 11.54 38.82 -28.69
CA ARG B 414 12.84 38.54 -28.11
C ARG B 414 12.73 38.57 -26.59
N LYS B 415 12.14 39.64 -26.06
CA LYS B 415 12.05 39.83 -24.61
C LYS B 415 10.93 39.02 -23.94
N GLN B 416 10.24 38.19 -24.73
CA GLN B 416 9.17 37.34 -24.19
C GLN B 416 9.49 35.86 -24.33
N PHE B 417 10.24 35.50 -25.37
CA PHE B 417 10.59 34.10 -25.60
C PHE B 417 11.59 33.63 -24.56
N GLU B 418 12.33 34.57 -23.98
CA GLU B 418 13.26 34.27 -22.90
C GLU B 418 12.49 33.86 -21.64
N ALA B 419 11.18 34.11 -21.64
CA ALA B 419 10.29 33.67 -20.57
C ALA B 419 9.57 32.38 -20.96
N PHE B 420 9.52 32.09 -22.25
CA PHE B 420 8.91 30.86 -22.75
C PHE B 420 9.90 29.69 -22.65
N PHE B 421 11.04 29.83 -23.32
CA PHE B 421 12.14 28.87 -23.19
C PHE B 421 13.11 29.33 -22.10
N ASN B 422 12.78 29.04 -20.85
CA ASN B 422 13.57 29.51 -19.71
C ASN B 422 14.46 28.42 -19.08
N LYS B 423 14.81 28.60 -17.81
CA LYS B 423 15.72 27.70 -17.11
C LYS B 423 14.99 26.45 -16.58
N ASP B 424 13.66 26.45 -16.70
CA ASP B 424 12.85 25.31 -16.29
C ASP B 424 12.18 24.62 -17.48
N TYR B 425 12.01 25.35 -18.57
CA TYR B 425 11.25 24.88 -19.72
C TYR B 425 12.10 24.00 -20.62
N SER B 426 11.45 23.05 -21.26
CA SER B 426 12.19 22.11 -22.09
C SER B 426 11.40 21.61 -23.31
N PRO B 427 11.56 22.30 -24.45
CA PRO B 427 11.29 21.79 -25.79
C PRO B 427 11.79 20.38 -25.96
N GLU B 428 13.05 20.15 -25.59
CA GLU B 428 13.77 18.89 -25.81
C GLU B 428 12.94 17.59 -25.76
N VAL B 429 12.28 17.37 -24.64
CA VAL B 429 11.45 16.18 -24.46
C VAL B 429 10.17 16.66 -23.78
N GLU B 430 9.21 15.75 -23.61
CA GLU B 430 7.79 15.98 -23.32
C GLU B 430 7.07 16.02 -24.66
N LYS B 431 7.80 15.62 -25.70
CA LYS B 431 7.24 15.56 -27.04
C LYS B 431 6.70 14.17 -27.35
N ASP B 432 5.37 14.07 -27.44
CA ASP B 432 4.64 12.85 -27.75
C ASP B 432 4.81 11.74 -26.71
N GLN B 433 5.41 12.10 -25.59
CA GLN B 433 5.32 11.28 -24.40
C GLN B 433 4.18 11.87 -23.58
N LEU B 434 4.18 13.20 -23.48
CA LEU B 434 3.19 13.91 -22.68
C LEU B 434 2.42 14.96 -23.47
N ALA B 435 3.09 15.62 -24.42
CA ALA B 435 2.44 16.63 -25.25
C ALA B 435 1.27 16.02 -26.01
N ILE B 436 1.54 14.94 -26.74
CA ILE B 436 0.49 14.19 -27.40
C ILE B 436 -0.45 13.56 -26.38
N ALA B 437 0.11 13.23 -25.22
CA ALA B 437 -0.66 12.55 -24.18
C ALA B 437 -1.61 13.48 -23.45
N LEU B 438 -1.25 14.76 -23.34
CA LEU B 438 -2.14 15.73 -22.70
C LEU B 438 -3.31 16.04 -23.63
N LEU B 439 -2.99 16.16 -24.92
CA LEU B 439 -4.02 16.23 -25.97
C LEU B 439 -4.90 14.99 -25.90
N THR B 440 -4.26 13.85 -25.62
CA THR B 440 -4.95 12.60 -25.27
C THR B 440 -6.11 12.27 -26.18
N ARG B 441 -7.19 11.82 -25.56
CA ARG B 441 -8.49 11.68 -26.20
C ARG B 441 -9.46 12.58 -25.43
N TYR B 442 -8.90 13.67 -24.91
CA TYR B 442 -9.63 14.88 -24.56
C TYR B 442 -10.77 15.11 -25.54
N ALA B 443 -10.45 15.01 -26.83
CA ALA B 443 -11.39 15.32 -27.91
C ALA B 443 -12.48 14.27 -28.07
N GLU B 444 -12.37 13.16 -27.35
CA GLU B 444 -13.42 12.15 -27.29
C GLU B 444 -14.50 12.60 -26.30
N ARG B 445 -14.05 13.03 -25.12
CA ARG B 445 -14.95 13.56 -24.11
C ARG B 445 -15.46 14.95 -24.49
N ILE B 446 -14.61 15.72 -25.18
CA ILE B 446 -14.99 17.05 -25.68
C ILE B 446 -14.95 17.07 -27.21
N PRO B 447 -16.12 16.98 -27.85
CA PRO B 447 -16.14 16.77 -29.32
C PRO B 447 -15.38 17.87 -30.06
N ALA B 448 -14.68 17.51 -31.14
CA ALA B 448 -13.88 18.47 -31.90
C ALA B 448 -14.69 19.69 -32.33
N GLU B 449 -16.01 19.50 -32.41
CA GLU B 449 -16.97 20.59 -32.50
C GLU B 449 -16.69 21.65 -31.43
N LYS B 450 -16.27 21.20 -30.26
CA LYS B 450 -16.22 22.04 -29.08
C LYS B 450 -14.79 22.34 -28.63
N GLN B 451 -13.84 22.16 -29.54
CA GLN B 451 -12.42 22.41 -29.27
C GLN B 451 -12.00 23.77 -29.86
N PRO B 452 -10.86 24.34 -29.40
CA PRO B 452 -10.50 25.69 -29.84
C PRO B 452 -9.94 25.77 -31.27
N ILE B 453 -9.87 26.99 -31.81
CA ILE B 453 -9.55 27.25 -33.26
C ILE B 453 -8.28 26.54 -33.71
N GLU B 457 -9.63 21.96 -35.64
CA GLU B 457 -9.52 21.69 -37.07
C GLU B 457 -8.20 21.02 -37.43
N GLY B 458 -7.21 21.18 -36.56
CA GLY B 458 -5.88 20.63 -36.80
C GLY B 458 -5.85 19.12 -36.65
N ILE B 459 -6.63 18.60 -35.71
CA ILE B 459 -6.73 17.16 -35.49
C ILE B 459 -7.47 16.47 -36.65
N ALA B 460 -7.99 17.27 -37.58
CA ALA B 460 -8.71 16.74 -38.73
C ALA B 460 -7.84 16.73 -39.98
N GLU B 461 -6.71 17.42 -39.91
CA GLU B 461 -5.85 17.57 -41.08
C GLU B 461 -4.56 16.76 -41.01
N TYR B 462 -3.83 16.84 -39.89
CA TYR B 462 -2.60 16.06 -39.74
C TYR B 462 -2.85 14.67 -39.15
N GLY B 463 -4.12 14.29 -39.07
CA GLY B 463 -4.49 12.98 -38.58
C GLY B 463 -4.78 12.88 -37.09
N SER B 464 -3.73 12.73 -36.30
CA SER B 464 -3.89 12.55 -34.87
C SER B 464 -3.52 13.82 -34.11
N ALA B 465 -3.73 13.80 -32.79
CA ALA B 465 -3.34 14.89 -31.92
C ALA B 465 -1.84 14.82 -31.63
N LYS B 466 -1.21 13.74 -32.10
CA LYS B 466 0.23 13.58 -31.99
C LYS B 466 0.93 14.07 -33.26
N ALA B 467 0.40 13.67 -34.42
CA ALA B 467 0.99 14.06 -35.70
C ALA B 467 0.65 15.51 -36.04
N TYR B 468 -0.23 16.11 -35.24
CA TYR B 468 -0.52 17.53 -35.34
C TYR B 468 0.38 18.33 -34.41
N VAL B 469 0.42 17.91 -33.14
CA VAL B 469 1.16 18.63 -32.11
C VAL B 469 2.67 18.43 -32.18
N GLU B 470 3.12 17.41 -32.91
CA GLU B 470 4.56 17.17 -33.05
C GLU B 470 5.07 17.75 -34.36
N MET B 471 4.14 18.10 -35.25
CA MET B 471 4.47 18.71 -36.52
C MET B 471 4.96 20.13 -36.27
N ILE B 472 4.48 20.71 -35.17
CA ILE B 472 4.85 22.06 -34.78
C ILE B 472 6.34 22.22 -34.47
N PHE B 473 6.94 21.19 -33.86
CA PHE B 473 8.35 21.20 -33.49
C PHE B 473 9.29 21.59 -34.63
N ASP B 474 9.05 21.04 -35.82
CA ASP B 474 9.88 21.37 -36.97
C ASP B 474 9.46 22.68 -37.60
N LYS B 475 8.16 22.91 -37.72
CA LYS B 475 7.62 24.05 -38.45
C LYS B 475 7.77 25.38 -37.70
N SER B 476 7.59 25.35 -36.38
CA SER B 476 7.65 26.57 -35.58
C SER B 476 9.10 26.95 -35.26
N ILE B 477 9.40 28.25 -35.31
CA ILE B 477 10.72 28.73 -34.97
C ILE B 477 10.94 28.74 -33.46
N TYR B 478 9.84 28.62 -32.71
CA TYR B 478 9.87 28.67 -31.25
C TYR B 478 10.03 27.28 -30.64
N ALA B 479 10.75 26.41 -31.33
CA ALA B 479 11.04 25.09 -30.82
C ALA B 479 12.39 25.09 -30.10
N SER B 480 13.45 25.49 -30.81
CA SER B 480 14.80 25.45 -30.26
C SER B 480 15.26 26.82 -29.73
N ARG B 481 16.46 26.84 -29.16
CA ARG B 481 17.09 28.10 -28.75
C ARG B 481 17.95 28.60 -29.91
N GLU B 482 18.47 27.66 -30.68
CA GLU B 482 19.32 27.98 -31.83
C GLU B 482 18.55 28.69 -32.92
N ARG B 483 17.36 28.20 -33.23
CA ARG B 483 16.59 28.71 -34.36
C ARG B 483 16.03 30.12 -34.12
N PHE B 484 15.84 30.47 -32.86
CA PHE B 484 15.35 31.80 -32.49
C PHE B 484 16.31 32.89 -32.98
N GLU B 485 17.59 32.73 -32.63
CA GLU B 485 18.62 33.67 -33.07
C GLU B 485 19.35 33.16 -34.31
N GLU B 486 18.78 32.16 -34.97
CA GLU B 486 19.35 31.64 -36.21
C GLU B 486 19.08 32.62 -37.35
N PHE B 487 17.81 33.03 -37.45
CA PHE B 487 17.41 34.06 -38.40
C PHE B 487 16.94 35.30 -37.65
N MET B 488 17.80 35.80 -36.77
CA MET B 488 17.54 37.06 -36.07
C MET B 488 17.94 38.23 -36.97
N LYS B 489 18.43 37.91 -38.17
CA LYS B 489 18.86 38.91 -39.14
C LYS B 489 17.71 39.70 -39.75
N ASN B 490 16.55 39.07 -39.91
CA ASN B 490 15.45 39.73 -40.61
C ASN B 490 14.03 39.30 -40.20
N PRO B 491 13.06 40.22 -40.37
CA PRO B 491 11.59 40.07 -40.29
C PRO B 491 10.98 39.08 -41.30
N ASP B 492 10.90 37.81 -40.96
CA ASP B 492 10.09 36.88 -41.73
C ASP B 492 8.66 36.98 -41.21
N ARG B 493 8.06 38.16 -41.41
CA ARG B 493 6.76 38.50 -40.82
C ARG B 493 5.63 37.61 -41.32
N ASP B 494 5.64 37.31 -42.62
CA ASP B 494 4.64 36.43 -43.21
C ASP B 494 4.78 35.01 -42.66
N ARG B 495 5.91 34.74 -42.01
CA ARG B 495 6.15 33.45 -41.37
C ARG B 495 5.96 33.54 -39.86
N LEU B 496 6.30 34.70 -39.30
CA LEU B 496 6.17 34.92 -37.86
C LEU B 496 4.70 35.04 -37.46
N LEU B 497 3.90 35.64 -38.34
CA LEU B 497 2.49 35.89 -38.04
C LEU B 497 1.64 34.62 -38.05
N ARG B 498 2.02 33.65 -38.87
CA ARG B 498 1.18 32.48 -39.12
C ARG B 498 1.66 31.19 -38.44
N ASP B 499 2.64 31.32 -37.55
CA ASP B 499 3.21 30.17 -36.82
C ASP B 499 2.12 29.42 -36.05
N PRO B 500 1.98 28.11 -36.31
CA PRO B 500 1.02 27.25 -35.60
C PRO B 500 1.21 27.22 -34.08
N MET B 501 2.45 27.38 -33.63
CA MET B 501 2.78 27.35 -32.20
C MET B 501 2.08 28.46 -31.43
N SER B 502 2.25 29.69 -31.89
CA SER B 502 1.61 30.84 -31.28
C SER B 502 0.16 30.93 -31.76
N ARG B 503 -0.22 30.03 -32.66
CA ARG B 503 -1.61 29.89 -33.06
C ARG B 503 -2.31 28.95 -32.08
N PHE B 504 -1.70 27.81 -31.78
CA PHE B 504 -2.21 26.88 -30.76
C PHE B 504 -2.33 27.58 -29.40
N ALA B 505 -1.40 28.49 -29.13
CA ALA B 505 -1.37 29.21 -27.87
C ALA B 505 -2.49 30.22 -27.73
N ALA B 506 -2.60 31.11 -28.71
CA ALA B 506 -3.71 32.06 -28.77
C ALA B 506 -5.05 31.35 -28.94
N SER B 507 -5.02 30.16 -29.53
CA SER B 507 -6.24 29.37 -29.74
C SER B 507 -6.88 28.85 -28.45
N VAL B 508 -6.13 28.03 -27.70
CA VAL B 508 -6.57 27.48 -26.42
C VAL B 508 -6.89 28.61 -25.44
N ALA B 509 -6.25 29.76 -25.65
CA ALA B 509 -6.48 30.95 -24.85
C ALA B 509 -7.73 31.69 -25.32
N TYR B 510 -8.01 31.61 -26.62
CA TYR B 510 -9.21 32.22 -27.17
C TYR B 510 -10.44 31.64 -26.50
N GLU B 511 -10.58 30.32 -26.55
CA GLU B 511 -11.74 29.65 -25.98
C GLU B 511 -11.77 29.77 -24.47
N HIS B 512 -10.60 29.91 -23.85
CA HIS B 512 -10.53 30.11 -22.41
C HIS B 512 -11.26 31.38 -22.01
N GLN B 513 -10.96 32.47 -22.71
CA GLN B 513 -11.60 33.75 -22.44
C GLN B 513 -13.07 33.72 -22.81
N LYS B 514 -13.40 32.99 -23.87
CA LYS B 514 -14.79 32.87 -24.34
C LYS B 514 -15.64 32.07 -23.36
N LEU B 515 -15.07 31.00 -22.83
CA LEU B 515 -15.76 30.20 -21.81
C LEU B 515 -15.96 31.01 -20.54
N ALA B 516 -14.92 31.75 -20.12
CA ALA B 516 -15.03 32.66 -18.99
C ALA B 516 -16.15 33.67 -19.21
N LYS B 517 -16.27 34.17 -20.45
CA LYS B 517 -17.32 35.10 -20.80
C LYS B 517 -18.68 34.42 -20.89
N GLU B 518 -18.72 33.21 -21.44
CA GLU B 518 -19.97 32.51 -21.70
C GLU B 518 -20.60 31.90 -20.44
N VAL B 519 -19.80 31.20 -19.63
CA VAL B 519 -20.32 30.58 -18.42
C VAL B 519 -20.61 31.62 -17.34
N ALA B 520 -20.21 32.86 -17.60
CA ALA B 520 -20.46 33.97 -16.68
C ALA B 520 -21.96 34.21 -16.51
N ALA B 521 -22.74 33.79 -17.51
CA ALA B 521 -24.20 33.90 -17.44
C ALA B 521 -24.75 32.95 -16.38
N PHE B 522 -23.95 31.95 -16.01
CA PHE B 522 -24.31 31.03 -14.93
C PHE B 522 -23.64 31.40 -13.62
N ASP B 523 -22.41 31.87 -13.70
CA ASP B 523 -21.63 32.21 -12.51
C ASP B 523 -22.24 33.40 -11.79
N ALA B 524 -22.74 34.36 -12.55
CA ALA B 524 -23.35 35.57 -11.99
C ALA B 524 -24.58 35.27 -11.09
N PRO B 525 -25.59 34.55 -11.61
CA PRO B 525 -26.73 34.27 -10.73
C PRO B 525 -26.33 33.34 -9.58
N LEU B 526 -25.37 32.46 -9.84
CA LEU B 526 -24.88 31.58 -8.79
C LEU B 526 -24.37 32.41 -7.61
N ALA B 527 -23.50 33.37 -7.91
CA ALA B 527 -22.91 34.22 -6.86
C ALA B 527 -23.96 35.05 -6.13
N ALA B 528 -24.90 35.62 -6.88
CA ALA B 528 -26.02 36.35 -6.29
C ALA B 528 -26.82 35.45 -5.32
N ALA B 529 -27.19 34.26 -5.78
CA ALA B 529 -27.95 33.31 -4.96
C ALA B 529 -27.14 32.77 -3.76
N GLN B 530 -25.86 32.52 -3.96
CA GLN B 530 -25.01 32.08 -2.85
C GLN B 530 -24.98 33.15 -1.78
N ARG B 531 -24.86 34.40 -2.21
CA ARG B 531 -24.84 35.54 -1.29
C ARG B 531 -26.12 35.56 -0.49
N SER B 532 -27.23 35.37 -1.18
CA SER B 532 -28.54 35.32 -0.56
C SER B 532 -28.63 34.18 0.42
N TYR B 533 -28.19 33.00 0.01
CA TYR B 533 -28.24 31.82 0.88
C TYR B 533 -27.38 32.01 2.12
N VAL B 534 -26.16 32.50 1.95
CA VAL B 534 -25.27 32.67 3.09
C VAL B 534 -25.77 33.79 4.01
N ALA B 535 -26.42 34.81 3.43
CA ALA B 535 -27.04 35.83 4.28
C ALA B 535 -28.04 35.17 5.23
N SER B 536 -28.81 34.22 4.72
CA SER B 536 -29.77 33.51 5.56
C SER B 536 -29.05 32.69 6.63
N VAL B 537 -27.97 32.00 6.26
CA VAL B 537 -27.18 31.26 7.24
C VAL B 537 -26.67 32.24 8.29
N LEU B 538 -26.35 33.46 7.86
CA LEU B 538 -25.83 34.48 8.77
C LEU B 538 -26.91 35.00 9.72
N ASP B 539 -28.13 35.19 9.23
CA ASP B 539 -29.23 35.62 10.09
C ASP B 539 -29.58 34.51 11.07
N MET B 540 -29.44 33.26 10.64
CA MET B 540 -29.76 32.12 11.49
C MET B 540 -28.70 31.88 12.57
N LYS B 541 -27.43 31.80 12.17
CA LYS B 541 -26.32 31.59 13.10
C LYS B 541 -25.79 32.94 13.61
N GLY B 542 -25.10 32.96 14.73
CA GLY B 542 -24.51 34.24 15.12
C GLY B 542 -23.35 34.58 14.20
N GLN B 543 -23.32 35.79 13.61
CA GLN B 543 -22.14 36.17 12.82
C GLN B 543 -20.87 36.03 13.66
N PRO B 544 -20.87 36.54 14.91
CA PRO B 544 -19.71 36.23 15.76
C PRO B 544 -19.46 34.74 15.96
N ASN B 545 -20.46 33.89 15.74
CA ASN B 545 -20.33 32.46 15.97
C ASN B 545 -20.06 31.65 14.70
N LEU B 546 -20.02 32.31 13.55
CA LEU B 546 -19.88 31.61 12.29
C LEU B 546 -18.58 31.94 11.57
N ALA B 547 -17.71 30.94 11.42
CA ALA B 547 -16.48 31.15 10.66
C ALA B 547 -16.77 31.19 9.16
N PRO B 548 -16.16 32.14 8.43
CA PRO B 548 -16.41 32.18 7.00
C PRO B 548 -15.50 31.22 6.24
N ASP B 549 -15.78 31.00 4.96
CA ASP B 549 -14.88 30.24 4.12
C ASP B 549 -13.49 30.87 4.11
N ALA B 550 -12.47 30.04 3.94
CA ALA B 550 -11.12 30.54 3.73
C ALA B 550 -11.02 31.37 2.45
N ASN B 551 -10.24 32.44 2.48
CA ASN B 551 -10.07 33.26 1.28
C ASN B 551 -8.68 33.91 1.25
N LEU B 552 -7.70 33.15 1.71
CA LEU B 552 -6.30 33.54 1.67
C LEU B 552 -6.04 34.81 2.51
N THR B 553 -6.77 34.93 3.63
CA THR B 553 -6.51 35.97 4.62
C THR B 553 -6.28 35.35 6.00
N LEU B 554 -5.79 36.14 6.94
CA LEU B 554 -5.26 35.61 8.20
C LEU B 554 -6.35 35.04 9.12
N ARG B 555 -6.23 33.76 9.46
CA ARG B 555 -7.19 33.11 10.35
C ARG B 555 -6.48 32.37 11.48
N PHE B 556 -7.23 32.07 12.53
CA PHE B 556 -6.74 31.14 13.54
C PHE B 556 -7.66 29.91 13.66
N THR B 557 -7.05 28.77 13.92
CA THR B 557 -7.78 27.58 14.29
C THR B 557 -7.11 27.00 15.53
N TYR B 558 -7.88 26.29 16.33
CA TYR B 558 -7.34 25.68 17.54
C TYR B 558 -7.86 24.26 17.71
N GLY B 559 -7.12 23.47 18.49
CA GLY B 559 -7.48 22.09 18.73
C GLY B 559 -6.52 21.47 19.73
N GLU B 560 -6.24 20.19 19.54
CA GLU B 560 -5.39 19.49 20.47
C GLU B 560 -4.59 18.47 19.72
N ILE B 561 -3.46 18.11 20.31
CA ILE B 561 -2.57 17.12 19.73
C ILE B 561 -3.18 15.75 19.95
N LYS B 562 -3.42 15.03 18.85
CA LYS B 562 -4.27 13.83 18.90
C LYS B 562 -4.18 13.06 17.60
N GLY B 563 -3.89 11.76 17.71
CA GLY B 563 -4.00 10.87 16.58
C GLY B 563 -5.46 10.52 16.35
N TYR B 564 -5.70 9.36 15.74
CA TYR B 564 -7.05 8.95 15.37
C TYR B 564 -7.05 7.48 14.97
N GLN B 565 -8.23 6.95 14.73
CA GLN B 565 -8.42 5.57 14.27
C GLN B 565 -8.82 5.52 12.80
N PRO B 566 -7.86 5.24 11.90
CA PRO B 566 -8.15 5.33 10.47
C PRO B 566 -9.13 4.27 9.96
N ARG B 567 -9.15 3.09 10.60
CA ARG B 567 -9.89 1.95 10.06
C ARG B 567 -9.93 0.85 11.13
N ASP B 568 -10.79 -0.14 10.94
CA ASP B 568 -10.90 -1.27 11.85
C ASP B 568 -9.50 -1.84 12.20
N VAL B 569 -9.29 -2.08 13.50
CA VAL B 569 -8.09 -2.70 14.10
C VAL B 569 -6.94 -1.72 14.26
N VAL B 570 -7.04 -0.57 13.62
CA VAL B 570 -5.89 0.31 13.52
C VAL B 570 -6.03 1.62 14.31
N THR B 571 -4.96 1.97 15.01
CA THR B 571 -4.86 3.24 15.73
C THR B 571 -3.59 3.97 15.32
N TYR B 572 -3.73 5.24 14.95
CA TYR B 572 -2.55 6.09 14.74
C TYR B 572 -2.33 7.00 15.95
N GLY B 573 -1.11 6.96 16.51
CA GLY B 573 -0.72 7.86 17.59
C GLY B 573 -0.54 9.29 17.10
N ALA B 574 -0.29 10.23 18.01
CA ALA B 574 -0.20 11.64 17.64
C ALA B 574 1.23 12.12 17.31
N LYS B 575 2.25 11.28 17.58
CA LYS B 575 3.65 11.72 17.46
C LYS B 575 4.47 10.69 16.67
N SER B 576 5.27 11.16 15.71
CA SER B 576 6.18 10.28 14.99
C SER B 576 7.63 10.55 15.40
N THR B 577 8.50 9.57 15.17
CA THR B 577 9.86 9.63 15.65
C THR B 577 10.85 9.24 14.56
N LEU B 578 12.13 9.46 14.83
CA LEU B 578 13.17 9.24 13.85
C LEU B 578 13.25 7.77 13.45
N GLU B 579 12.91 6.88 14.39
CA GLU B 579 12.79 5.46 14.12
C GLU B 579 11.92 5.19 12.88
N GLY B 580 10.86 5.97 12.72
CA GLY B 580 9.98 5.84 11.57
C GLY B 580 10.65 6.21 10.25
N VAL B 581 11.56 7.17 10.28
CA VAL B 581 12.37 7.45 9.09
C VAL B 581 13.21 6.22 8.73
N MET B 582 13.92 5.67 9.71
CA MET B 582 14.82 4.54 9.49
C MET B 582 14.06 3.28 9.04
N GLU B 583 12.81 3.11 9.50
CA GLU B 583 11.99 1.98 9.06
C GLU B 583 11.62 2.11 7.59
N LYS B 584 11.57 3.33 7.10
CA LYS B 584 11.17 3.58 5.72
C LYS B 584 12.34 3.60 4.74
N GLU B 585 13.56 3.74 5.27
CA GLU B 585 14.74 3.89 4.42
C GLU B 585 14.83 2.84 3.32
N ASP B 586 15.04 3.31 2.10
CA ASP B 586 15.23 2.46 0.95
C ASP B 586 16.10 3.19 -0.08
N PRO B 587 17.41 2.90 -0.09
CA PRO B 587 18.39 3.53 -0.99
C PRO B 587 17.99 3.49 -2.47
N ASN B 588 17.21 2.49 -2.86
CA ASN B 588 16.81 2.34 -4.25
C ASN B 588 15.53 3.11 -4.62
N ASN B 589 14.88 3.70 -3.62
CA ASN B 589 13.69 4.48 -3.87
C ASN B 589 13.98 5.93 -3.51
N TRP B 590 14.00 6.78 -4.53
CA TRP B 590 14.42 8.17 -4.41
C TRP B 590 13.81 8.88 -3.21
N GLU B 591 12.52 8.69 -2.98
CA GLU B 591 11.81 9.44 -1.94
C GLU B 591 12.19 9.00 -0.54
N TYR B 592 12.75 7.81 -0.41
CA TYR B 592 12.99 7.25 0.90
C TYR B 592 14.48 7.09 1.18
N VAL B 593 15.29 7.77 0.39
CA VAL B 593 16.70 7.91 0.66
C VAL B 593 16.92 8.66 1.98
N VAL B 594 17.80 8.14 2.82
CA VAL B 594 18.12 8.77 4.09
C VAL B 594 19.55 9.26 4.05
N ASP B 595 19.76 10.54 4.37
CA ASP B 595 21.11 11.11 4.44
C ASP B 595 21.97 10.30 5.39
N PRO B 596 23.19 9.94 4.94
CA PRO B 596 24.12 9.18 5.80
C PRO B 596 24.38 9.89 7.12
N LYS B 597 24.44 11.22 7.13
CA LYS B 597 24.65 11.96 8.38
C LYS B 597 23.44 11.80 9.33
N LEU B 598 22.23 11.81 8.79
CA LEU B 598 21.05 11.60 9.63
C LEU B 598 21.07 10.18 10.21
N LYS B 599 21.43 9.21 9.39
CA LYS B 599 21.49 7.84 9.88
C LYS B 599 22.55 7.69 10.97
N ALA B 600 23.70 8.34 10.81
CA ALA B 600 24.74 8.20 11.83
C ALA B 600 24.28 8.84 13.14
N LEU B 601 23.53 9.95 13.03
CA LEU B 601 22.96 10.58 14.22
C LEU B 601 22.02 9.59 14.91
N TYR B 602 21.20 8.92 14.12
CA TYR B 602 20.28 7.90 14.63
C TYR B 602 21.03 6.74 15.30
N GLU B 603 22.07 6.24 14.65
CA GLU B 603 22.81 5.10 15.20
C GLU B 603 23.55 5.48 16.48
N ALA B 604 23.99 6.74 16.60
CA ALA B 604 24.69 7.20 17.79
C ALA B 604 23.73 7.68 18.89
N LYS B 605 22.45 7.82 18.55
CA LYS B 605 21.44 8.39 19.46
C LYS B 605 21.87 9.77 19.92
N ASN B 606 22.45 10.53 19.02
CA ASN B 606 23.02 11.84 19.34
C ASN B 606 21.98 12.95 19.19
N TYR B 607 21.09 13.03 20.18
CA TYR B 607 19.87 13.85 20.09
C TYR B 607 19.91 15.03 21.04
N GLY B 608 20.74 14.93 22.06
CA GLY B 608 20.83 15.98 23.06
C GLY B 608 19.50 16.32 23.70
N ARG B 609 19.28 17.61 23.92
CA ARG B 609 18.07 18.09 24.57
C ARG B 609 16.83 18.00 23.68
N TYR B 610 17.00 17.62 22.42
CA TYR B 610 15.89 17.61 21.45
C TYR B 610 15.02 16.33 21.49
N ALA B 611 15.52 15.28 22.15
CA ALA B 611 14.80 14.01 22.23
C ALA B 611 13.55 14.12 23.10
N ASN B 612 12.58 13.23 22.85
CA ASN B 612 11.49 13.02 23.79
C ASN B 612 12.06 12.53 25.11
N SER B 613 11.34 12.75 26.20
CA SER B 613 11.77 12.24 27.49
C SER B 613 11.98 10.72 27.47
N ASP B 614 11.27 9.99 26.61
CA ASP B 614 11.48 8.54 26.53
C ASP B 614 12.73 8.16 25.72
N GLY B 615 13.43 9.15 25.17
CA GLY B 615 14.70 8.87 24.51
C GLY B 615 14.60 8.79 23.01
N SER B 616 13.39 8.68 22.49
CA SER B 616 13.19 8.76 21.05
C SER B 616 13.40 10.19 20.53
N MET B 617 13.70 10.32 19.23
CA MET B 617 13.87 11.62 18.60
C MET B 617 12.59 11.98 17.84
N PRO B 618 11.91 13.05 18.28
CA PRO B 618 10.64 13.45 17.67
C PRO B 618 10.83 13.97 16.24
N VAL B 619 9.84 13.72 15.38
CA VAL B 619 9.91 14.20 14.02
C VAL B 619 8.68 15.06 13.67
N ASN B 620 7.49 14.45 13.59
CA ASN B 620 6.24 15.16 13.32
C ASN B 620 5.21 14.93 14.43
N PHE B 621 4.13 15.72 14.45
CA PHE B 621 2.96 15.32 15.23
C PHE B 621 1.70 15.79 14.50
N CYS B 622 0.53 15.35 14.96
CA CYS B 622 -0.70 15.77 14.31
C CYS B 622 -1.72 16.31 15.31
N ALA B 623 -2.61 17.17 14.83
CA ALA B 623 -3.54 17.91 15.69
C ALA B 623 -4.92 18.08 15.05
N THR B 624 -5.91 18.32 15.90
CA THR B 624 -7.29 18.45 15.46
C THR B 624 -7.64 19.86 14.99
N THR B 625 -6.63 20.63 14.62
CA THR B 625 -6.83 21.94 14.03
C THR B 625 -7.40 21.79 12.63
N HIS B 626 -8.12 22.82 12.19
CA HIS B 626 -8.76 22.86 10.89
C HIS B 626 -7.93 23.69 9.91
N THR B 627 -7.15 23.01 9.06
CA THR B 627 -6.33 23.72 8.07
C THR B 627 -6.74 23.38 6.65
N THR B 628 -6.23 24.14 5.70
CA THR B 628 -6.38 23.79 4.30
C THR B 628 -5.21 24.33 3.49
N GLY B 629 -5.25 24.11 2.19
CA GLY B 629 -4.21 24.60 1.30
C GLY B 629 -3.99 26.08 1.53
N GLY B 630 -2.76 26.45 1.82
CA GLY B 630 -2.41 27.83 2.12
C GLY B 630 -1.85 27.92 3.53
N ASN B 631 -2.16 26.90 4.34
CA ASN B 631 -1.66 26.82 5.71
C ASN B 631 -0.25 26.22 5.83
N ALA B 632 0.31 25.73 4.73
CA ALA B 632 1.71 25.28 4.75
C ALA B 632 2.55 26.36 5.41
N GLY B 633 3.37 25.98 6.39
CA GLY B 633 4.27 26.92 7.05
C GLY B 633 3.67 27.71 8.21
N SER B 634 2.39 27.47 8.51
CA SER B 634 1.75 28.17 9.63
C SER B 634 2.37 27.77 10.96
N PRO B 635 2.57 28.75 11.85
CA PRO B 635 3.08 28.45 13.19
C PRO B 635 2.06 27.67 14.02
N VAL B 636 2.54 26.64 14.73
CA VAL B 636 1.73 25.92 15.70
C VAL B 636 2.23 26.28 17.09
N MET B 637 1.37 26.85 17.91
CA MET B 637 1.81 27.37 19.20
C MET B 637 1.15 26.63 20.35
N ASN B 638 1.77 26.68 21.53
CA ASN B 638 1.20 26.01 22.68
C ASN B 638 0.24 26.93 23.44
N ALA B 639 -0.22 26.47 24.60
CA ALA B 639 -1.15 27.24 25.43
C ALA B 639 -0.59 28.61 25.82
N ARG B 640 0.71 28.79 25.68
CA ARG B 640 1.33 30.06 26.09
C ARG B 640 1.75 30.90 24.91
N GLY B 641 1.34 30.49 23.71
CA GLY B 641 1.68 31.20 22.49
C GLY B 641 3.14 31.05 22.08
N GLU B 642 3.78 29.98 22.53
CA GLU B 642 5.16 29.67 22.13
C GLU B 642 5.15 28.63 21.01
N LEU B 643 6.13 28.73 20.11
CA LEU B 643 6.17 27.85 18.94
C LEU B 643 6.57 26.43 19.30
N ILE B 644 5.76 25.47 18.87
CA ILE B 644 6.04 24.06 19.11
C ILE B 644 6.11 23.28 17.81
N GLY B 645 5.72 23.91 16.71
CA GLY B 645 5.72 23.24 15.43
C GLY B 645 5.41 24.12 14.23
N LEU B 646 5.53 23.54 13.04
CA LEU B 646 5.13 24.22 11.82
C LEU B 646 4.21 23.31 11.05
N ASN B 647 3.05 23.83 10.66
CA ASN B 647 2.12 23.03 9.87
C ASN B 647 2.67 22.84 8.45
N PHE B 648 2.50 21.66 7.86
CA PHE B 648 2.83 21.53 6.43
C PHE B 648 1.87 20.70 5.60
N ASP B 649 0.89 20.04 6.23
CA ASP B 649 -0.03 19.17 5.48
C ASP B 649 -1.25 18.81 6.30
N ARG B 650 -2.16 18.08 5.65
CA ARG B 650 -3.37 17.52 6.26
C ARG B 650 -3.45 16.09 5.73
N ASN B 651 -4.03 15.15 6.49
CA ASN B 651 -4.14 13.78 5.98
C ASN B 651 -5.22 13.67 4.91
N TRP B 652 -5.11 12.66 4.02
CA TRP B 652 -6.05 12.53 2.91
C TRP B 652 -7.46 12.32 3.43
N GLU B 653 -7.61 11.72 4.62
CA GLU B 653 -8.94 11.50 5.19
C GLU B 653 -9.59 12.84 5.53
N GLY B 654 -8.77 13.84 5.81
CA GLY B 654 -9.28 15.16 6.17
C GLY B 654 -9.44 16.11 5.01
N VAL B 655 -9.21 15.64 3.79
CA VAL B 655 -9.36 16.52 2.62
C VAL B 655 -10.78 17.09 2.53
N GLY B 656 -11.76 16.25 2.88
CA GLY B 656 -13.16 16.65 2.78
C GLY B 656 -13.50 17.77 3.76
N GLY B 657 -12.57 18.05 4.66
CA GLY B 657 -12.68 19.20 5.55
C GLY B 657 -12.89 20.54 4.87
N ASP B 658 -12.61 20.63 3.58
CA ASP B 658 -12.87 21.87 2.85
C ASP B 658 -14.38 22.08 2.68
N ILE B 659 -15.14 21.00 2.85
CA ILE B 659 -16.58 21.08 2.68
C ILE B 659 -17.28 20.92 4.03
N GLU B 660 -16.74 20.03 4.85
CA GLU B 660 -17.25 19.82 6.19
C GLU B 660 -16.13 19.28 7.05
N TYR B 661 -15.74 20.03 8.06
CA TYR B 661 -14.70 19.61 8.99
C TYR B 661 -15.07 18.23 9.54
N LEU B 662 -14.10 17.30 9.53
CA LEU B 662 -14.34 15.91 9.90
C LEU B 662 -13.61 15.57 11.20
N PRO B 663 -14.25 15.78 12.35
CA PRO B 663 -13.53 15.69 13.63
C PRO B 663 -12.81 14.35 13.91
N ASN B 664 -13.35 13.23 13.46
CA ASN B 664 -12.73 11.95 13.81
C ASN B 664 -11.65 11.45 12.85
N TYR B 665 -11.43 12.17 11.76
CA TYR B 665 -10.43 11.76 10.78
C TYR B 665 -9.45 12.88 10.43
N GLN B 666 -9.92 14.11 10.45
CA GLN B 666 -9.11 15.22 9.94
C GLN B 666 -8.03 15.64 10.92
N ARG B 667 -6.77 15.60 10.47
CA ARG B 667 -5.66 16.05 11.30
C ARG B 667 -4.69 16.90 10.49
N SER B 668 -4.28 18.05 11.06
CA SER B 668 -3.16 18.79 10.50
C SER B 668 -1.88 18.01 10.74
N ILE B 669 -0.99 18.01 9.76
CA ILE B 669 0.28 17.31 9.89
C ILE B 669 1.39 18.34 10.07
N ILE B 670 2.11 18.18 11.17
CA ILE B 670 2.92 19.25 11.74
C ILE B 670 4.38 18.82 12.04
N LEU B 671 5.31 19.67 11.65
CA LEU B 671 6.72 19.45 11.95
C LEU B 671 7.04 19.83 13.41
N ASP B 672 7.51 18.86 14.20
CA ASP B 672 7.85 19.11 15.60
C ASP B 672 9.02 20.09 15.61
N ILE B 673 8.93 21.15 16.40
CA ILE B 673 9.92 22.23 16.30
C ILE B 673 11.27 21.70 16.79
N ARG B 674 11.25 20.67 17.63
CA ARG B 674 12.45 20.05 18.14
C ARG B 674 13.24 19.38 17.03
N TYR B 675 12.54 18.84 16.03
CA TYR B 675 13.19 18.20 14.88
C TYR B 675 13.83 19.25 14.00
N LEU B 676 13.12 20.36 13.78
CA LEU B 676 13.75 21.48 13.04
C LEU B 676 15.05 21.92 13.74
N LEU B 677 15.01 22.11 15.06
CA LEU B 677 16.18 22.59 15.80
C LEU B 677 17.31 21.58 15.75
N PHE B 678 16.95 20.32 15.93
CA PHE B 678 17.88 19.20 15.82
C PHE B 678 18.59 19.22 14.45
N ILE B 679 17.84 19.47 13.39
CA ILE B 679 18.46 19.51 12.06
C ILE B 679 19.45 20.68 11.93
N ILE B 680 19.08 21.83 12.50
CA ILE B 680 19.97 22.99 12.46
C ILE B 680 21.24 22.70 13.24
N ASP B 681 21.06 22.11 14.42
CA ASP B 681 22.14 21.96 15.39
C ASP B 681 22.98 20.70 15.12
N LYS B 682 22.40 19.53 15.37
CA LYS B 682 23.13 18.27 15.26
C LYS B 682 23.48 17.91 13.81
N PHE B 683 22.56 18.18 12.89
CA PHE B 683 22.80 17.75 11.52
C PHE B 683 23.67 18.74 10.75
N ALA B 684 23.30 20.02 10.76
CA ALA B 684 24.01 21.02 9.98
C ALA B 684 25.11 21.74 10.74
N GLY B 685 25.04 21.75 12.07
CA GLY B 685 26.00 22.48 12.88
C GLY B 685 25.95 23.98 12.73
N CYS B 686 24.80 24.52 12.34
CA CYS B 686 24.68 25.97 12.16
C CYS B 686 24.32 26.64 13.48
N GLN B 687 25.31 26.78 14.36
CA GLN B 687 25.10 27.26 15.73
C GLN B 687 24.56 28.67 15.77
N ARG B 688 24.99 29.47 14.80
CA ARG B 688 24.50 30.81 14.57
C ARG B 688 22.97 30.93 14.69
N LEU B 689 22.24 29.98 14.11
CA LEU B 689 20.78 30.09 14.07
C LEU B 689 20.15 29.62 15.38
N ILE B 690 20.76 28.65 16.05
CA ILE B 690 20.32 28.27 17.38
C ILE B 690 20.45 29.44 18.34
N ASP B 691 21.57 30.16 18.23
CA ASP B 691 21.82 31.30 19.08
C ASP B 691 20.76 32.36 18.81
N GLU B 692 20.37 32.53 17.55
CA GLU B 692 19.40 33.56 17.21
C GLU B 692 17.99 33.16 17.66
N ILE B 693 17.63 31.90 17.46
CA ILE B 693 16.30 31.45 17.79
C ILE B 693 16.08 31.43 19.30
N GLN B 694 17.14 31.10 20.05
CA GLN B 694 17.09 31.03 21.51
C GLN B 694 15.98 30.10 22.02
N PRO B 695 16.03 28.81 21.64
CA PRO B 695 14.95 27.90 22.04
C PRO B 695 14.88 27.77 23.55
N GLN B 696 13.66 27.73 24.09
CA GLN B 696 13.50 27.62 25.53
C GLN B 696 13.40 26.17 25.96
N PHE B 697 14.24 25.79 26.92
CA PHE B 697 14.16 24.48 27.55
C PHE B 697 13.74 24.66 29.01
#